data_5I2G
#
_entry.id   5I2G
#
_cell.length_a   204.333
_cell.length_b   83.249
_cell.length_c   138.256
_cell.angle_alpha   90.000
_cell.angle_beta   129.900
_cell.angle_gamma   90.000
#
_symmetry.space_group_name_H-M   'C 1 2 1'
#
loop_
_entity.id
_entity.type
_entity.pdbx_description
1 polymer 'Diol dehydratase'
2 non-polymer S-1,2-PROPANEDIOL
3 water water
#
_entity_poly.entity_id   1
_entity_poly.type   'polypeptide(L)'
_entity_poly.pdbx_seq_one_letter_code
;MGNYDSTPIAKSDRIKRLVDHLYAKMPEIEAARAELITESFKATEGQPVVMRKARAFEHILKNLPIIIRPEELIVGSTTI
APRGCQTYPEFSYEWLEAEFETVETRSADPFYISEETKKRLLAADAYWKGKTTSELATSYMAPETLRAMKHNFFTPGNYF
YNGVGHVTVQYETVLAIGLNGVKEKVRKEMENCHFGDADYSTKMCFLESILISCDAVITYANRYAKMAEEMAEKETDAAR
RQELLTIARVCKNVPEFPAESFQEACQSFWFIQQVLQIESSGHSISPGRFDQYMYPYYEKDLKEGSLTREYAQELIDCIW
VKLNDLNKCRDAASAEGFAGYSLFQNLIVGGQTVQGRDATNDLSFMCITASEHVFLPMPSLSIRVWHGSSKALLMRAAEL
TRTGIGLPAYYNDEVIIPALVHRGATMDEARNYNIIGCVEPQVPGKTDGWHDAAFFNMCRPLEMVFSNGYDNGEIASIQT
GNVESFQSFDEFMEAYRKQMLYNIELMVNADNAIDYAHAKLAPLPFESCLVDDCIKRGMSAQEGGAIYNFTGPQGFGIAN
VADSLYTIKKLVFEEKRITMGELKKALEMNYGKGLDATTAGDIAMQVAKGLKDAGQEVGPDVIANTIRQVLEMELPEDVR
KRYEEIHEMILELPKYGNDIDEVDELAREAAYFYTRPLETFKNPRGGMYQAGLYPVSANVPLGAQTGATPDGRLAHTPVA
DGVGPTSGFDISGPTASCNSVAKLDHAIASNGTLFNMKMHPTAMAGEKGLESFISLIRGYFDQQGMHMQFNVVDRATLLD
AQAHPEKYSGLIVRVAGYSALFTTLSKSLQDDIIKRTEQADNR
;
_entity_poly.pdbx_strand_id   A,B
#
loop_
_chem_comp.id
_chem_comp.type
_chem_comp.name
_chem_comp.formula
PGO non-polymer S-1,2-PROPANEDIOL 'C3 H8 O2'
#
# COMPACT_ATOMS: atom_id res chain seq x y z
N ASN A 3 3.52 19.50 -16.19
CA ASN A 3 3.53 18.87 -17.51
C ASN A 3 2.13 18.88 -18.13
N TYR A 4 1.44 20.00 -17.98
CA TYR A 4 0.05 20.13 -18.45
C TYR A 4 -0.37 21.58 -18.46
N ASP A 5 -1.40 21.87 -19.25
CA ASP A 5 -2.00 23.19 -19.33
C ASP A 5 -3.34 23.21 -18.61
N SER A 6 -3.41 23.92 -17.50
CA SER A 6 -4.59 23.90 -16.66
C SER A 6 -5.65 24.91 -17.09
N THR A 7 -5.31 25.78 -18.05
CA THR A 7 -6.22 26.86 -18.43
C THR A 7 -7.47 26.31 -19.14
N PRO A 8 -8.65 26.78 -18.72
CA PRO A 8 -9.91 26.28 -19.30
C PRO A 8 -9.97 26.57 -20.78
N ILE A 9 -10.51 25.64 -21.56
CA ILE A 9 -10.68 25.81 -23.01
C ILE A 9 -12.11 26.28 -23.28
N ALA A 10 -12.28 27.15 -24.26
CA ALA A 10 -13.57 27.77 -24.55
C ALA A 10 -14.64 26.79 -25.03
N LYS A 11 -15.89 27.18 -24.83
CA LYS A 11 -17.05 26.35 -25.15
C LYS A 11 -17.60 26.63 -26.54
N SER A 12 -17.93 25.57 -27.28
CA SER A 12 -18.55 25.73 -28.59
C SER A 12 -20.03 26.04 -28.44
N ASP A 13 -20.54 26.91 -29.30
N ASP A 13 -20.54 26.92 -29.30
CA ASP A 13 -21.96 27.25 -29.29
CA ASP A 13 -21.96 27.26 -29.32
C ASP A 13 -22.84 26.05 -29.67
C ASP A 13 -22.83 26.04 -29.65
N ARG A 14 -22.20 25.02 -30.20
CA ARG A 14 -22.88 23.77 -30.52
C ARG A 14 -23.43 23.09 -29.27
N ILE A 15 -22.68 23.18 -28.17
CA ILE A 15 -22.96 22.35 -27.00
C ILE A 15 -24.34 22.60 -26.39
N LYS A 16 -24.71 23.87 -26.26
CA LYS A 16 -26.03 24.23 -25.75
C LYS A 16 -27.15 23.71 -26.66
N ARG A 17 -26.94 23.71 -27.97
CA ARG A 17 -27.98 23.26 -28.90
C ARG A 17 -28.13 21.75 -28.80
N LEU A 18 -27.03 21.05 -28.57
CA LEU A 18 -27.06 19.60 -28.34
C LEU A 18 -27.82 19.28 -27.04
N VAL A 19 -27.54 20.05 -25.99
CA VAL A 19 -28.18 19.82 -24.71
C VAL A 19 -29.67 20.07 -24.81
N ASP A 20 -30.04 21.20 -25.43
CA ASP A 20 -31.45 21.57 -25.53
C ASP A 20 -32.23 20.53 -26.28
N HIS A 21 -31.64 20.01 -27.35
CA HIS A 21 -32.30 19.00 -28.13
C HIS A 21 -32.58 17.72 -27.30
N LEU A 22 -31.68 17.37 -26.37
CA LEU A 22 -31.91 16.15 -25.55
C LEU A 22 -33.18 16.27 -24.72
N TYR A 23 -33.51 17.50 -24.35
CA TYR A 23 -34.56 17.76 -23.39
C TYR A 23 -35.81 18.37 -23.99
N ALA A 24 -35.88 18.45 -25.31
CA ALA A 24 -37.03 19.07 -25.97
C ALA A 24 -38.32 18.30 -25.67
N LYS A 25 -38.22 16.97 -25.59
CA LYS A 25 -39.37 16.10 -25.29
C LYS A 25 -39.12 15.20 -24.11
N MET A 26 -40.21 14.70 -23.54
CA MET A 26 -40.16 13.71 -22.48
C MET A 26 -39.41 12.45 -22.91
N PRO A 27 -38.70 11.80 -21.97
CA PRO A 27 -38.15 10.44 -22.19
C PRO A 27 -39.24 9.49 -22.66
N GLU A 28 -38.89 8.60 -23.58
CA GLU A 28 -39.86 7.71 -24.20
C GLU A 28 -39.37 6.26 -24.27
N ILE A 29 -40.25 5.34 -23.94
CA ILE A 29 -39.96 3.92 -24.05
C ILE A 29 -40.19 3.45 -25.50
N GLU A 30 -39.22 2.71 -26.06
CA GLU A 30 -39.35 2.17 -27.40
C GLU A 30 -39.30 0.63 -27.38
N ALA A 31 -39.84 -0.01 -28.41
CA ALA A 31 -40.07 -1.46 -28.39
C ALA A 31 -39.17 -2.23 -29.36
N ALA A 32 -38.35 -1.51 -30.13
CA ALA A 32 -37.54 -2.13 -31.18
C ALA A 32 -36.61 -3.24 -30.66
N ARG A 33 -35.98 -3.00 -29.51
CA ARG A 33 -35.06 -3.98 -28.95
C ARG A 33 -35.81 -5.25 -28.55
N ALA A 34 -36.91 -5.07 -27.82
CA ALA A 34 -37.73 -6.21 -27.41
C ALA A 34 -38.19 -7.03 -28.60
N GLU A 35 -38.57 -6.38 -29.68
CA GLU A 35 -39.03 -7.11 -30.86
C GLU A 35 -37.89 -7.90 -31.47
N LEU A 36 -36.72 -7.28 -31.55
CA LEU A 36 -35.57 -7.92 -32.18
C LEU A 36 -35.00 -9.06 -31.34
N ILE A 37 -34.93 -8.91 -30.01
CA ILE A 37 -34.38 -9.97 -29.18
C ILE A 37 -35.33 -11.19 -29.25
N THR A 38 -36.63 -10.94 -29.30
CA THR A 38 -37.60 -12.02 -29.37
C THR A 38 -37.52 -12.76 -30.70
N GLU A 39 -37.54 -12.00 -31.79
CA GLU A 39 -37.32 -12.52 -33.13
C GLU A 39 -36.10 -13.46 -33.20
N SER A 40 -34.96 -12.99 -32.70
CA SER A 40 -33.73 -13.77 -32.74
C SER A 40 -33.82 -15.05 -31.91
N PHE A 41 -34.28 -14.94 -30.66
CA PHE A 41 -34.36 -16.10 -29.77
C PHE A 41 -35.32 -17.18 -30.28
N LYS A 42 -36.42 -16.74 -30.91
CA LYS A 42 -37.33 -17.66 -31.56
C LYS A 42 -36.61 -18.50 -32.61
N ALA A 43 -35.66 -17.88 -33.32
CA ALA A 43 -34.94 -18.55 -34.40
C ALA A 43 -33.75 -19.40 -33.93
N THR A 44 -33.38 -19.33 -32.65
CA THR A 44 -32.16 -20.02 -32.21
C THR A 44 -32.41 -21.01 -31.07
N GLU A 45 -33.68 -21.28 -30.79
CA GLU A 45 -34.06 -22.33 -29.84
C GLU A 45 -33.35 -23.62 -30.17
N GLY A 46 -32.84 -24.29 -29.13
CA GLY A 46 -32.06 -25.49 -29.29
C GLY A 46 -30.56 -25.30 -29.13
N GLN A 47 -30.10 -24.06 -29.31
CA GLN A 47 -28.68 -23.73 -29.22
C GLN A 47 -28.24 -23.33 -27.79
N PRO A 48 -26.92 -23.36 -27.51
CA PRO A 48 -26.48 -22.95 -26.17
C PRO A 48 -26.81 -21.49 -25.88
N VAL A 49 -27.08 -21.18 -24.61
CA VAL A 49 -27.51 -19.84 -24.22
C VAL A 49 -26.57 -18.73 -24.72
N VAL A 50 -25.28 -18.91 -24.48
CA VAL A 50 -24.32 -17.84 -24.79
C VAL A 50 -24.29 -17.59 -26.29
N MET A 51 -24.52 -18.64 -27.07
CA MET A 51 -24.62 -18.53 -28.52
C MET A 51 -25.92 -17.81 -28.91
N ARG A 52 -27.04 -18.14 -28.27
CA ARG A 52 -28.27 -17.39 -28.53
C ARG A 52 -28.16 -15.89 -28.15
N LYS A 53 -27.43 -15.59 -27.06
CA LYS A 53 -27.23 -14.20 -26.63
C LYS A 53 -26.39 -13.41 -27.65
N ALA A 54 -25.34 -14.04 -28.17
CA ALA A 54 -24.53 -13.45 -29.23
C ALA A 54 -25.36 -13.25 -30.48
N ARG A 55 -26.15 -14.26 -30.85
CA ARG A 55 -26.97 -14.13 -32.06
C ARG A 55 -27.98 -12.98 -31.92
N ALA A 56 -28.55 -12.84 -30.73
CA ALA A 56 -29.52 -11.77 -30.47
C ALA A 56 -28.84 -10.39 -30.47
N PHE A 57 -27.67 -10.29 -29.85
CA PHE A 57 -26.87 -9.06 -29.92
C PHE A 57 -26.62 -8.70 -31.38
N GLU A 58 -26.27 -9.70 -32.18
CA GLU A 58 -26.07 -9.50 -33.60
C GLU A 58 -27.33 -8.96 -34.28
N HIS A 59 -28.46 -9.65 -34.09
CA HIS A 59 -29.73 -9.24 -34.70
C HIS A 59 -30.17 -7.83 -34.25
N ILE A 60 -29.96 -7.51 -32.98
CA ILE A 60 -30.33 -6.21 -32.44
C ILE A 60 -29.51 -5.13 -33.13
N LEU A 61 -28.19 -5.28 -33.09
CA LEU A 61 -27.32 -4.27 -33.66
C LEU A 61 -27.45 -4.16 -35.20
N LYS A 62 -27.83 -5.23 -35.88
CA LYS A 62 -28.02 -5.12 -37.33
C LYS A 62 -29.28 -4.34 -37.67
N ASN A 63 -30.31 -4.42 -36.83
CA ASN A 63 -31.61 -3.86 -37.20
C ASN A 63 -32.19 -2.75 -36.34
N LEU A 64 -31.57 -2.44 -35.21
CA LEU A 64 -32.08 -1.39 -34.35
C LEU A 64 -32.07 -0.07 -35.14
N PRO A 65 -33.19 0.67 -35.10
CA PRO A 65 -33.18 1.99 -35.75
C PRO A 65 -32.04 2.84 -35.19
N ILE A 66 -31.33 3.51 -36.09
CA ILE A 66 -30.26 4.40 -35.68
C ILE A 66 -30.56 5.81 -36.13
N ILE A 67 -29.95 6.78 -35.46
CA ILE A 67 -30.14 8.17 -35.81
C ILE A 67 -28.88 8.94 -35.48
N ILE A 68 -28.53 9.89 -36.34
CA ILE A 68 -27.55 10.89 -35.99
C ILE A 68 -28.30 12.18 -35.66
N ARG A 69 -28.20 12.64 -34.42
CA ARG A 69 -28.88 13.87 -33.99
C ARG A 69 -28.17 15.12 -34.54
N PRO A 70 -28.90 16.23 -34.70
CA PRO A 70 -28.36 17.49 -35.25
C PRO A 70 -27.04 17.90 -34.61
N GLU A 71 -26.03 18.11 -35.44
CA GLU A 71 -24.73 18.65 -35.03
C GLU A 71 -23.88 17.72 -34.15
N GLU A 72 -24.30 16.46 -33.98
CA GLU A 72 -23.44 15.51 -33.28
C GLU A 72 -22.10 15.31 -33.97
N LEU A 73 -21.04 15.39 -33.17
CA LEU A 73 -19.69 15.03 -33.61
C LEU A 73 -19.43 13.57 -33.32
N ILE A 74 -19.92 13.13 -32.17
CA ILE A 74 -19.81 11.75 -31.75
C ILE A 74 -21.20 11.14 -31.89
N VAL A 75 -21.30 10.06 -32.64
CA VAL A 75 -22.60 9.46 -32.93
C VAL A 75 -22.80 8.08 -32.28
N GLY A 76 -24.06 7.70 -32.12
CA GLY A 76 -24.43 6.46 -31.50
C GLY A 76 -25.60 6.68 -30.56
N SER A 77 -26.81 6.45 -31.07
CA SER A 77 -28.00 6.60 -30.23
C SER A 77 -28.72 5.26 -30.14
N THR A 78 -29.29 5.00 -28.97
CA THR A 78 -29.92 3.72 -28.68
C THR A 78 -31.41 3.79 -28.98
N THR A 79 -31.97 4.98 -28.79
CA THR A 79 -33.37 5.25 -29.13
C THR A 79 -33.48 6.40 -30.12
N ILE A 80 -34.58 6.42 -30.87
CA ILE A 80 -34.90 7.55 -31.73
C ILE A 80 -35.15 8.79 -30.88
N ALA A 81 -35.94 8.63 -29.82
CA ALA A 81 -36.19 9.73 -28.89
C ALA A 81 -35.00 9.98 -27.97
N PRO A 82 -34.52 11.23 -27.93
CA PRO A 82 -33.46 11.58 -26.97
C PRO A 82 -33.86 11.20 -25.53
N ARG A 83 -32.91 10.62 -24.78
CA ARG A 83 -33.12 10.20 -23.39
CA ARG A 83 -33.11 10.20 -23.39
C ARG A 83 -34.20 9.14 -23.24
N GLY A 84 -34.46 8.41 -24.32
CA GLY A 84 -35.40 7.30 -24.25
C GLY A 84 -34.70 6.05 -23.74
N CYS A 85 -35.43 4.96 -23.69
CA CYS A 85 -34.82 3.68 -23.37
C CYS A 85 -35.43 2.61 -24.24
N GLN A 86 -34.69 1.55 -24.46
CA GLN A 86 -35.29 0.31 -24.94
C GLN A 86 -35.78 -0.49 -23.74
N THR A 87 -36.30 -1.68 -23.97
CA THR A 87 -36.71 -2.57 -22.88
C THR A 87 -35.93 -3.90 -22.94
N TYR A 88 -35.97 -4.64 -21.84
CA TYR A 88 -35.07 -5.77 -21.64
C TYR A 88 -35.87 -6.91 -21.04
N PRO A 89 -36.74 -7.52 -21.85
CA PRO A 89 -37.64 -8.54 -21.33
C PRO A 89 -36.90 -9.83 -20.89
N GLU A 90 -35.62 -9.98 -21.24
CA GLU A 90 -34.91 -11.19 -20.85
C GLU A 90 -34.69 -11.23 -19.33
N PHE A 91 -34.78 -10.07 -18.68
CA PHE A 91 -34.67 -10.01 -17.22
C PHE A 91 -36.03 -9.96 -16.52
N SER A 92 -36.90 -9.08 -16.99
CA SER A 92 -38.24 -8.90 -16.42
C SER A 92 -39.03 -7.99 -17.36
N TYR A 93 -40.36 -8.03 -17.28
CA TYR A 93 -41.20 -7.17 -18.12
C TYR A 93 -42.61 -6.97 -17.54
N GLU A 94 -43.05 -7.87 -16.66
CA GLU A 94 -44.41 -7.79 -16.12
C GLU A 94 -44.62 -6.47 -15.38
N TRP A 95 -43.56 -5.94 -14.77
CA TRP A 95 -43.68 -4.69 -14.03
C TRP A 95 -44.03 -3.54 -14.98
N LEU A 96 -43.53 -3.63 -16.20
CA LEU A 96 -43.70 -2.56 -17.19
C LEU A 96 -45.11 -2.60 -17.76
N GLU A 97 -45.55 -3.79 -18.12
CA GLU A 97 -46.92 -3.99 -18.60
C GLU A 97 -47.91 -3.48 -17.58
N ALA A 98 -47.63 -3.72 -16.30
CA ALA A 98 -48.47 -3.22 -15.22
C ALA A 98 -48.52 -1.69 -15.15
N GLU A 99 -47.48 -1.02 -15.63
CA GLU A 99 -47.40 0.42 -15.48
C GLU A 99 -47.69 1.18 -16.76
N PHE A 100 -48.11 0.45 -17.79
CA PHE A 100 -48.47 1.05 -19.08
C PHE A 100 -49.29 2.34 -18.99
N GLU A 101 -50.24 2.42 -18.06
CA GLU A 101 -51.17 3.54 -18.03
C GLU A 101 -50.75 4.61 -17.03
N THR A 102 -49.67 4.36 -16.31
CA THR A 102 -49.31 5.24 -15.22
C THR A 102 -47.91 5.83 -15.36
N VAL A 103 -47.06 5.14 -16.12
CA VAL A 103 -45.64 5.47 -16.18
C VAL A 103 -45.41 6.90 -16.71
N GLU A 104 -46.32 7.39 -17.54
CA GLU A 104 -46.17 8.73 -18.07
C GLU A 104 -46.35 9.85 -17.01
N THR A 105 -47.11 9.56 -15.96
CA THR A 105 -47.45 10.59 -14.97
C THR A 105 -47.02 10.23 -13.54
N ARG A 106 -46.21 9.19 -13.39
CA ARG A 106 -45.77 8.73 -12.08
C ARG A 106 -44.76 9.73 -11.47
N SER A 107 -44.57 9.68 -10.17
CA SER A 107 -43.78 10.72 -9.47
C SER A 107 -42.28 10.63 -9.66
N ALA A 108 -41.74 9.41 -9.81
CA ALA A 108 -40.31 9.29 -10.03
C ALA A 108 -40.00 8.78 -11.45
N ASP A 109 -39.28 9.60 -12.20
CA ASP A 109 -38.76 9.22 -13.51
C ASP A 109 -39.84 8.75 -14.47
N PRO A 110 -40.81 9.64 -14.77
CA PRO A 110 -41.85 9.22 -15.73
C PRO A 110 -41.28 9.06 -17.14
N PHE A 111 -41.90 8.18 -17.91
CA PHE A 111 -41.54 7.95 -19.31
C PHE A 111 -42.81 8.03 -20.14
N TYR A 112 -42.73 8.60 -21.33
CA TYR A 112 -43.85 8.53 -22.26
C TYR A 112 -43.83 7.19 -22.98
N ILE A 113 -45.00 6.61 -23.19
CA ILE A 113 -45.13 5.41 -24.00
C ILE A 113 -46.40 5.50 -24.86
N SER A 114 -46.21 5.39 -26.16
CA SER A 114 -47.32 5.44 -27.10
C SER A 114 -48.17 4.16 -27.05
N GLU A 115 -49.41 4.27 -27.51
CA GLU A 115 -50.31 3.14 -27.63
C GLU A 115 -49.72 2.06 -28.54
N GLU A 116 -49.12 2.48 -29.65
CA GLU A 116 -48.55 1.52 -30.58
C GLU A 116 -47.38 0.75 -29.94
N THR A 117 -46.61 1.42 -29.08
CA THR A 117 -45.49 0.77 -28.42
C THR A 117 -46.01 -0.25 -27.41
N LYS A 118 -47.08 0.09 -26.71
CA LYS A 118 -47.71 -0.82 -25.76
C LYS A 118 -48.09 -2.11 -26.44
N LYS A 119 -48.74 -2.01 -27.60
CA LYS A 119 -49.17 -3.18 -28.34
C LYS A 119 -47.95 -4.01 -28.75
N ARG A 120 -46.94 -3.35 -29.29
CA ARG A 120 -45.74 -4.05 -29.76
C ARG A 120 -45.03 -4.76 -28.62
N LEU A 121 -44.97 -4.12 -27.45
CA LEU A 121 -44.36 -4.73 -26.27
C LEU A 121 -45.14 -5.94 -25.79
N LEU A 122 -46.47 -5.84 -25.74
CA LEU A 122 -47.31 -6.95 -25.32
C LEU A 122 -47.02 -8.17 -26.18
N ALA A 123 -46.90 -7.93 -27.47
CA ALA A 123 -46.68 -9.00 -28.43
C ALA A 123 -45.29 -9.63 -28.26
N ALA A 124 -44.27 -8.81 -28.08
CA ALA A 124 -42.90 -9.33 -27.97
C ALA A 124 -42.66 -9.95 -26.59
N ASP A 125 -43.27 -9.40 -25.55
CA ASP A 125 -43.02 -9.86 -24.19
C ASP A 125 -43.51 -11.28 -23.97
N ALA A 126 -44.62 -11.62 -24.62
CA ALA A 126 -45.32 -12.88 -24.37
C ALA A 126 -44.39 -14.10 -24.53
N TYR A 127 -43.44 -14.00 -25.43
CA TYR A 127 -42.44 -15.05 -25.60
C TYR A 127 -41.59 -15.30 -24.34
N TRP A 128 -41.44 -14.28 -23.51
CA TRP A 128 -40.48 -14.32 -22.40
C TRP A 128 -41.06 -14.80 -21.08
N LYS A 129 -42.36 -15.08 -21.05
CA LYS A 129 -42.98 -15.62 -19.86
C LYS A 129 -42.32 -16.96 -19.52
N GLY A 130 -41.83 -17.10 -18.30
CA GLY A 130 -41.11 -18.29 -17.89
C GLY A 130 -39.67 -18.40 -18.37
N LYS A 131 -39.19 -17.41 -19.11
CA LYS A 131 -37.83 -17.42 -19.66
C LYS A 131 -36.88 -16.38 -19.01
N THR A 132 -37.42 -15.54 -18.14
CA THR A 132 -36.66 -14.41 -17.63
C THR A 132 -35.71 -14.81 -16.52
N THR A 133 -34.66 -14.02 -16.31
CA THR A 133 -33.79 -14.24 -15.17
C THR A 133 -34.51 -14.03 -13.84
N SER A 134 -35.42 -13.04 -13.79
CA SER A 134 -36.13 -12.76 -12.54
C SER A 134 -36.93 -13.99 -12.06
N GLU A 135 -37.59 -14.68 -12.96
CA GLU A 135 -38.34 -15.88 -12.60
C GLU A 135 -37.45 -17.02 -12.07
N LEU A 136 -36.35 -17.31 -12.75
CA LEU A 136 -35.41 -18.31 -12.25
C LEU A 136 -34.82 -17.86 -10.90
N ALA A 137 -34.53 -16.58 -10.76
CA ALA A 137 -33.95 -16.11 -9.51
C ALA A 137 -34.92 -16.35 -8.36
N THR A 138 -36.18 -16.02 -8.60
CA THR A 138 -37.24 -16.23 -7.62
C THR A 138 -37.28 -17.67 -7.13
N SER A 139 -37.24 -18.61 -8.08
N SER A 139 -37.25 -18.60 -8.09
CA SER A 139 -37.32 -20.03 -7.75
CA SER A 139 -37.32 -20.02 -7.76
C SER A 139 -36.09 -20.54 -6.99
C SER A 139 -36.11 -20.51 -6.94
N TYR A 140 -35.00 -19.78 -7.01
CA TYR A 140 -33.77 -20.19 -6.33
C TYR A 140 -33.67 -19.63 -4.91
N MET A 141 -34.59 -18.74 -4.55
CA MET A 141 -34.60 -18.14 -3.22
C MET A 141 -35.32 -18.98 -2.15
N ALA A 142 -34.73 -19.07 -0.96
CA ALA A 142 -35.40 -19.71 0.19
C ALA A 142 -36.71 -18.99 0.55
N PRO A 143 -37.64 -19.71 1.18
CA PRO A 143 -38.89 -19.06 1.62
C PRO A 143 -38.63 -17.95 2.64
N GLU A 144 -37.64 -18.15 3.50
CA GLU A 144 -37.30 -17.15 4.51
C GLU A 144 -36.80 -15.86 3.84
N THR A 145 -36.11 -16.01 2.71
CA THR A 145 -35.60 -14.87 1.94
C THR A 145 -36.74 -14.05 1.37
N LEU A 146 -37.75 -14.70 0.83
CA LEU A 146 -38.91 -14.00 0.31
C LEU A 146 -39.72 -13.35 1.42
N ARG A 147 -39.75 -13.96 2.59
CA ARG A 147 -40.39 -13.37 3.75
C ARG A 147 -39.65 -12.07 4.15
N ALA A 148 -38.33 -12.16 4.25
CA ALA A 148 -37.48 -11.02 4.61
C ALA A 148 -37.64 -9.85 3.64
N MET A 149 -37.73 -10.13 2.34
CA MET A 149 -37.92 -9.10 1.33
C MET A 149 -39.30 -8.48 1.40
N LYS A 150 -40.30 -9.28 1.78
CA LYS A 150 -41.67 -8.77 1.93
C LYS A 150 -41.76 -7.77 3.07
N HIS A 151 -41.03 -8.04 4.15
CA HIS A 151 -41.03 -7.13 5.28
C HIS A 151 -39.94 -6.07 5.18
N ASN A 152 -39.37 -5.90 3.97
CA ASN A 152 -38.46 -4.80 3.66
C ASN A 152 -37.18 -4.73 4.49
N PHE A 153 -36.58 -5.87 4.79
CA PHE A 153 -35.27 -5.88 5.46
C PHE A 153 -34.19 -5.48 4.48
N PHE A 154 -34.38 -5.87 3.24
CA PHE A 154 -33.46 -5.58 2.17
C PHE A 154 -34.21 -5.74 0.87
N THR A 155 -33.67 -5.17 -0.20
CA THR A 155 -34.22 -5.40 -1.52
C THR A 155 -33.09 -5.65 -2.50
N PRO A 156 -33.16 -6.79 -3.21
CA PRO A 156 -32.22 -7.11 -4.28
C PRO A 156 -32.78 -6.75 -5.66
N GLY A 157 -33.67 -5.75 -5.73
CA GLY A 157 -34.36 -5.42 -6.97
C GLY A 157 -33.45 -5.15 -8.16
N ASN A 158 -32.27 -4.58 -7.90
CA ASN A 158 -31.39 -4.08 -8.95
C ASN A 158 -31.04 -5.08 -10.05
N TYR A 159 -30.40 -6.19 -9.68
CA TYR A 159 -30.06 -7.25 -10.64
C TYR A 159 -31.17 -8.27 -10.77
N PHE A 160 -32.25 -8.08 -10.00
CA PHE A 160 -33.46 -8.89 -10.15
C PHE A 160 -34.27 -8.48 -11.41
N TYR A 161 -34.47 -7.18 -11.62
CA TYR A 161 -35.35 -6.68 -12.69
C TYR A 161 -34.64 -6.41 -14.01
N ASN A 162 -33.33 -6.21 -13.95
CA ASN A 162 -32.58 -5.79 -15.13
C ASN A 162 -31.15 -6.32 -15.05
N GLY A 163 -30.31 -5.92 -16.00
CA GLY A 163 -28.96 -6.45 -16.12
C GLY A 163 -28.04 -6.10 -14.95
N VAL A 164 -26.80 -6.58 -15.00
CA VAL A 164 -25.85 -6.26 -13.92
C VAL A 164 -25.03 -5.00 -14.20
N GLY A 165 -24.17 -5.03 -15.22
CA GLY A 165 -23.26 -3.94 -15.46
C GLY A 165 -22.26 -3.76 -14.31
N HIS A 166 -22.10 -2.52 -13.84
CA HIS A 166 -21.19 -2.23 -12.72
C HIS A 166 -19.80 -2.73 -13.01
N VAL A 167 -19.24 -2.23 -14.10
CA VAL A 167 -17.97 -2.73 -14.58
C VAL A 167 -17.26 -1.60 -15.29
N THR A 168 -15.93 -1.61 -15.21
CA THR A 168 -15.12 -0.80 -16.11
C THR A 168 -14.36 -1.77 -16.98
N VAL A 169 -14.84 -1.82 -18.21
CA VAL A 169 -14.34 -2.64 -19.27
C VAL A 169 -12.95 -2.16 -19.78
N GLN A 170 -12.22 -3.02 -20.49
CA GLN A 170 -10.94 -2.59 -21.07
C GLN A 170 -11.07 -1.68 -22.31
N TYR A 171 -11.53 -0.44 -22.09
CA TYR A 171 -11.55 0.56 -23.16
C TYR A 171 -10.19 0.67 -23.86
N GLU A 172 -9.11 0.71 -23.08
CA GLU A 172 -7.79 0.93 -23.65
C GLU A 172 -7.39 -0.20 -24.59
N THR A 173 -7.92 -1.40 -24.36
CA THR A 173 -7.61 -2.53 -25.23
C THR A 173 -8.30 -2.38 -26.59
N VAL A 174 -9.55 -1.95 -26.57
CA VAL A 174 -10.24 -1.66 -27.81
C VAL A 174 -9.57 -0.50 -28.58
N LEU A 175 -9.17 0.54 -27.87
CA LEU A 175 -8.47 1.67 -28.49
C LEU A 175 -7.14 1.23 -29.11
N ALA A 176 -6.39 0.41 -28.38
CA ALA A 176 -5.06 -0.02 -28.81
C ALA A 176 -5.07 -1.06 -29.93
N ILE A 177 -5.92 -2.08 -29.85
CA ILE A 177 -5.84 -3.13 -30.86
C ILE A 177 -7.13 -3.31 -31.65
N GLY A 178 -8.19 -2.59 -31.27
CA GLY A 178 -9.46 -2.68 -31.97
C GLY A 178 -10.17 -4.00 -31.70
N LEU A 179 -11.41 -4.11 -32.17
CA LEU A 179 -12.16 -5.35 -32.04
C LEU A 179 -11.56 -6.42 -32.97
N ASN A 180 -10.91 -5.95 -34.04
CA ASN A 180 -10.05 -6.79 -34.87
C ASN A 180 -9.00 -7.52 -34.03
N GLY A 181 -8.31 -6.77 -33.17
CA GLY A 181 -7.29 -7.34 -32.30
C GLY A 181 -7.89 -8.29 -31.27
N VAL A 182 -9.05 -7.92 -30.72
CA VAL A 182 -9.72 -8.78 -29.74
C VAL A 182 -10.09 -10.11 -30.40
N LYS A 183 -10.63 -10.03 -31.61
CA LYS A 183 -10.98 -11.23 -32.38
C LYS A 183 -9.76 -12.10 -32.61
N GLU A 184 -8.63 -11.45 -32.87
CA GLU A 184 -7.38 -12.16 -33.09
C GLU A 184 -6.90 -12.84 -31.81
N LYS A 185 -7.06 -12.17 -30.68
CA LYS A 185 -6.78 -12.76 -29.38
C LYS A 185 -7.65 -14.00 -29.16
N VAL A 186 -8.89 -13.93 -29.65
CA VAL A 186 -9.81 -15.06 -29.51
C VAL A 186 -9.44 -16.25 -30.40
N ARG A 187 -9.16 -15.98 -31.68
N ARG A 187 -9.15 -15.99 -31.67
CA ARG A 187 -8.77 -17.04 -32.60
CA ARG A 187 -8.79 -17.08 -32.57
C ARG A 187 -7.49 -17.71 -32.12
C ARG A 187 -7.45 -17.71 -32.18
N LYS A 188 -6.59 -16.92 -31.55
CA LYS A 188 -5.35 -17.42 -30.97
C LYS A 188 -5.65 -18.41 -29.83
N GLU A 189 -6.59 -18.06 -28.94
CA GLU A 189 -6.95 -18.94 -27.83
C GLU A 189 -7.65 -20.21 -28.34
N MET A 190 -8.41 -20.07 -29.44
CA MET A 190 -9.05 -21.22 -30.06
C MET A 190 -8.05 -22.29 -30.48
N GLU A 191 -6.84 -21.87 -30.86
CA GLU A 191 -5.77 -22.80 -31.24
C GLU A 191 -5.28 -23.66 -30.07
N ASN A 192 -5.47 -23.18 -28.84
CA ASN A 192 -5.14 -23.98 -27.67
C ASN A 192 -6.21 -25.01 -27.31
N CYS A 193 -7.32 -25.01 -28.05
CA CYS A 193 -8.40 -25.92 -27.75
C CYS A 193 -8.36 -27.14 -28.65
N HIS A 194 -8.39 -28.32 -28.06
CA HIS A 194 -8.42 -29.52 -28.89
C HIS A 194 -9.75 -30.26 -28.72
N PHE A 195 -10.18 -30.88 -29.81
CA PHE A 195 -11.47 -31.54 -29.93
C PHE A 195 -11.85 -32.36 -28.71
N GLY A 196 -10.88 -33.13 -28.19
CA GLY A 196 -11.13 -33.99 -27.06
C GLY A 196 -11.00 -33.35 -25.68
N ASP A 197 -10.71 -32.05 -25.61
CA ASP A 197 -10.63 -31.36 -24.30
C ASP A 197 -11.98 -31.46 -23.64
N ALA A 198 -12.00 -31.70 -22.33
CA ALA A 198 -13.28 -31.87 -21.63
C ALA A 198 -14.15 -30.60 -21.66
N ASP A 199 -13.52 -29.43 -21.86
CA ASP A 199 -14.27 -28.17 -21.95
C ASP A 199 -14.38 -27.61 -23.37
N TYR A 200 -14.03 -28.41 -24.37
CA TYR A 200 -14.06 -27.91 -25.75
C TYR A 200 -15.42 -27.34 -26.16
N SER A 201 -16.49 -28.09 -25.89
CA SER A 201 -17.83 -27.68 -26.32
C SER A 201 -18.22 -26.29 -25.81
N THR A 202 -18.09 -26.07 -24.51
CA THR A 202 -18.55 -24.83 -23.90
C THR A 202 -17.56 -23.69 -24.14
N LYS A 203 -16.26 -23.99 -24.09
CA LYS A 203 -15.24 -22.99 -24.34
C LYS A 203 -15.26 -22.45 -25.78
N MET A 204 -15.38 -23.34 -26.74
CA MET A 204 -15.38 -22.93 -28.14
C MET A 204 -16.65 -22.17 -28.50
N CYS A 205 -17.79 -22.62 -27.98
CA CYS A 205 -19.04 -21.90 -28.18
C CYS A 205 -18.98 -20.49 -27.57
N PHE A 206 -18.36 -20.37 -26.40
CA PHE A 206 -18.17 -19.05 -25.83
C PHE A 206 -17.28 -18.17 -26.74
N LEU A 207 -16.17 -18.72 -27.22
CA LEU A 207 -15.24 -17.97 -28.06
C LEU A 207 -15.85 -17.61 -29.42
N GLU A 208 -16.60 -18.52 -30.03
CA GLU A 208 -17.36 -18.24 -31.26
C GLU A 208 -18.34 -17.10 -31.02
N SER A 209 -18.99 -17.12 -29.85
CA SER A 209 -19.94 -16.08 -29.46
C SER A 209 -19.31 -14.68 -29.38
N ILE A 210 -18.07 -14.61 -28.88
CA ILE A 210 -17.35 -13.36 -28.86
C ILE A 210 -17.12 -12.85 -30.28
N LEU A 211 -16.76 -13.77 -31.20
CA LEU A 211 -16.49 -13.41 -32.59
C LEU A 211 -17.72 -12.82 -33.27
N ILE A 212 -18.85 -13.50 -33.07
CA ILE A 212 -20.11 -13.00 -33.59
C ILE A 212 -20.44 -11.64 -32.98
N SER A 213 -20.26 -11.52 -31.67
CA SER A 213 -20.56 -10.26 -30.97
C SER A 213 -19.67 -9.10 -31.43
N CYS A 214 -18.37 -9.36 -31.55
CA CYS A 214 -17.44 -8.35 -32.03
C CYS A 214 -17.80 -7.85 -33.42
N ASP A 215 -18.12 -8.78 -34.31
CA ASP A 215 -18.53 -8.45 -35.66
C ASP A 215 -19.84 -7.70 -35.67
N ALA A 216 -20.69 -7.95 -34.69
CA ALA A 216 -21.94 -7.20 -34.56
C ALA A 216 -21.66 -5.72 -34.31
N VAL A 217 -20.76 -5.41 -33.38
CA VAL A 217 -20.43 -4.04 -33.05
C VAL A 217 -19.77 -3.35 -34.24
N ILE A 218 -18.92 -4.07 -34.97
CA ILE A 218 -18.29 -3.53 -36.16
C ILE A 218 -19.36 -3.22 -37.23
N THR A 219 -20.29 -4.14 -37.43
CA THR A 219 -21.41 -3.89 -38.32
C THR A 219 -22.22 -2.67 -37.90
N TYR A 220 -22.39 -2.51 -36.59
CA TYR A 220 -23.14 -1.40 -36.03
C TYR A 220 -22.46 -0.05 -36.36
N ALA A 221 -21.15 0.01 -36.14
CA ALA A 221 -20.43 1.25 -36.42
C ALA A 221 -20.52 1.59 -37.91
N ASN A 222 -20.53 0.55 -38.73
CA ASN A 222 -20.55 0.73 -40.17
C ASN A 222 -21.91 1.19 -40.68
N ARG A 223 -22.97 0.89 -39.95
CA ARG A 223 -24.27 1.43 -40.31
C ARG A 223 -24.26 2.97 -40.12
N TYR A 224 -23.58 3.45 -39.09
CA TYR A 224 -23.44 4.90 -38.87
C TYR A 224 -22.57 5.56 -39.92
N ALA A 225 -21.53 4.88 -40.38
CA ALA A 225 -20.71 5.41 -41.47
C ALA A 225 -21.60 5.61 -42.71
N LYS A 226 -22.37 4.59 -43.04
CA LYS A 226 -23.29 4.67 -44.17
C LYS A 226 -24.31 5.80 -44.02
N MET A 227 -24.94 5.90 -42.87
CA MET A 227 -25.93 6.96 -42.65
C MET A 227 -25.28 8.35 -42.67
N ALA A 228 -24.11 8.47 -42.05
CA ALA A 228 -23.36 9.73 -42.10
C ALA A 228 -23.04 10.15 -43.54
N GLU A 229 -22.67 9.20 -44.38
CA GLU A 229 -22.42 9.49 -45.77
C GLU A 229 -23.69 9.99 -46.46
N GLU A 230 -24.80 9.36 -46.15
CA GLU A 230 -26.08 9.74 -46.76
C GLU A 230 -26.53 11.11 -46.29
N MET A 231 -26.41 11.38 -44.99
CA MET A 231 -26.84 12.66 -44.47
C MET A 231 -25.93 13.76 -45.02
N ALA A 232 -24.67 13.42 -45.30
CA ALA A 232 -23.71 14.42 -45.78
C ALA A 232 -24.14 14.93 -47.14
N GLU A 233 -24.62 14.01 -47.97
CA GLU A 233 -25.02 14.38 -49.30
C GLU A 233 -26.25 15.29 -49.31
N LYS A 234 -27.05 15.23 -48.25
CA LYS A 234 -28.25 16.07 -48.16
C LYS A 234 -28.07 17.32 -47.28
N GLU A 235 -26.84 17.58 -46.84
CA GLU A 235 -26.58 18.65 -45.90
C GLU A 235 -26.22 19.94 -46.63
N THR A 236 -26.99 21.02 -46.40
CA THR A 236 -26.71 22.32 -47.02
C THR A 236 -25.52 23.03 -46.39
N ASP A 237 -25.35 22.90 -45.07
CA ASP A 237 -24.25 23.60 -44.41
C ASP A 237 -22.91 22.94 -44.75
N ALA A 238 -22.04 23.67 -45.44
CA ALA A 238 -20.76 23.12 -45.89
C ALA A 238 -19.90 22.55 -44.74
N ALA A 239 -19.82 23.30 -43.64
CA ALA A 239 -19.06 22.86 -42.47
C ALA A 239 -19.64 21.57 -41.89
N ARG A 240 -20.96 21.54 -41.71
CA ARG A 240 -21.63 20.37 -41.17
C ARG A 240 -21.49 19.17 -42.12
N ARG A 241 -21.49 19.45 -43.42
CA ARG A 241 -21.32 18.42 -44.43
C ARG A 241 -19.98 17.72 -44.19
N GLN A 242 -18.94 18.52 -44.04
CA GLN A 242 -17.59 18.04 -43.75
C GLN A 242 -17.54 17.19 -42.47
N GLU A 243 -18.23 17.65 -41.43
CA GLU A 243 -18.28 16.91 -40.17
C GLU A 243 -18.88 15.51 -40.38
N LEU A 244 -19.97 15.43 -41.15
CA LEU A 244 -20.59 14.16 -41.44
C LEU A 244 -19.67 13.26 -42.27
N LEU A 245 -18.91 13.84 -43.20
CA LEU A 245 -17.94 13.07 -43.95
C LEU A 245 -16.84 12.53 -43.03
N THR A 246 -16.42 13.34 -42.08
CA THR A 246 -15.43 12.89 -41.09
C THR A 246 -15.97 11.75 -40.23
N ILE A 247 -17.19 11.94 -39.73
CA ILE A 247 -17.89 10.91 -38.99
C ILE A 247 -17.95 9.62 -39.79
N ALA A 248 -18.19 9.73 -41.10
CA ALA A 248 -18.30 8.56 -41.95
C ALA A 248 -16.98 7.79 -41.99
N ARG A 249 -15.88 8.50 -42.21
CA ARG A 249 -14.58 7.86 -42.24
C ARG A 249 -14.21 7.26 -40.88
N VAL A 250 -14.52 7.99 -39.81
CA VAL A 250 -14.16 7.56 -38.46
C VAL A 250 -14.84 6.23 -38.09
N CYS A 251 -16.12 6.13 -38.42
CA CYS A 251 -16.92 4.96 -38.09
C CYS A 251 -16.55 3.74 -38.96
N LYS A 252 -15.87 3.98 -40.08
CA LYS A 252 -15.34 2.84 -40.84
C LYS A 252 -14.07 2.28 -40.20
N ASN A 253 -13.47 3.01 -39.26
N ASN A 253 -13.48 3.04 -39.29
CA ASN A 253 -12.19 2.60 -38.67
CA ASN A 253 -12.22 2.64 -38.67
C ASN A 253 -12.28 2.14 -37.21
C ASN A 253 -12.41 2.04 -37.27
N VAL A 254 -13.20 2.71 -36.44
CA VAL A 254 -13.37 2.30 -35.06
C VAL A 254 -14.83 1.87 -34.79
N PRO A 255 -15.02 0.87 -33.92
CA PRO A 255 -13.96 0.28 -33.07
C PRO A 255 -13.27 -0.94 -33.67
N GLU A 256 -13.47 -1.21 -34.97
CA GLU A 256 -12.82 -2.38 -35.57
C GLU A 256 -11.29 -2.33 -35.47
N PHE A 257 -10.71 -1.19 -35.84
CA PHE A 257 -9.26 -1.01 -35.87
C PHE A 257 -8.78 -0.09 -34.76
N PRO A 258 -7.49 -0.18 -34.42
CA PRO A 258 -6.92 0.73 -33.43
C PRO A 258 -7.22 2.19 -33.77
N ALA A 259 -7.46 2.99 -32.75
CA ALA A 259 -7.75 4.41 -32.94
C ALA A 259 -6.50 5.12 -33.43
N GLU A 260 -6.64 6.01 -34.41
CA GLU A 260 -5.50 6.67 -35.03
C GLU A 260 -5.54 8.20 -34.87
N SER A 261 -6.55 8.69 -34.16
CA SER A 261 -6.68 10.10 -33.90
C SER A 261 -7.45 10.25 -32.61
N PHE A 262 -7.62 11.48 -32.16
CA PHE A 262 -8.37 11.70 -30.95
C PHE A 262 -9.85 11.46 -31.18
N GLN A 263 -10.36 11.95 -32.30
CA GLN A 263 -11.78 11.78 -32.57
C GLN A 263 -12.11 10.29 -32.72
N GLU A 264 -11.21 9.53 -33.35
CA GLU A 264 -11.45 8.08 -33.44
C GLU A 264 -11.50 7.44 -32.05
N ALA A 265 -10.62 7.83 -31.15
CA ALA A 265 -10.61 7.25 -29.82
C ALA A 265 -11.90 7.63 -29.09
N CYS A 266 -12.31 8.90 -29.24
CA CYS A 266 -13.58 9.36 -28.71
C CYS A 266 -14.77 8.56 -29.23
N GLN A 267 -14.81 8.34 -30.54
CA GLN A 267 -15.90 7.61 -31.15
C GLN A 267 -15.84 6.12 -30.83
N SER A 268 -14.63 5.58 -30.75
CA SER A 268 -14.45 4.17 -30.43
C SER A 268 -14.93 3.93 -29.01
N PHE A 269 -14.48 4.78 -28.10
CA PHE A 269 -14.93 4.73 -26.72
C PHE A 269 -16.45 4.77 -26.61
N TRP A 270 -17.06 5.73 -27.30
CA TRP A 270 -18.49 5.92 -27.13
C TRP A 270 -19.24 4.70 -27.61
N PHE A 271 -18.78 4.13 -28.72
CA PHE A 271 -19.43 2.95 -29.28
C PHE A 271 -19.39 1.81 -28.26
N ILE A 272 -18.25 1.62 -27.61
CA ILE A 272 -18.16 0.61 -26.56
C ILE A 272 -19.10 0.96 -25.42
N GLN A 273 -19.01 2.20 -24.94
CA GLN A 273 -19.86 2.68 -23.86
C GLN A 273 -21.34 2.42 -24.18
N GLN A 274 -21.72 2.62 -25.44
CA GLN A 274 -23.11 2.52 -25.84
C GLN A 274 -23.57 1.06 -25.98
N VAL A 275 -22.82 0.22 -26.69
CA VAL A 275 -23.36 -1.09 -27.03
C VAL A 275 -23.41 -2.02 -25.82
N LEU A 276 -22.57 -1.75 -24.82
CA LEU A 276 -22.65 -2.50 -23.58
C LEU A 276 -24.04 -2.35 -22.97
N GLN A 277 -24.66 -1.18 -23.17
CA GLN A 277 -25.94 -0.89 -22.56
C GLN A 277 -27.08 -1.25 -23.51
N ILE A 278 -26.73 -1.74 -24.69
CA ILE A 278 -27.69 -2.40 -25.55
C ILE A 278 -27.64 -3.92 -25.28
N GLU A 279 -26.45 -4.45 -25.02
CA GLU A 279 -26.31 -5.89 -24.75
C GLU A 279 -27.01 -6.25 -23.46
N SER A 280 -26.88 -5.36 -22.48
CA SER A 280 -27.51 -5.54 -21.18
C SER A 280 -27.99 -4.21 -20.61
N SER A 281 -29.03 -4.25 -19.80
CA SER A 281 -29.53 -3.03 -19.14
C SER A 281 -28.83 -2.76 -17.83
N GLY A 282 -27.75 -3.48 -17.54
CA GLY A 282 -26.99 -3.21 -16.35
C GLY A 282 -26.51 -1.76 -16.43
N HIS A 283 -26.61 -1.01 -15.35
CA HIS A 283 -26.07 0.33 -15.39
C HIS A 283 -24.75 0.34 -14.63
N SER A 284 -24.30 1.54 -14.27
CA SER A 284 -22.97 1.74 -13.73
C SER A 284 -21.89 1.19 -14.66
N ILE A 285 -22.14 1.29 -15.96
CA ILE A 285 -21.09 1.05 -16.95
C ILE A 285 -20.16 2.27 -16.88
N SER A 286 -19.03 2.12 -16.22
CA SER A 286 -18.29 3.30 -15.77
C SER A 286 -17.02 3.49 -16.58
N PRO A 287 -16.91 4.64 -17.26
CA PRO A 287 -15.75 4.90 -18.11
C PRO A 287 -14.43 4.81 -17.37
N GLY A 288 -14.43 5.02 -16.06
CA GLY A 288 -13.21 4.87 -15.29
C GLY A 288 -12.17 5.90 -15.66
N ARG A 289 -10.92 5.48 -15.81
CA ARG A 289 -9.78 6.43 -15.90
C ARG A 289 -9.59 6.96 -17.30
N PHE A 290 -10.60 7.68 -17.75
CA PHE A 290 -10.72 8.17 -19.11
C PHE A 290 -9.56 9.12 -19.45
N ASP A 291 -9.19 9.96 -18.49
CA ASP A 291 -8.08 10.89 -18.73
C ASP A 291 -6.79 10.10 -18.95
N GLN A 292 -6.69 8.89 -18.40
CA GLN A 292 -5.47 8.09 -18.59
C GLN A 292 -5.44 7.43 -19.96
N TYR A 293 -6.46 6.64 -20.30
CA TYR A 293 -6.33 5.85 -21.52
C TYR A 293 -6.62 6.65 -22.79
N MET A 294 -7.29 7.77 -22.66
CA MET A 294 -7.53 8.61 -23.83
C MET A 294 -6.30 9.48 -24.12
N TYR A 295 -5.41 9.60 -23.14
CA TYR A 295 -4.36 10.61 -23.25
C TYR A 295 -3.35 10.40 -24.39
N PRO A 296 -2.87 9.16 -24.60
CA PRO A 296 -1.94 8.98 -25.72
C PRO A 296 -2.51 9.38 -27.07
N TYR A 297 -3.82 9.22 -27.28
CA TYR A 297 -4.43 9.56 -28.56
C TYR A 297 -4.57 11.07 -28.67
N TYR A 298 -4.89 11.71 -27.56
CA TYR A 298 -4.91 13.16 -27.51
C TYR A 298 -3.52 13.75 -27.78
N GLU A 299 -2.50 13.20 -27.13
CA GLU A 299 -1.15 13.75 -27.24
C GLU A 299 -0.51 13.54 -28.61
N LYS A 300 -0.65 12.36 -29.17
CA LYS A 300 -0.13 12.13 -30.51
C LYS A 300 -0.68 13.18 -31.48
N ASP A 301 -2.00 13.32 -31.48
CA ASP A 301 -2.73 14.21 -32.38
C ASP A 301 -2.37 15.69 -32.19
N LEU A 302 -2.32 16.13 -30.94
CA LEU A 302 -1.98 17.52 -30.61
C LEU A 302 -0.54 17.86 -31.03
N LYS A 303 0.39 16.91 -30.86
CA LYS A 303 1.79 17.14 -31.24
C LYS A 303 2.02 17.13 -32.75
N GLU A 304 1.38 16.23 -33.49
CA GLU A 304 1.53 16.23 -34.95
C GLU A 304 0.72 17.36 -35.61
N GLY A 305 0.26 18.31 -34.80
CA GLY A 305 -0.38 19.52 -35.28
C GLY A 305 -1.83 19.42 -35.74
N SER A 306 -2.35 18.21 -35.88
CA SER A 306 -3.65 17.99 -36.51
C SER A 306 -4.88 18.12 -35.59
N LEU A 307 -4.66 18.51 -34.34
CA LEU A 307 -5.75 18.69 -33.38
C LEU A 307 -5.49 19.93 -32.55
N THR A 308 -6.51 20.77 -32.38
CA THR A 308 -6.39 21.90 -31.46
C THR A 308 -7.01 21.54 -30.14
N ARG A 309 -6.66 22.30 -29.12
CA ARG A 309 -7.27 22.15 -27.80
C ARG A 309 -8.78 22.42 -27.87
N GLU A 310 -9.18 23.41 -28.67
CA GLU A 310 -10.58 23.80 -28.75
C GLU A 310 -11.42 22.66 -29.30
N TYR A 311 -10.93 22.02 -30.36
CA TYR A 311 -11.68 20.94 -30.96
C TYR A 311 -11.71 19.75 -30.03
N ALA A 312 -10.55 19.45 -29.42
CA ALA A 312 -10.43 18.38 -28.45
C ALA A 312 -11.44 18.57 -27.30
N GLN A 313 -11.53 19.79 -26.80
CA GLN A 313 -12.52 20.10 -25.77
C GLN A 313 -13.97 19.89 -26.29
N GLU A 314 -14.21 20.24 -27.55
CA GLU A 314 -15.53 20.12 -28.15
C GLU A 314 -15.95 18.65 -28.25
N LEU A 315 -15.00 17.81 -28.64
CA LEU A 315 -15.20 16.38 -28.72
C LEU A 315 -15.59 15.81 -27.36
N ILE A 316 -14.81 16.14 -26.34
CA ILE A 316 -15.12 15.67 -24.99
C ILE A 316 -16.48 16.19 -24.54
N ASP A 317 -16.77 17.45 -24.85
CA ASP A 317 -18.06 18.05 -24.52
C ASP A 317 -19.18 17.23 -25.15
N CYS A 318 -19.00 16.85 -26.41
CA CYS A 318 -20.00 16.04 -27.10
C CYS A 318 -20.18 14.67 -26.46
N ILE A 319 -19.20 14.03 -25.91
CA ILE A 319 -19.26 12.85 -25.28
C ILE A 319 -20.01 12.96 -23.96
N TRP A 320 -19.87 13.98 -23.25
CA TRP A 320 -20.54 14.34 -22.06
C TRP A 320 -22.10 14.40 -22.25
N VAL A 321 -22.52 14.90 -23.33
CA VAL A 321 -23.82 15.03 -23.81
C VAL A 321 -24.30 13.68 -24.18
N LYS A 322 -23.55 12.99 -24.94
CA LYS A 322 -24.00 11.65 -25.29
C LYS A 322 -24.26 10.78 -24.07
N LEU A 323 -23.43 10.92 -23.04
CA LEU A 323 -23.61 10.16 -21.82
C LEU A 323 -24.97 10.43 -21.16
N ASN A 324 -25.58 11.56 -21.49
CA ASN A 324 -26.93 11.88 -20.99
C ASN A 324 -28.04 11.47 -21.96
N ASP A 325 -27.66 11.01 -23.14
CA ASP A 325 -28.65 10.60 -24.14
C ASP A 325 -29.19 9.21 -23.76
N LEU A 326 -28.35 8.42 -23.11
CA LEU A 326 -28.76 7.10 -22.68
C LEU A 326 -29.67 7.19 -21.46
N ASN A 327 -30.55 6.20 -21.30
CA ASN A 327 -31.51 6.20 -20.21
C ASN A 327 -32.03 4.79 -19.95
N LYS A 328 -32.78 4.62 -18.86
CA LYS A 328 -33.27 3.30 -18.49
C LYS A 328 -34.51 3.45 -17.62
N CYS A 329 -35.54 2.68 -17.93
CA CYS A 329 -36.79 2.77 -17.18
C CYS A 329 -36.85 1.63 -16.18
N ARG A 330 -37.01 2.00 -14.91
CA ARG A 330 -37.18 1.02 -13.84
C ARG A 330 -38.60 1.09 -13.34
N ASP A 331 -39.07 -0.02 -12.75
CA ASP A 331 -40.39 -0.07 -12.12
C ASP A 331 -40.49 1.04 -11.08
N ALA A 332 -41.72 1.49 -10.83
CA ALA A 332 -41.94 2.71 -10.03
C ALA A 332 -41.30 2.67 -8.65
N ALA A 333 -41.40 1.52 -7.99
CA ALA A 333 -40.80 1.35 -6.67
C ALA A 333 -39.26 1.45 -6.74
N SER A 334 -38.66 0.74 -7.68
CA SER A 334 -37.20 0.80 -7.90
C SER A 334 -36.77 2.22 -8.27
N ALA A 335 -37.58 2.90 -9.07
CA ALA A 335 -37.21 4.21 -9.58
C ALA A 335 -36.99 5.22 -8.47
N GLU A 336 -37.75 5.07 -7.38
CA GLU A 336 -37.54 5.93 -6.21
C GLU A 336 -36.17 5.73 -5.57
N GLY A 337 -35.59 4.55 -5.76
CA GLY A 337 -34.26 4.26 -5.23
C GLY A 337 -33.13 4.68 -6.16
N PHE A 338 -33.49 4.98 -7.40
CA PHE A 338 -32.53 5.40 -8.43
C PHE A 338 -33.07 6.65 -9.15
N ALA A 339 -33.52 7.65 -8.38
CA ALA A 339 -34.25 8.77 -8.97
C ALA A 339 -33.37 9.73 -9.74
N GLY A 340 -33.88 10.23 -10.86
CA GLY A 340 -33.21 11.29 -11.59
C GLY A 340 -32.66 10.85 -12.93
N TYR A 341 -33.10 9.68 -13.39
CA TYR A 341 -32.73 9.13 -14.70
C TYR A 341 -31.23 8.85 -14.84
N SER A 342 -30.51 8.72 -13.74
CA SER A 342 -29.09 8.39 -13.80
C SER A 342 -28.78 6.97 -14.29
N LEU A 343 -27.67 6.82 -14.98
CA LEU A 343 -27.11 5.52 -15.32
C LEU A 343 -25.81 5.30 -14.56
N PHE A 344 -25.48 6.28 -13.71
CA PHE A 344 -24.34 6.17 -12.79
C PHE A 344 -23.07 5.78 -13.53
N GLN A 345 -22.81 6.48 -14.63
CA GLN A 345 -21.63 6.26 -15.44
C GLN A 345 -20.44 7.05 -14.87
N ASN A 346 -19.68 6.39 -14.01
CA ASN A 346 -18.60 7.07 -13.31
C ASN A 346 -17.34 7.22 -14.16
N LEU A 347 -16.85 8.45 -14.20
CA LEU A 347 -15.66 8.81 -14.96
C LEU A 347 -14.73 9.56 -14.02
N ILE A 348 -13.51 9.07 -13.87
CA ILE A 348 -12.62 9.60 -12.84
C ILE A 348 -11.37 10.23 -13.45
N VAL A 349 -10.84 11.28 -12.82
CA VAL A 349 -9.59 11.86 -13.29
C VAL A 349 -8.52 11.87 -12.19
N GLY A 350 -7.26 12.00 -12.57
CA GLY A 350 -6.17 12.17 -11.63
C GLY A 350 -5.74 10.89 -10.95
N GLY A 351 -5.11 11.01 -9.78
CA GLY A 351 -4.59 9.85 -9.06
C GLY A 351 -3.15 9.54 -9.40
N GLN A 352 -2.78 8.26 -9.31
CA GLN A 352 -1.40 7.81 -9.50
C GLN A 352 -1.21 6.92 -10.73
N THR A 353 -0.03 6.96 -11.32
CA THR A 353 0.36 5.96 -12.32
C THR A 353 0.67 4.63 -11.59
N VAL A 354 0.93 3.58 -12.36
CA VAL A 354 1.28 2.28 -11.78
C VAL A 354 2.63 2.41 -11.07
N GLN A 355 3.42 3.36 -11.54
CA GLN A 355 4.74 3.63 -11.00
C GLN A 355 4.65 4.53 -9.76
N GLY A 356 3.44 4.97 -9.41
CA GLY A 356 3.25 5.76 -8.21
C GLY A 356 3.55 7.25 -8.30
N ARG A 357 3.59 7.79 -9.51
CA ARG A 357 3.72 9.25 -9.67
C ARG A 357 2.35 9.85 -9.96
N ASP A 358 2.25 11.17 -9.88
CA ASP A 358 0.99 11.83 -10.15
C ASP A 358 0.57 11.61 -11.60
N ALA A 359 -0.71 11.39 -11.84
CA ALA A 359 -1.17 10.99 -13.16
C ALA A 359 -1.81 12.15 -13.94
N THR A 360 -1.94 13.30 -13.30
CA THR A 360 -2.48 14.51 -13.93
C THR A 360 -1.92 14.74 -15.32
N ASN A 361 -2.80 15.02 -16.28
CA ASN A 361 -2.39 15.39 -17.63
C ASN A 361 -3.41 16.40 -18.15
N ASP A 362 -3.26 16.85 -19.39
CA ASP A 362 -4.16 17.86 -19.98
C ASP A 362 -5.63 17.43 -19.94
N LEU A 363 -5.89 16.16 -20.19
CA LEU A 363 -7.27 15.65 -20.22
C LEU A 363 -7.96 15.70 -18.86
N SER A 364 -7.18 15.48 -17.80
CA SER A 364 -7.71 15.56 -16.43
C SER A 364 -8.47 16.87 -16.26
N PHE A 365 -7.87 17.95 -16.72
CA PHE A 365 -8.48 19.26 -16.64
C PHE A 365 -9.64 19.42 -17.62
N MET A 366 -9.46 18.91 -18.83
CA MET A 366 -10.51 19.04 -19.84
C MET A 366 -11.80 18.30 -19.47
N CYS A 367 -11.69 17.22 -18.69
CA CYS A 367 -12.88 16.50 -18.24
C CYS A 367 -13.69 17.35 -17.25
N ILE A 368 -12.99 18.02 -16.34
CA ILE A 368 -13.65 18.91 -15.40
C ILE A 368 -14.36 20.04 -16.17
N THR A 369 -13.71 20.56 -17.19
CA THR A 369 -14.30 21.62 -18.01
C THR A 369 -15.53 21.12 -18.76
N ALA A 370 -15.46 19.90 -19.28
CA ALA A 370 -16.61 19.31 -19.96
C ALA A 370 -17.87 19.36 -19.09
N SER A 371 -17.71 19.05 -17.81
CA SER A 371 -18.79 19.12 -16.83
C SER A 371 -19.38 20.51 -16.73
N GLU A 372 -18.49 21.48 -16.61
CA GLU A 372 -18.91 22.87 -16.50
C GLU A 372 -19.64 23.30 -17.78
N HIS A 373 -19.06 22.97 -18.93
CA HIS A 373 -19.64 23.34 -20.22
C HIS A 373 -21.00 22.72 -20.42
N VAL A 374 -21.08 21.41 -20.23
CA VAL A 374 -22.30 20.70 -20.55
C VAL A 374 -23.28 20.95 -19.41
N PHE A 375 -22.78 20.84 -18.19
CA PHE A 375 -23.57 21.09 -16.98
C PHE A 375 -24.82 20.21 -16.89
N LEU A 376 -24.66 18.93 -17.24
CA LEU A 376 -25.71 17.95 -17.09
C LEU A 376 -25.38 16.97 -15.96
N PRO A 377 -26.36 16.13 -15.53
CA PRO A 377 -26.05 15.20 -14.43
C PRO A 377 -24.93 14.20 -14.73
N MET A 378 -24.82 13.72 -15.97
CA MET A 378 -23.84 12.67 -16.27
C MET A 378 -22.74 13.27 -17.13
N PRO A 379 -21.52 12.68 -17.09
CA PRO A 379 -21.13 11.52 -16.28
C PRO A 379 -20.99 11.86 -14.80
N SER A 380 -20.87 10.84 -13.96
CA SER A 380 -20.58 11.07 -12.55
C SER A 380 -19.08 11.31 -12.44
N LEU A 381 -18.68 12.58 -12.56
CA LEU A 381 -17.26 12.90 -12.60
C LEU A 381 -16.65 12.75 -11.21
N SER A 382 -15.46 12.19 -11.16
CA SER A 382 -14.82 11.82 -9.92
C SER A 382 -13.38 12.24 -10.03
N ILE A 383 -12.71 12.48 -8.91
CA ILE A 383 -11.28 12.70 -8.94
C ILE A 383 -10.62 11.85 -7.86
N ARG A 384 -9.53 11.19 -8.23
CA ARG A 384 -8.72 10.44 -7.28
C ARG A 384 -7.73 11.37 -6.56
N VAL A 385 -7.74 11.34 -5.24
CA VAL A 385 -6.88 12.21 -4.44
C VAL A 385 -5.82 11.38 -3.71
N TRP A 386 -4.59 11.86 -3.74
CA TRP A 386 -3.52 11.22 -2.98
C TRP A 386 -2.55 12.31 -2.54
N HIS A 387 -1.60 11.98 -1.67
CA HIS A 387 -0.76 13.02 -1.07
C HIS A 387 0.05 13.77 -2.13
N GLY A 388 0.42 13.08 -3.20
CA GLY A 388 1.12 13.74 -4.30
C GLY A 388 0.23 14.30 -5.41
N SER A 389 -1.03 14.57 -5.10
CA SER A 389 -1.95 15.14 -6.09
C SER A 389 -1.49 16.52 -6.57
N SER A 390 -1.68 16.80 -7.86
CA SER A 390 -1.48 18.15 -8.39
C SER A 390 -2.37 19.16 -7.68
N LYS A 391 -1.78 20.21 -7.10
CA LYS A 391 -2.55 21.25 -6.47
C LYS A 391 -3.44 21.97 -7.49
N ALA A 392 -2.95 22.11 -8.72
CA ALA A 392 -3.73 22.73 -9.78
C ALA A 392 -5.03 21.95 -10.08
N LEU A 393 -4.92 20.63 -10.18
CA LEU A 393 -6.09 19.80 -10.49
C LEU A 393 -7.13 19.86 -9.37
N LEU A 394 -6.67 19.81 -8.12
CA LEU A 394 -7.55 19.94 -6.96
C LEU A 394 -8.29 21.30 -6.91
N MET A 395 -7.57 22.36 -7.28
CA MET A 395 -8.18 23.68 -7.29
C MET A 395 -9.21 23.73 -8.41
N ARG A 396 -8.88 23.09 -9.53
CA ARG A 396 -9.79 23.07 -10.65
C ARG A 396 -11.07 22.31 -10.28
N ALA A 397 -10.91 21.16 -9.61
CA ALA A 397 -12.08 20.39 -9.15
C ALA A 397 -12.90 21.19 -8.16
N ALA A 398 -12.22 21.89 -7.26
CA ALA A 398 -12.88 22.68 -6.23
C ALA A 398 -13.75 23.74 -6.88
N GLU A 399 -13.24 24.36 -7.94
CA GLU A 399 -13.98 25.36 -8.72
C GLU A 399 -15.27 24.79 -9.34
N LEU A 400 -15.20 23.55 -9.83
CA LEU A 400 -16.38 22.91 -10.38
C LEU A 400 -17.39 22.64 -9.27
N THR A 401 -16.91 22.16 -8.13
CA THR A 401 -17.80 21.85 -6.99
C THR A 401 -18.52 23.11 -6.54
N ARG A 402 -17.82 24.23 -6.58
CA ARG A 402 -18.35 25.54 -6.19
C ARG A 402 -19.50 26.05 -7.08
N THR A 403 -19.58 25.59 -8.33
CA THR A 403 -20.73 25.92 -9.20
C THR A 403 -22.05 25.34 -8.69
N GLY A 404 -21.98 24.37 -7.78
CA GLY A 404 -23.17 23.73 -7.25
C GLY A 404 -23.61 22.48 -8.02
N ILE A 405 -22.81 22.06 -9.00
CA ILE A 405 -23.16 20.94 -9.83
C ILE A 405 -23.04 19.60 -9.08
N GLY A 406 -22.34 19.63 -7.95
CA GLY A 406 -22.19 18.44 -7.12
C GLY A 406 -21.02 17.56 -7.51
N LEU A 407 -20.16 18.06 -8.41
CA LEU A 407 -19.06 17.29 -8.99
C LEU A 407 -17.74 18.02 -8.76
N PRO A 408 -16.62 17.30 -8.78
CA PRO A 408 -16.56 15.85 -8.82
C PRO A 408 -16.78 15.28 -7.45
N ALA A 409 -16.94 13.97 -7.36
CA ALA A 409 -16.82 13.32 -6.07
C ALA A 409 -15.33 13.09 -5.83
N TYR A 410 -14.91 13.14 -4.57
CA TYR A 410 -13.50 13.01 -4.22
C TYR A 410 -13.21 11.67 -3.58
N TYR A 411 -12.19 10.97 -4.05
CA TYR A 411 -11.88 9.63 -3.56
C TYR A 411 -10.48 9.56 -3.02
N ASN A 412 -10.31 8.83 -1.92
CA ASN A 412 -9.04 8.79 -1.22
C ASN A 412 -8.20 7.56 -1.59
N ASP A 413 -7.20 7.78 -2.44
CA ASP A 413 -6.23 6.74 -2.79
C ASP A 413 -5.65 6.02 -1.57
N GLU A 414 -5.37 6.79 -0.52
CA GLU A 414 -4.61 6.29 0.61
C GLU A 414 -5.38 5.23 1.38
N VAL A 415 -6.71 5.27 1.29
CA VAL A 415 -7.51 4.19 1.88
C VAL A 415 -7.97 3.13 0.86
N ILE A 416 -8.27 3.59 -0.35
CA ILE A 416 -8.83 2.68 -1.34
C ILE A 416 -7.79 1.66 -1.83
N ILE A 417 -6.60 2.13 -2.19
CA ILE A 417 -5.55 1.21 -2.65
C ILE A 417 -5.23 0.05 -1.63
N PRO A 418 -5.05 0.35 -0.33
CA PRO A 418 -4.80 -0.78 0.57
C PRO A 418 -6.01 -1.68 0.77
N ALA A 419 -7.20 -1.11 0.65
CA ALA A 419 -8.45 -1.86 0.79
C ALA A 419 -8.56 -2.85 -0.33
N LEU A 420 -8.20 -2.39 -1.54
CA LEU A 420 -8.23 -3.25 -2.71
C LEU A 420 -7.21 -4.37 -2.60
N VAL A 421 -6.02 -4.02 -2.11
CA VAL A 421 -4.94 -5.00 -1.94
C VAL A 421 -5.35 -6.09 -0.94
N HIS A 422 -5.89 -5.65 0.19
CA HIS A 422 -6.37 -6.56 1.22
C HIS A 422 -7.41 -7.56 0.70
N ARG A 423 -8.14 -7.20 -0.36
CA ARG A 423 -9.10 -8.14 -0.96
C ARG A 423 -8.52 -8.93 -2.15
N GLY A 424 -7.22 -8.81 -2.38
CA GLY A 424 -6.58 -9.68 -3.38
C GLY A 424 -5.95 -8.95 -4.56
N ALA A 425 -6.12 -7.63 -4.66
CA ALA A 425 -5.49 -6.93 -5.77
C ALA A 425 -3.99 -6.82 -5.54
N THR A 426 -3.19 -6.88 -6.60
CA THR A 426 -1.78 -6.54 -6.47
C THR A 426 -1.63 -5.03 -6.33
N MET A 427 -0.47 -4.60 -5.83
CA MET A 427 -0.17 -3.17 -5.67
C MET A 427 -0.32 -2.45 -7.02
N ASP A 428 0.25 -3.02 -8.07
CA ASP A 428 0.15 -2.45 -9.41
C ASP A 428 -1.30 -2.31 -9.87
N GLU A 429 -2.13 -3.32 -9.56
CA GLU A 429 -3.53 -3.27 -9.93
C GLU A 429 -4.31 -2.26 -9.09
N ALA A 430 -4.16 -2.32 -7.77
CA ALA A 430 -4.86 -1.38 -6.90
C ALA A 430 -4.59 0.06 -7.28
N ARG A 431 -3.34 0.36 -7.61
CA ARG A 431 -2.92 1.72 -7.97
C ARG A 431 -3.65 2.25 -9.19
N ASN A 432 -4.05 1.32 -10.06
CA ASN A 432 -4.80 1.67 -11.25
C ASN A 432 -6.32 1.65 -11.06
N TYR A 433 -6.80 1.69 -9.83
CA TYR A 433 -8.25 1.59 -9.65
C TYR A 433 -9.06 2.76 -10.23
N ASN A 434 -10.34 2.52 -10.49
CA ASN A 434 -11.28 3.62 -10.63
C ASN A 434 -12.55 3.30 -9.87
N ILE A 435 -13.49 4.24 -9.87
CA ILE A 435 -14.75 4.08 -9.19
C ILE A 435 -15.85 3.57 -10.12
N ILE A 436 -16.63 2.62 -9.59
CA ILE A 436 -17.82 2.10 -10.27
C ILE A 436 -19.05 2.84 -9.75
N GLY A 437 -19.93 3.30 -10.64
CA GLY A 437 -21.22 3.84 -10.22
C GLY A 437 -21.15 5.03 -9.28
N CYS A 438 -21.56 4.81 -8.04
CA CYS A 438 -21.55 5.87 -7.03
C CYS A 438 -20.19 5.99 -6.37
N VAL A 439 -19.77 4.96 -5.63
CA VAL A 439 -18.54 5.05 -4.83
C VAL A 439 -17.75 3.75 -4.77
N GLU A 440 -18.01 2.82 -5.68
CA GLU A 440 -17.45 1.48 -5.50
C GLU A 440 -16.13 1.29 -6.25
N PRO A 441 -15.02 1.09 -5.52
CA PRO A 441 -13.70 0.94 -6.14
C PRO A 441 -13.49 -0.41 -6.83
N GLN A 442 -12.69 -0.42 -7.88
CA GLN A 442 -12.50 -1.63 -8.64
C GLN A 442 -11.17 -1.60 -9.38
N VAL A 443 -10.56 -2.77 -9.57
CA VAL A 443 -9.49 -2.88 -10.55
C VAL A 443 -10.13 -3.04 -11.92
N PRO A 444 -9.91 -2.07 -12.82
CA PRO A 444 -10.68 -2.10 -14.08
C PRO A 444 -10.24 -3.20 -15.05
N GLY A 445 -11.20 -3.67 -15.85
CA GLY A 445 -10.94 -4.70 -16.84
C GLY A 445 -10.56 -6.08 -16.31
N LYS A 446 -10.70 -6.30 -15.00
CA LYS A 446 -10.34 -7.58 -14.38
C LYS A 446 -11.39 -8.08 -13.39
N THR A 447 -12.47 -7.34 -13.22
CA THR A 447 -13.42 -7.55 -12.13
C THR A 447 -14.87 -7.76 -12.58
N ASP A 448 -15.54 -8.74 -11.96
CA ASP A 448 -17.00 -8.81 -11.95
C ASP A 448 -17.42 -8.53 -10.51
N GLY A 449 -17.78 -7.28 -10.25
CA GLY A 449 -17.84 -6.77 -8.88
C GLY A 449 -19.20 -6.76 -8.20
N TRP A 450 -20.27 -6.85 -8.96
CA TRP A 450 -21.62 -6.81 -8.40
C TRP A 450 -21.74 -5.68 -7.35
N HIS A 451 -21.27 -4.49 -7.73
CA HIS A 451 -21.04 -3.42 -6.77
C HIS A 451 -22.29 -2.76 -6.19
N ASP A 452 -23.47 -3.00 -6.77
CA ASP A 452 -24.72 -2.56 -6.12
C ASP A 452 -25.76 -3.70 -6.10
N ALA A 453 -25.46 -4.73 -5.32
CA ALA A 453 -26.20 -6.00 -5.38
C ALA A 453 -27.51 -5.96 -4.61
N ALA A 454 -27.59 -5.14 -3.56
CA ALA A 454 -28.79 -5.05 -2.73
C ALA A 454 -28.74 -3.80 -1.85
N PHE A 455 -29.92 -3.36 -1.41
CA PHE A 455 -30.04 -2.34 -0.37
C PHE A 455 -30.46 -3.04 0.90
N PHE A 456 -29.66 -2.93 1.95
CA PHE A 456 -29.96 -3.56 3.23
C PHE A 456 -30.29 -2.48 4.28
N ASN A 457 -31.44 -2.61 4.90
CA ASN A 457 -31.87 -1.60 5.87
C ASN A 457 -31.48 -1.98 7.30
N MET A 458 -30.47 -1.32 7.86
CA MET A 458 -29.96 -1.73 9.17
C MET A 458 -30.91 -1.41 10.32
N CYS A 459 -31.95 -0.63 10.04
CA CYS A 459 -32.88 -0.24 11.08
C CYS A 459 -33.93 -1.31 11.30
N ARG A 460 -34.25 -2.07 10.26
CA ARG A 460 -35.32 -3.05 10.36
C ARG A 460 -34.97 -4.19 11.33
N PRO A 461 -33.70 -4.64 11.37
CA PRO A 461 -33.37 -5.58 12.44
C PRO A 461 -33.41 -4.94 13.82
N LEU A 462 -33.08 -3.66 13.93
CA LEU A 462 -33.16 -3.01 15.24
C LEU A 462 -34.62 -3.01 15.72
N GLU A 463 -35.54 -2.65 14.83
CA GLU A 463 -36.97 -2.74 15.14
C GLU A 463 -37.36 -4.15 15.58
N MET A 464 -36.79 -5.17 14.92
CA MET A 464 -37.10 -6.56 15.24
C MET A 464 -36.66 -6.96 16.65
N VAL A 465 -35.62 -6.33 17.16
CA VAL A 465 -35.22 -6.56 18.54
C VAL A 465 -36.36 -6.15 19.48
N PHE A 466 -36.95 -4.99 19.21
CA PHE A 466 -38.05 -4.49 20.03
C PHE A 466 -39.29 -5.36 19.90
N SER A 467 -39.60 -5.80 18.68
CA SER A 467 -40.82 -6.52 18.44
C SER A 467 -40.61 -8.04 18.53
N ASN A 468 -39.45 -8.47 19.03
CA ASN A 468 -39.06 -9.88 19.09
C ASN A 468 -39.34 -10.68 17.80
N GLY A 469 -39.04 -10.07 16.65
CA GLY A 469 -39.17 -10.76 15.38
C GLY A 469 -40.52 -10.67 14.70
N TYR A 470 -41.45 -9.91 15.29
CA TYR A 470 -42.75 -9.74 14.67
C TYR A 470 -42.83 -8.43 13.92
N ASP A 471 -43.55 -8.45 12.80
CA ASP A 471 -43.77 -7.27 12.00
C ASP A 471 -45.13 -7.41 11.36
N ASN A 472 -45.97 -6.38 11.50
CA ASN A 472 -47.28 -6.39 10.90
C ASN A 472 -48.12 -7.59 11.38
N GLY A 473 -48.00 -7.92 12.66
CA GLY A 473 -48.76 -9.01 13.26
C GLY A 473 -48.24 -10.40 12.94
N GLU A 474 -47.47 -10.50 11.86
CA GLU A 474 -46.92 -11.78 11.40
C GLU A 474 -45.46 -11.95 11.86
N ILE A 475 -45.02 -13.19 12.05
CA ILE A 475 -43.59 -13.49 12.27
C ILE A 475 -42.77 -13.12 11.03
N ALA A 476 -41.70 -12.37 11.24
CA ALA A 476 -40.99 -11.77 10.11
C ALA A 476 -39.48 -12.00 10.17
N SER A 477 -39.02 -12.51 11.31
CA SER A 477 -37.59 -12.66 11.59
C SER A 477 -37.41 -13.65 12.75
N ILE A 478 -36.17 -13.88 13.17
CA ILE A 478 -35.94 -14.72 14.35
C ILE A 478 -36.40 -14.03 15.64
N GLN A 479 -36.68 -14.83 16.67
CA GLN A 479 -37.05 -14.34 18.00
C GLN A 479 -35.84 -14.22 18.91
N THR A 480 -35.33 -13.00 19.10
CA THR A 480 -34.16 -12.85 19.95
CA THR A 480 -34.16 -12.80 19.94
C THR A 480 -34.55 -12.63 21.40
N GLY A 481 -35.85 -12.63 21.67
CA GLY A 481 -36.33 -12.52 23.04
C GLY A 481 -37.20 -11.30 23.28
N ASN A 482 -38.02 -11.38 24.33
CA ASN A 482 -38.79 -10.24 24.78
C ASN A 482 -37.85 -9.10 25.20
N VAL A 483 -38.06 -7.92 24.62
CA VAL A 483 -37.12 -6.82 24.76
C VAL A 483 -37.06 -6.32 26.21
N GLU A 484 -38.18 -6.45 26.92
CA GLU A 484 -38.27 -5.95 28.29
C GLU A 484 -37.58 -6.86 29.30
N SER A 485 -37.06 -8.00 28.85
CA SER A 485 -36.37 -8.91 29.76
C SER A 485 -34.84 -8.81 29.64
N PHE A 486 -34.35 -8.01 28.69
CA PHE A 486 -32.91 -7.78 28.58
C PHE A 486 -32.45 -7.04 29.83
N GLN A 487 -31.33 -7.50 30.39
CA GLN A 487 -30.89 -7.03 31.69
C GLN A 487 -29.68 -6.10 31.59
N SER A 488 -29.04 -6.06 30.44
CA SER A 488 -27.95 -5.12 30.20
C SER A 488 -27.96 -4.63 28.76
N PHE A 489 -27.20 -3.57 28.48
CA PHE A 489 -27.09 -3.07 27.13
C PHE A 489 -26.42 -4.12 26.21
N ASP A 490 -25.45 -4.86 26.77
CA ASP A 490 -24.75 -5.87 25.99
C ASP A 490 -25.66 -7.01 25.54
N GLU A 491 -26.72 -7.28 26.30
CA GLU A 491 -27.72 -8.25 25.89
C GLU A 491 -28.50 -7.73 24.69
N PHE A 492 -28.88 -6.45 24.76
CA PHE A 492 -29.61 -5.82 23.68
C PHE A 492 -28.77 -5.75 22.38
N MET A 493 -27.49 -5.42 22.54
CA MET A 493 -26.55 -5.36 21.42
C MET A 493 -26.46 -6.71 20.72
N GLU A 494 -26.30 -7.76 21.52
CA GLU A 494 -26.23 -9.13 21.04
C GLU A 494 -27.51 -9.51 20.30
N ALA A 495 -28.65 -9.08 20.85
CA ALA A 495 -29.93 -9.30 20.21
C ALA A 495 -29.95 -8.64 18.83
N TYR A 496 -29.42 -7.43 18.75
CA TYR A 496 -29.31 -6.71 17.48
C TYR A 496 -28.36 -7.41 16.51
N ARG A 497 -27.14 -7.71 16.97
CA ARG A 497 -26.17 -8.43 16.17
C ARG A 497 -26.78 -9.67 15.50
N LYS A 498 -27.45 -10.50 16.29
CA LYS A 498 -28.14 -11.69 15.79
C LYS A 498 -29.18 -11.34 14.73
N GLN A 499 -30.08 -10.39 15.04
CA GLN A 499 -31.10 -9.97 14.09
C GLN A 499 -30.44 -9.53 12.78
N MET A 500 -29.32 -8.81 12.89
CA MET A 500 -28.53 -8.38 11.73
C MET A 500 -27.98 -9.58 10.95
N LEU A 501 -27.38 -10.52 11.68
CA LEU A 501 -26.71 -11.67 11.07
C LEU A 501 -27.70 -12.53 10.28
N TYR A 502 -28.83 -12.81 10.90
CA TYR A 502 -29.81 -13.68 10.30
C TYR A 502 -30.30 -13.06 8.98
N ASN A 503 -30.60 -11.77 9.01
CA ASN A 503 -31.11 -11.11 7.82
C ASN A 503 -30.06 -10.81 6.75
N ILE A 504 -28.81 -10.61 7.17
CA ILE A 504 -27.68 -10.54 6.22
C ILE A 504 -27.51 -11.85 5.44
N GLU A 505 -27.61 -12.96 6.15
CA GLU A 505 -27.51 -14.26 5.50
C GLU A 505 -28.64 -14.49 4.49
N LEU A 506 -29.83 -14.01 4.80
CA LEU A 506 -30.91 -14.10 3.83
C LEU A 506 -30.61 -13.23 2.61
N MET A 507 -30.06 -12.02 2.81
CA MET A 507 -29.73 -11.16 1.68
C MET A 507 -28.72 -11.86 0.75
N VAL A 508 -27.71 -12.49 1.36
CA VAL A 508 -26.74 -13.29 0.63
C VAL A 508 -27.42 -14.40 -0.15
N ASN A 509 -28.50 -14.94 0.41
CA ASN A 509 -29.28 -15.94 -0.30
C ASN A 509 -29.98 -15.35 -1.52
N ALA A 510 -30.66 -14.23 -1.33
CA ALA A 510 -31.24 -13.50 -2.46
C ALA A 510 -30.22 -13.21 -3.56
N ASP A 511 -29.08 -12.63 -3.20
CA ASP A 511 -28.09 -12.23 -4.19
C ASP A 511 -27.50 -13.46 -4.89
N ASN A 512 -27.24 -14.52 -4.13
CA ASN A 512 -26.71 -15.73 -4.72
C ASN A 512 -27.69 -16.38 -5.69
N ALA A 513 -28.98 -16.37 -5.36
CA ALA A 513 -30.03 -16.85 -6.26
C ALA A 513 -30.03 -16.11 -7.60
N ILE A 514 -29.95 -14.79 -7.53
CA ILE A 514 -29.92 -13.94 -8.72
C ILE A 514 -28.66 -14.18 -9.56
N ASP A 515 -27.53 -14.33 -8.88
CA ASP A 515 -26.24 -14.67 -9.51
C ASP A 515 -26.35 -15.96 -10.35
N TYR A 516 -26.92 -17.03 -9.79
CA TYR A 516 -27.15 -18.25 -10.60
C TYR A 516 -28.04 -17.97 -11.80
N ALA A 517 -29.03 -17.10 -11.64
CA ALA A 517 -29.94 -16.81 -12.74
C ALA A 517 -29.21 -16.16 -13.91
N HIS A 518 -28.35 -15.19 -13.63
CA HIS A 518 -27.58 -14.55 -14.71
C HIS A 518 -26.56 -15.50 -15.32
N ALA A 519 -25.90 -16.29 -14.49
CA ALA A 519 -24.95 -17.28 -15.00
C ALA A 519 -25.63 -18.24 -15.95
N LYS A 520 -26.86 -18.63 -15.62
CA LYS A 520 -27.51 -19.66 -16.39
C LYS A 520 -28.21 -19.07 -17.62
N LEU A 521 -28.82 -17.91 -17.47
CA LEU A 521 -29.70 -17.45 -18.53
C LEU A 521 -29.14 -16.21 -19.26
N ALA A 522 -28.13 -15.55 -18.72
CA ALA A 522 -27.69 -14.31 -19.32
C ALA A 522 -26.17 -14.10 -19.33
N PRO A 523 -25.41 -15.07 -19.89
CA PRO A 523 -23.98 -14.80 -20.08
C PRO A 523 -23.79 -13.75 -21.18
N LEU A 524 -22.83 -12.85 -21.03
CA LEU A 524 -22.69 -11.74 -21.97
C LEU A 524 -21.38 -11.83 -22.73
N PRO A 525 -21.44 -12.34 -23.97
CA PRO A 525 -20.18 -12.53 -24.69
C PRO A 525 -19.40 -11.23 -24.92
N PHE A 526 -20.08 -10.12 -25.21
CA PHE A 526 -19.30 -8.93 -25.56
C PHE A 526 -18.67 -8.25 -24.35
N GLU A 527 -19.44 -8.05 -23.29
CA GLU A 527 -18.86 -7.50 -22.09
C GLU A 527 -17.71 -8.37 -21.57
N SER A 528 -17.87 -9.69 -21.68
CA SER A 528 -16.89 -10.64 -21.15
C SER A 528 -15.57 -10.57 -21.90
N CYS A 529 -15.60 -10.38 -23.23
CA CYS A 529 -14.36 -10.43 -23.98
C CYS A 529 -13.44 -9.25 -23.64
N LEU A 530 -13.99 -8.24 -22.97
CA LEU A 530 -13.22 -7.05 -22.59
C LEU A 530 -12.85 -7.06 -21.12
N VAL A 531 -12.97 -8.23 -20.48
CA VAL A 531 -12.63 -8.40 -19.06
C VAL A 531 -11.77 -9.66 -18.87
N ASP A 532 -10.58 -9.53 -18.27
CA ASP A 532 -9.72 -10.69 -17.93
C ASP A 532 -10.39 -11.51 -16.82
N ASP A 533 -10.38 -12.85 -16.89
CA ASP A 533 -9.72 -13.67 -17.90
C ASP A 533 -10.70 -14.54 -18.69
N CYS A 534 -11.77 -13.93 -19.16
CA CYS A 534 -12.88 -14.67 -19.73
C CYS A 534 -12.45 -15.48 -20.96
N ILE A 535 -11.73 -14.85 -21.88
CA ILE A 535 -11.29 -15.52 -23.10
C ILE A 535 -10.45 -16.75 -22.79
N LYS A 536 -9.45 -16.56 -21.96
CA LYS A 536 -8.52 -17.63 -21.62
C LYS A 536 -9.22 -18.75 -20.84
N ARG A 537 -10.13 -18.42 -19.92
CA ARG A 537 -10.84 -19.45 -19.17
C ARG A 537 -11.97 -20.07 -19.98
N GLY A 538 -12.32 -19.44 -21.09
CA GLY A 538 -13.43 -19.93 -21.89
C GLY A 538 -14.78 -19.85 -21.20
N MET A 539 -15.02 -18.81 -20.38
CA MET A 539 -16.33 -18.60 -19.77
C MET A 539 -16.61 -17.12 -19.50
N SER A 540 -17.89 -16.80 -19.45
CA SER A 540 -18.32 -15.41 -19.32
C SER A 540 -18.03 -14.85 -17.92
N ALA A 541 -18.12 -13.54 -17.79
CA ALA A 541 -17.91 -12.87 -16.51
C ALA A 541 -19.04 -13.23 -15.57
N GLN A 542 -20.19 -13.53 -16.15
CA GLN A 542 -21.34 -13.94 -15.35
C GLN A 542 -21.13 -15.34 -14.71
N GLU A 543 -20.21 -16.13 -15.26
CA GLU A 543 -19.98 -17.50 -14.76
C GLU A 543 -18.69 -17.68 -13.95
N GLY A 544 -17.88 -16.63 -13.79
CA GLY A 544 -16.62 -16.76 -13.08
C GLY A 544 -15.37 -16.54 -13.93
N GLY A 545 -15.55 -15.98 -15.12
CA GLY A 545 -14.45 -15.72 -16.02
C GLY A 545 -13.50 -14.63 -15.53
N ALA A 546 -14.02 -13.64 -14.81
CA ALA A 546 -13.20 -12.51 -14.37
C ALA A 546 -12.22 -12.93 -13.28
N ILE A 547 -11.08 -12.25 -13.22
CA ILE A 547 -10.06 -12.53 -12.23
C ILE A 547 -10.57 -12.25 -10.81
N TYR A 548 -11.19 -11.10 -10.63
CA TYR A 548 -11.76 -10.71 -9.33
C TYR A 548 -13.28 -10.79 -9.35
N ASN A 549 -13.84 -11.44 -8.34
CA ASN A 549 -15.29 -11.57 -8.25
C ASN A 549 -15.79 -11.18 -6.88
N PHE A 550 -16.68 -10.19 -6.87
CA PHE A 550 -17.25 -9.76 -5.60
C PHE A 550 -18.78 -9.71 -5.72
N THR A 551 -19.40 -9.55 -4.57
CA THR A 551 -20.78 -9.12 -4.49
C THR A 551 -20.79 -8.01 -3.46
N GLY A 552 -21.36 -6.87 -3.81
CA GLY A 552 -21.34 -5.73 -2.91
C GLY A 552 -22.71 -5.17 -2.55
N PRO A 553 -23.24 -5.58 -1.38
CA PRO A 553 -24.52 -5.05 -0.91
C PRO A 553 -24.33 -3.86 0.05
N GLN A 554 -25.27 -2.92 0.03
CA GLN A 554 -25.17 -1.66 0.75
C GLN A 554 -25.97 -1.62 2.03
N GLY A 555 -25.33 -1.22 3.13
CA GLY A 555 -26.01 -1.05 4.40
C GLY A 555 -26.49 0.38 4.58
N PHE A 556 -27.72 0.54 5.07
CA PHE A 556 -28.34 1.86 5.23
C PHE A 556 -28.56 2.19 6.71
N GLY A 557 -28.29 3.43 7.10
CA GLY A 557 -28.76 3.95 8.36
C GLY A 557 -27.80 3.84 9.51
N ILE A 558 -26.50 3.90 9.22
CA ILE A 558 -25.50 3.89 10.30
C ILE A 558 -25.77 4.95 11.38
N ALA A 559 -26.04 6.20 10.96
CA ALA A 559 -26.29 7.28 11.90
C ALA A 559 -27.51 6.97 12.77
N ASN A 560 -28.62 6.64 12.12
CA ASN A 560 -29.84 6.25 12.82
C ASN A 560 -29.65 5.14 13.83
N VAL A 561 -28.82 4.15 13.50
CA VAL A 561 -28.65 2.97 14.35
C VAL A 561 -27.74 3.32 15.51
N ALA A 562 -26.66 4.03 15.20
CA ALA A 562 -25.70 4.48 16.20
C ALA A 562 -26.38 5.30 17.29
N ASP A 563 -27.10 6.35 16.89
CA ASP A 563 -27.78 7.21 17.86
C ASP A 563 -28.85 6.42 18.62
N SER A 564 -29.61 5.58 17.91
CA SER A 564 -30.61 4.72 18.54
C SER A 564 -30.01 3.90 19.68
N LEU A 565 -28.85 3.29 19.42
CA LEU A 565 -28.16 2.48 20.44
C LEU A 565 -27.66 3.31 21.61
N TYR A 566 -27.30 4.56 21.34
CA TYR A 566 -26.86 5.49 22.39
C TYR A 566 -28.04 5.83 23.31
N THR A 567 -29.17 6.19 22.71
CA THR A 567 -30.43 6.35 23.43
C THR A 567 -30.68 5.20 24.36
N ILE A 568 -30.66 4.00 23.80
CA ILE A 568 -30.99 2.81 24.55
C ILE A 568 -29.99 2.61 25.66
N LYS A 569 -28.71 2.72 25.33
CA LYS A 569 -27.66 2.49 26.31
C LYS A 569 -27.79 3.44 27.49
N LYS A 570 -27.96 4.72 27.17
CA LYS A 570 -27.84 5.75 28.17
C LYS A 570 -29.14 6.18 28.81
N LEU A 571 -30.25 6.18 28.07
CA LEU A 571 -31.54 6.51 28.68
C LEU A 571 -32.23 5.33 29.35
N VAL A 572 -32.13 4.14 28.77
CA VAL A 572 -32.82 2.98 29.33
C VAL A 572 -31.97 2.27 30.38
N PHE A 573 -30.73 1.94 30.05
CA PHE A 573 -29.92 1.06 30.92
C PHE A 573 -29.03 1.80 31.94
N GLU A 574 -28.31 2.82 31.51
CA GLU A 574 -27.47 3.53 32.47
C GLU A 574 -28.28 4.49 33.36
N GLU A 575 -28.74 5.60 32.81
CA GLU A 575 -29.42 6.62 33.61
C GLU A 575 -30.81 6.19 34.07
N LYS A 576 -31.37 5.18 33.41
CA LYS A 576 -32.69 4.64 33.74
C LYS A 576 -33.76 5.72 33.85
N ARG A 577 -33.76 6.67 32.92
CA ARG A 577 -34.74 7.74 32.90
C ARG A 577 -35.97 7.29 32.13
N ILE A 578 -35.85 6.16 31.45
CA ILE A 578 -36.91 5.60 30.64
C ILE A 578 -36.89 4.08 30.79
N THR A 579 -38.05 3.44 30.87
CA THR A 579 -38.07 1.98 30.85
C THR A 579 -38.10 1.49 29.40
N MET A 580 -37.60 0.27 29.19
CA MET A 580 -37.61 -0.34 27.87
CA MET A 580 -37.60 -0.34 27.87
C MET A 580 -39.03 -0.37 27.30
N GLY A 581 -39.98 -0.75 28.14
CA GLY A 581 -41.38 -0.82 27.77
C GLY A 581 -41.97 0.47 27.23
N GLU A 582 -41.64 1.60 27.86
CA GLU A 582 -42.26 2.86 27.44
C GLU A 582 -41.54 3.45 26.22
N LEU A 583 -40.25 3.20 26.09
CA LEU A 583 -39.58 3.50 24.82
C LEU A 583 -40.26 2.76 23.65
N LYS A 584 -40.57 1.48 23.85
CA LYS A 584 -41.20 0.67 22.81
C LYS A 584 -42.56 1.19 22.38
N LYS A 585 -43.39 1.55 23.36
CA LYS A 585 -44.71 2.10 23.03
C LYS A 585 -44.56 3.48 22.39
N ALA A 586 -43.57 4.25 22.84
CA ALA A 586 -43.28 5.55 22.23
C ALA A 586 -42.97 5.38 20.74
N LEU A 587 -42.10 4.41 20.45
CA LEU A 587 -41.78 4.07 19.06
C LEU A 587 -43.03 3.66 18.30
N GLU A 588 -43.80 2.76 18.89
CA GLU A 588 -45.08 2.30 18.31
C GLU A 588 -45.99 3.44 17.91
N MET A 589 -46.11 4.43 18.78
CA MET A 589 -47.04 5.54 18.56
C MET A 589 -46.40 6.73 17.84
N ASN A 590 -45.18 6.53 17.33
CA ASN A 590 -44.45 7.56 16.58
C ASN A 590 -44.23 8.82 17.42
N TYR A 591 -43.92 8.61 18.71
CA TYR A 591 -43.67 9.70 19.64
C TYR A 591 -44.90 10.61 19.78
N GLY A 592 -46.05 10.10 19.38
CA GLY A 592 -47.30 10.84 19.45
C GLY A 592 -47.42 11.95 18.42
N LYS A 593 -46.94 11.69 17.21
CA LYS A 593 -46.94 12.71 16.16
C LYS A 593 -47.88 12.35 15.01
N GLY A 594 -48.43 11.14 15.04
CA GLY A 594 -49.38 10.73 14.03
C GLY A 594 -48.82 9.69 13.07
N PRO A 636 -55.74 11.11 22.92
CA PRO A 636 -55.38 10.93 24.33
C PRO A 636 -54.21 11.85 24.70
N GLU A 637 -54.41 12.79 25.61
CA GLU A 637 -53.43 13.85 25.70
C GLU A 637 -52.45 13.81 26.87
N ASP A 638 -52.71 12.99 27.90
CA ASP A 638 -51.66 12.69 28.88
C ASP A 638 -50.46 12.18 28.12
N VAL A 639 -50.76 11.20 27.29
CA VAL A 639 -49.77 10.31 26.77
C VAL A 639 -49.07 10.91 25.56
N ARG A 640 -49.80 11.67 24.75
CA ARG A 640 -49.16 12.32 23.62
C ARG A 640 -48.04 13.19 24.19
N LYS A 641 -48.38 14.06 25.13
CA LYS A 641 -47.39 14.89 25.82
C LYS A 641 -46.29 14.09 26.48
N ARG A 642 -46.65 12.95 27.06
CA ARG A 642 -45.65 12.05 27.65
C ARG A 642 -44.67 11.54 26.57
N TYR A 643 -45.20 11.32 25.37
CA TYR A 643 -44.37 10.87 24.25
C TYR A 643 -43.51 11.99 23.65
N GLU A 644 -44.06 13.21 23.56
CA GLU A 644 -43.27 14.39 23.14
C GLU A 644 -42.13 14.63 24.12
N GLU A 645 -42.41 14.43 25.40
CA GLU A 645 -41.40 14.60 26.44
C GLU A 645 -40.27 13.60 26.23
N ILE A 646 -40.63 12.34 26.01
CA ILE A 646 -39.66 11.29 25.72
C ILE A 646 -38.87 11.64 24.44
N HIS A 647 -39.60 11.95 23.38
CA HIS A 647 -39.01 12.43 22.15
C HIS A 647 -37.97 13.53 22.40
N GLU A 648 -38.31 14.49 23.25
CA GLU A 648 -37.49 15.67 23.39
C GLU A 648 -36.22 15.38 24.20
N MET A 649 -36.29 14.50 25.19
CA MET A 649 -35.06 14.15 25.90
C MET A 649 -34.15 13.27 25.04
N ILE A 650 -34.71 12.62 24.03
CA ILE A 650 -33.91 11.87 23.08
C ILE A 650 -33.18 12.82 22.13
N LEU A 651 -33.86 13.86 21.66
CA LEU A 651 -33.24 14.82 20.74
C LEU A 651 -32.17 15.67 21.41
N GLU A 652 -32.16 15.72 22.74
CA GLU A 652 -31.16 16.52 23.45
C GLU A 652 -29.92 15.70 23.80
N LEU A 653 -29.96 14.40 23.55
CA LEU A 653 -28.77 13.58 23.71
C LEU A 653 -27.72 14.00 22.69
N PRO A 654 -26.44 13.80 23.02
CA PRO A 654 -25.39 14.01 22.02
C PRO A 654 -25.56 13.05 20.83
N LYS A 655 -25.27 13.53 19.62
CA LYS A 655 -25.50 12.74 18.43
C LYS A 655 -24.21 12.49 17.66
N TYR A 656 -24.24 11.41 16.89
CA TYR A 656 -23.18 11.06 15.95
C TYR A 656 -22.89 12.21 14.98
N GLY A 657 -21.61 12.48 14.75
CA GLY A 657 -21.23 13.55 13.85
C GLY A 657 -20.82 14.85 14.53
N ASN A 658 -20.54 14.77 15.83
CA ASN A 658 -20.08 15.92 16.58
C ASN A 658 -18.75 15.64 17.30
N ASP A 659 -18.07 14.57 16.89
CA ASP A 659 -16.78 14.19 17.45
C ASP A 659 -16.88 13.87 18.93
N ILE A 660 -18.00 13.27 19.32
CA ILE A 660 -18.20 12.76 20.68
C ILE A 660 -17.92 11.26 20.77
N ASP A 661 -16.78 10.90 21.35
CA ASP A 661 -16.30 9.52 21.37
C ASP A 661 -17.33 8.48 21.74
N GLU A 662 -18.08 8.72 22.80
CA GLU A 662 -18.97 7.67 23.29
C GLU A 662 -20.15 7.40 22.35
N VAL A 663 -20.54 8.39 21.56
CA VAL A 663 -21.58 8.14 20.59
C VAL A 663 -20.96 7.48 19.37
N ASP A 664 -19.81 8.00 18.94
CA ASP A 664 -19.18 7.56 17.71
C ASP A 664 -18.68 6.12 17.79
N GLU A 665 -18.33 5.65 18.98
CA GLU A 665 -17.86 4.27 19.12
C GLU A 665 -19.01 3.31 18.83
N LEU A 666 -20.24 3.70 19.16
CA LEU A 666 -21.38 2.84 18.85
C LEU A 666 -21.62 2.80 17.34
N ALA A 667 -21.27 3.88 16.64
CA ALA A 667 -21.37 3.91 15.17
C ALA A 667 -20.36 2.95 14.54
N ARG A 668 -19.11 3.05 14.97
CA ARG A 668 -18.06 2.14 14.55
C ARG A 668 -18.45 0.69 14.77
N GLU A 669 -18.96 0.39 15.97
CA GLU A 669 -19.28 -1.00 16.30
C GLU A 669 -20.53 -1.48 15.54
N ALA A 670 -21.52 -0.62 15.39
CA ALA A 670 -22.73 -1.01 14.65
C ALA A 670 -22.43 -1.21 13.17
N ALA A 671 -21.50 -0.45 12.63
CA ALA A 671 -21.07 -0.64 11.26
C ALA A 671 -20.43 -2.02 11.13
N TYR A 672 -19.72 -2.45 12.17
CA TYR A 672 -19.09 -3.77 12.18
C TYR A 672 -20.12 -4.91 12.21
N PHE A 673 -21.31 -4.64 12.72
CA PHE A 673 -22.36 -5.66 12.74
C PHE A 673 -22.86 -5.96 11.32
N TYR A 674 -22.53 -5.10 10.38
CA TYR A 674 -22.89 -5.32 8.98
C TYR A 674 -21.67 -5.71 8.13
N THR A 675 -20.56 -4.99 8.29
CA THR A 675 -19.40 -5.17 7.42
C THR A 675 -18.56 -6.41 7.71
N ARG A 676 -18.54 -6.85 8.96
CA ARG A 676 -17.71 -8.00 9.31
C ARG A 676 -18.31 -9.36 8.93
N PRO A 677 -19.61 -9.59 9.24
CA PRO A 677 -20.19 -10.84 8.74
C PRO A 677 -20.19 -10.94 7.21
N LEU A 678 -20.40 -9.81 6.53
CA LEU A 678 -20.53 -9.85 5.08
C LEU A 678 -19.28 -10.38 4.41
N GLU A 679 -18.11 -9.94 4.87
CA GLU A 679 -16.86 -10.29 4.20
C GLU A 679 -16.54 -11.79 4.32
N THR A 680 -17.37 -12.53 5.05
CA THR A 680 -17.15 -13.97 5.26
C THR A 680 -17.96 -14.86 4.30
N PHE A 681 -18.89 -14.26 3.56
CA PHE A 681 -19.68 -15.06 2.64
C PHE A 681 -19.08 -15.08 1.23
N LYS A 682 -19.38 -16.14 0.48
CA LYS A 682 -18.91 -16.27 -0.90
C LYS A 682 -20.05 -16.26 -1.92
N ASN A 683 -19.71 -15.99 -3.18
CA ASN A 683 -20.71 -16.00 -4.23
C ASN A 683 -20.43 -17.16 -5.20
N PRO A 684 -21.40 -17.48 -6.08
CA PRO A 684 -21.16 -18.64 -6.96
C PRO A 684 -20.10 -18.38 -8.03
N ARG A 685 -19.64 -17.14 -8.20
CA ARG A 685 -18.59 -16.85 -9.19
C ARG A 685 -17.21 -17.11 -8.64
N GLY A 686 -17.15 -17.64 -7.43
CA GLY A 686 -15.90 -18.01 -6.80
C GLY A 686 -15.30 -16.91 -5.94
N GLY A 687 -16.07 -15.85 -5.70
CA GLY A 687 -15.55 -14.67 -5.02
C GLY A 687 -16.17 -14.39 -3.67
N MET A 688 -15.81 -13.25 -3.09
CA MET A 688 -16.24 -12.90 -1.73
C MET A 688 -17.22 -11.74 -1.73
N TYR A 689 -18.10 -11.76 -0.72
CA TYR A 689 -18.89 -10.56 -0.43
C TYR A 689 -18.01 -9.47 0.18
N GLN A 690 -18.43 -8.22 0.01
CA GLN A 690 -17.77 -7.09 0.66
C GLN A 690 -18.81 -5.99 0.83
N ALA A 691 -18.90 -5.46 2.05
CA ALA A 691 -19.92 -4.47 2.36
C ALA A 691 -19.65 -3.12 1.68
N GLY A 692 -20.73 -2.45 1.33
CA GLY A 692 -20.67 -1.06 0.91
C GLY A 692 -21.64 -0.29 1.78
N LEU A 693 -21.50 1.03 1.80
CA LEU A 693 -22.31 1.88 2.65
C LEU A 693 -22.64 3.18 1.91
N TYR A 694 -23.57 3.10 0.98
CA TYR A 694 -23.99 4.27 0.22
C TYR A 694 -25.47 4.13 -0.11
N PRO A 695 -26.19 5.26 -0.23
CA PRO A 695 -27.65 5.25 -0.28
C PRO A 695 -28.32 5.32 -1.67
N VAL A 696 -27.62 5.79 -2.71
CA VAL A 696 -28.27 6.23 -3.94
C VAL A 696 -29.42 7.19 -3.48
N SER A 697 -30.64 7.05 -3.99
CA SER A 697 -31.73 7.82 -3.43
C SER A 697 -32.68 6.92 -2.63
N ALA A 698 -32.21 5.74 -2.26
CA ALA A 698 -33.09 4.74 -1.68
C ALA A 698 -33.28 4.91 -0.16
N ASN A 699 -32.55 5.84 0.43
CA ASN A 699 -32.70 6.10 1.87
C ASN A 699 -34.09 6.66 2.16
N VAL A 700 -34.71 7.23 1.14
CA VAL A 700 -36.04 7.83 1.27
C VAL A 700 -37.13 6.74 1.25
N PRO A 701 -37.23 5.93 0.16
CA PRO A 701 -38.18 4.81 0.25
C PRO A 701 -37.88 3.81 1.36
N LEU A 702 -36.61 3.56 1.69
CA LEU A 702 -36.32 2.62 2.78
C LEU A 702 -36.84 3.18 4.11
N GLY A 703 -36.65 4.48 4.31
CA GLY A 703 -37.17 5.18 5.47
C GLY A 703 -38.69 5.10 5.54
N ALA A 704 -39.35 5.30 4.41
CA ALA A 704 -40.80 5.12 4.32
C ALA A 704 -41.29 3.76 4.87
N GLN A 705 -40.40 2.75 4.86
CA GLN A 705 -40.75 1.40 5.31
C GLN A 705 -40.35 1.11 6.75
N THR A 706 -39.79 2.12 7.41
CA THR A 706 -39.23 2.00 8.74
C THR A 706 -40.05 2.84 9.72
N GLY A 707 -40.52 2.21 10.80
CA GLY A 707 -41.18 2.95 11.86
C GLY A 707 -40.22 3.85 12.61
N ALA A 708 -40.73 4.53 13.64
CA ALA A 708 -39.93 5.42 14.48
C ALA A 708 -38.79 4.69 15.17
N THR A 709 -37.63 5.33 15.24
CA THR A 709 -36.42 4.74 15.83
C THR A 709 -35.97 5.54 17.05
N PRO A 710 -35.24 4.88 17.98
CA PRO A 710 -34.82 5.53 19.24
C PRO A 710 -33.89 6.75 19.09
N ASP A 711 -33.39 7.05 17.91
CA ASP A 711 -32.55 8.23 17.71
C ASP A 711 -33.38 9.51 17.66
N GLY A 712 -34.69 9.36 17.50
CA GLY A 712 -35.57 10.50 17.42
C GLY A 712 -36.24 10.62 16.06
N ARG A 713 -35.78 9.84 15.09
CA ARG A 713 -36.30 9.94 13.74
C ARG A 713 -37.76 9.45 13.75
N LEU A 714 -38.63 10.15 13.03
CA LEU A 714 -40.05 9.80 12.98
C LEU A 714 -40.34 8.70 11.96
N ALA A 715 -41.42 7.97 12.18
CA ALA A 715 -41.81 6.90 11.27
C ALA A 715 -41.96 7.42 9.83
N HIS A 716 -41.58 6.57 8.88
CA HIS A 716 -41.75 6.81 7.45
C HIS A 716 -40.86 7.92 6.88
N THR A 717 -40.02 8.51 7.71
CA THR A 717 -39.11 9.55 7.22
C THR A 717 -37.77 8.93 6.80
N PRO A 718 -37.09 9.57 5.84
CA PRO A 718 -35.84 9.02 5.32
C PRO A 718 -34.86 8.59 6.41
N VAL A 719 -34.14 7.50 6.15
CA VAL A 719 -32.99 7.14 6.97
C VAL A 719 -31.75 7.89 6.46
N ALA A 720 -30.66 7.82 7.19
CA ALA A 720 -29.45 8.55 6.83
C ALA A 720 -28.93 8.18 5.44
N ASP A 721 -28.21 9.11 4.82
CA ASP A 721 -27.59 8.88 3.53
C ASP A 721 -26.10 8.58 3.70
N GLY A 722 -25.73 7.32 3.51
CA GLY A 722 -24.33 6.92 3.57
C GLY A 722 -23.83 6.77 4.98
N VAL A 723 -22.60 7.20 5.23
CA VAL A 723 -22.03 7.03 6.56
C VAL A 723 -22.05 8.33 7.35
N GLY A 724 -22.54 9.41 6.74
CA GLY A 724 -22.55 10.70 7.39
C GLY A 724 -23.64 10.83 8.43
N PRO A 725 -23.59 11.89 9.26
CA PRO A 725 -24.55 12.11 10.36
C PRO A 725 -25.98 12.38 9.87
N THR A 726 -26.96 12.09 10.71
CA THR A 726 -28.34 12.42 10.41
C THR A 726 -28.48 13.95 10.24
N SER A 727 -29.21 14.36 9.20
CA SER A 727 -29.46 15.76 8.91
C SER A 727 -29.95 16.53 10.16
N GLY A 728 -29.24 17.60 10.51
CA GLY A 728 -29.63 18.42 11.65
C GLY A 728 -28.98 18.07 12.98
N PHE A 729 -28.38 16.87 13.04
CA PHE A 729 -27.71 16.38 14.25
C PHE A 729 -26.22 16.77 14.30
N ASP A 730 -25.61 17.01 13.15
CA ASP A 730 -24.23 17.48 13.11
C ASP A 730 -24.25 19.01 13.18
N ILE A 731 -24.02 19.55 14.37
CA ILE A 731 -24.10 20.99 14.58
C ILE A 731 -22.73 21.63 14.90
N SER A 732 -21.64 20.89 14.72
CA SER A 732 -20.32 21.33 15.16
C SER A 732 -19.39 21.68 14.01
N GLY A 733 -19.97 21.91 12.84
CA GLY A 733 -19.17 22.23 11.68
C GLY A 733 -18.59 20.99 11.04
N PRO A 734 -18.03 21.17 9.83
CA PRO A 734 -17.58 20.08 8.95
C PRO A 734 -16.37 19.30 9.48
N THR A 735 -15.45 19.96 10.16
CA THR A 735 -14.24 19.28 10.65
C THR A 735 -14.62 18.23 11.69
N ALA A 736 -15.48 18.63 12.62
CA ALA A 736 -15.99 17.75 13.66
C ALA A 736 -16.79 16.60 13.04
N SER A 737 -17.56 16.94 12.01
CA SER A 737 -18.33 15.94 11.28
C SER A 737 -17.40 14.86 10.70
N CYS A 738 -16.38 15.31 9.98
CA CYS A 738 -15.37 14.43 9.40
C CYS A 738 -14.69 13.56 10.44
N ASN A 739 -14.41 14.12 11.62
CA ASN A 739 -13.75 13.37 12.70
C ASN A 739 -14.58 12.19 13.19
N SER A 740 -15.89 12.40 13.36
CA SER A 740 -16.82 11.32 13.73
C SER A 740 -16.85 10.22 12.69
N VAL A 741 -17.12 10.60 11.45
CA VAL A 741 -17.28 9.64 10.35
C VAL A 741 -16.00 8.85 10.13
N ALA A 742 -14.86 9.49 10.35
CA ALA A 742 -13.56 8.84 10.18
C ALA A 742 -13.28 7.77 11.24
N LYS A 743 -14.12 7.71 12.26
CA LYS A 743 -13.97 6.71 13.31
C LYS A 743 -14.55 5.36 12.91
N LEU A 744 -15.42 5.34 11.90
CA LEU A 744 -15.84 4.09 11.31
C LEU A 744 -14.65 3.42 10.63
N ASP A 745 -14.68 2.10 10.51
CA ASP A 745 -13.72 1.39 9.69
C ASP A 745 -14.23 1.38 8.25
N HIS A 746 -13.64 2.23 7.40
CA HIS A 746 -14.05 2.35 6.00
C HIS A 746 -13.44 1.26 5.10
N ALA A 747 -12.22 0.85 5.42
CA ALA A 747 -11.52 -0.08 4.54
C ALA A 747 -12.21 -1.47 4.48
N ILE A 748 -12.76 -1.91 5.61
CA ILE A 748 -13.44 -3.20 5.62
C ILE A 748 -14.69 -3.16 4.72
N ALA A 749 -15.26 -1.97 4.52
CA ALA A 749 -16.34 -1.78 3.55
C ALA A 749 -15.76 -1.49 2.18
N SER A 750 -15.09 -2.49 1.61
CA SER A 750 -14.30 -2.32 0.40
C SER A 750 -15.14 -2.15 -0.86
N ASN A 751 -16.47 -2.18 -0.71
CA ASN A 751 -17.36 -1.85 -1.82
C ASN A 751 -17.66 -0.36 -1.86
N GLY A 752 -17.16 0.37 -0.87
CA GLY A 752 -17.24 1.83 -0.91
C GLY A 752 -18.18 2.46 0.11
N THR A 753 -17.74 3.58 0.67
CA THR A 753 -18.58 4.35 1.58
C THR A 753 -18.94 5.69 0.97
N LEU A 754 -20.03 6.30 1.42
CA LEU A 754 -20.42 7.61 0.90
C LEU A 754 -20.65 8.62 2.02
N PHE A 755 -19.95 9.74 1.92
CA PHE A 755 -20.09 10.85 2.84
C PHE A 755 -20.56 12.09 2.06
N ASN A 756 -21.84 12.44 2.22
CA ASN A 756 -22.42 13.69 1.71
C ASN A 756 -22.15 14.87 2.63
N MET A 757 -21.88 16.04 2.05
CA MET A 757 -21.86 17.26 2.85
C MET A 757 -22.34 18.46 2.03
N LYS A 758 -23.02 19.41 2.67
CA LYS A 758 -23.58 20.55 1.94
C LYS A 758 -23.03 21.89 2.47
N MET A 759 -22.31 22.62 1.62
CA MET A 759 -21.72 23.91 1.98
C MET A 759 -22.64 25.04 1.57
N HIS A 760 -22.59 26.17 2.28
CA HIS A 760 -23.20 27.37 1.74
C HIS A 760 -22.22 27.91 0.72
N PRO A 761 -22.72 28.51 -0.37
CA PRO A 761 -21.81 28.97 -1.44
C PRO A 761 -20.70 29.96 -1.02
N THR A 762 -20.91 30.75 0.04
CA THR A 762 -19.90 31.74 0.45
C THR A 762 -18.73 31.08 1.14
N ALA A 763 -18.87 29.80 1.49
CA ALA A 763 -17.80 29.03 2.11
C ALA A 763 -16.68 28.73 1.12
N MET A 764 -17.01 28.78 -0.18
CA MET A 764 -16.03 28.46 -1.22
C MET A 764 -15.52 29.70 -1.93
N ALA A 765 -15.98 30.87 -1.50
CA ALA A 765 -15.68 32.13 -2.18
C ALA A 765 -14.18 32.42 -2.22
N GLY A 766 -13.70 32.90 -3.36
CA GLY A 766 -12.31 33.29 -3.51
C GLY A 766 -11.36 32.12 -3.49
N GLU A 767 -10.09 32.39 -3.79
CA GLU A 767 -9.06 31.38 -3.83
C GLU A 767 -8.89 30.74 -2.45
N LYS A 768 -9.04 31.58 -1.42
CA LYS A 768 -8.92 31.14 -0.04
C LYS A 768 -10.02 30.14 0.32
N GLY A 769 -11.21 30.34 -0.24
CA GLY A 769 -12.30 29.40 -0.04
C GLY A 769 -12.00 28.02 -0.65
N LEU A 770 -11.42 28.02 -1.85
CA LEU A 770 -11.11 26.78 -2.53
C LEU A 770 -10.05 26.00 -1.74
N GLU A 771 -9.11 26.73 -1.18
CA GLU A 771 -8.00 26.11 -0.48
C GLU A 771 -8.45 25.54 0.87
N SER A 772 -9.37 26.21 1.54
CA SER A 772 -9.87 25.68 2.82
C SER A 772 -10.74 24.45 2.56
N PHE A 773 -11.51 24.50 1.48
CA PHE A 773 -12.25 23.36 0.97
C PHE A 773 -11.36 22.12 0.79
N ILE A 774 -10.20 22.30 0.18
CA ILE A 774 -9.28 21.19 -0.04
C ILE A 774 -8.73 20.66 1.29
N SER A 775 -8.44 21.58 2.21
CA SER A 775 -7.95 21.22 3.55
C SER A 775 -8.97 20.38 4.30
N LEU A 776 -10.24 20.75 4.17
CA LEU A 776 -11.31 19.99 4.79
C LEU A 776 -11.25 18.54 4.31
N ILE A 777 -11.30 18.36 3.00
CA ILE A 777 -11.16 17.04 2.39
C ILE A 777 -9.88 16.34 2.84
N ARG A 778 -8.74 17.04 2.80
CA ARG A 778 -7.48 16.40 3.17
C ARG A 778 -7.50 15.96 4.65
N GLY A 779 -8.18 16.72 5.50
CA GLY A 779 -8.25 16.38 6.91
C GLY A 779 -9.01 15.08 7.15
N TYR A 780 -10.10 14.89 6.42
CA TYR A 780 -10.87 13.66 6.51
C TYR A 780 -10.09 12.48 5.91
N PHE A 781 -9.42 12.74 4.78
CA PHE A 781 -8.69 11.70 4.08
C PHE A 781 -7.45 11.24 4.88
N ASP A 782 -6.82 12.17 5.60
CA ASP A 782 -5.69 11.83 6.48
C ASP A 782 -6.12 10.92 7.62
N GLN A 783 -7.42 10.88 7.87
CA GLN A 783 -7.99 10.04 8.92
C GLN A 783 -8.64 8.78 8.37
N GLN A 784 -8.25 8.40 7.15
CA GLN A 784 -8.72 7.18 6.45
C GLN A 784 -10.17 7.25 5.99
N GLY A 785 -10.74 8.45 5.94
CA GLY A 785 -12.00 8.66 5.23
C GLY A 785 -11.89 8.32 3.76
N MET A 786 -12.94 7.73 3.18
CA MET A 786 -12.84 7.18 1.83
C MET A 786 -13.28 8.15 0.74
N HIS A 787 -14.37 8.87 0.98
CA HIS A 787 -14.99 9.63 -0.09
C HIS A 787 -15.71 10.84 0.45
N MET A 788 -15.81 11.90 -0.34
CA MET A 788 -16.61 13.07 0.00
C MET A 788 -17.23 13.72 -1.24
N GLN A 789 -18.46 14.21 -1.10
CA GLN A 789 -19.08 14.96 -2.20
C GLN A 789 -20.01 16.06 -1.66
N PHE A 790 -20.09 17.16 -2.41
CA PHE A 790 -20.65 18.39 -1.86
C PHE A 790 -21.77 19.00 -2.69
N ASN A 791 -22.87 19.33 -2.02
CA ASN A 791 -23.79 20.29 -2.58
C ASN A 791 -23.29 21.68 -2.16
N VAL A 792 -23.24 22.60 -3.11
CA VAL A 792 -22.91 23.99 -2.78
C VAL A 792 -24.06 24.83 -3.26
N VAL A 793 -24.97 25.15 -2.35
CA VAL A 793 -26.25 25.71 -2.73
C VAL A 793 -26.88 26.42 -1.55
N ASP A 794 -27.63 27.47 -1.86
CA ASP A 794 -28.36 28.24 -0.85
C ASP A 794 -29.73 27.60 -0.69
N ARG A 795 -30.24 27.54 0.53
CA ARG A 795 -31.50 26.86 0.80
C ARG A 795 -32.69 27.48 0.06
N ALA A 796 -32.66 28.80 -0.07
CA ALA A 796 -33.73 29.55 -0.73
C ALA A 796 -33.81 29.25 -2.24
N THR A 797 -32.66 28.95 -2.85
CA THR A 797 -32.63 28.51 -4.22
C THR A 797 -33.48 27.25 -4.41
N LEU A 798 -33.33 26.27 -3.51
CA LEU A 798 -34.03 25.01 -3.67
C LEU A 798 -35.53 25.20 -3.38
N LEU A 799 -35.85 25.96 -2.35
CA LEU A 799 -37.24 26.28 -2.04
C LEU A 799 -37.91 27.02 -3.18
N ASP A 800 -37.18 27.94 -3.81
CA ASP A 800 -37.71 28.65 -4.95
C ASP A 800 -37.83 27.73 -6.18
N ALA A 801 -36.89 26.80 -6.35
CA ALA A 801 -36.98 25.81 -7.42
C ALA A 801 -38.22 24.91 -7.27
N GLN A 802 -38.61 24.64 -6.03
CA GLN A 802 -39.84 23.90 -5.76
C GLN A 802 -41.09 24.68 -6.12
N ALA A 803 -41.08 25.98 -5.83
CA ALA A 803 -42.24 26.84 -6.06
C ALA A 803 -42.36 27.27 -7.52
N HIS A 804 -41.21 27.45 -8.18
CA HIS A 804 -41.20 27.85 -9.59
C HIS A 804 -40.27 26.96 -10.42
N PRO A 805 -40.63 25.67 -10.58
CA PRO A 805 -39.78 24.72 -11.32
C PRO A 805 -39.44 25.18 -12.73
N GLU A 806 -40.43 25.72 -13.45
CA GLU A 806 -40.24 26.29 -14.79
C GLU A 806 -39.03 27.26 -14.91
N LYS A 807 -38.60 27.83 -13.77
CA LYS A 807 -37.50 28.80 -13.76
C LYS A 807 -36.16 28.18 -13.36
N TYR A 808 -36.17 26.88 -13.05
CA TYR A 808 -34.96 26.20 -12.58
C TYR A 808 -34.78 24.89 -13.34
N SER A 809 -35.14 24.94 -14.61
CA SER A 809 -34.96 23.85 -15.57
C SER A 809 -33.55 23.26 -15.52
N GLY A 810 -32.53 24.12 -15.43
CA GLY A 810 -31.14 23.69 -15.47
C GLY A 810 -30.48 23.44 -14.13
N LEU A 811 -31.24 23.54 -13.04
CA LEU A 811 -30.63 23.44 -11.71
C LEU A 811 -30.25 22.00 -11.35
N ILE A 812 -28.95 21.79 -11.06
CA ILE A 812 -28.42 20.49 -10.70
C ILE A 812 -28.16 20.42 -9.20
N VAL A 813 -28.46 19.27 -8.59
CA VAL A 813 -28.01 19.03 -7.22
C VAL A 813 -27.34 17.68 -7.08
N ARG A 814 -26.52 17.55 -6.05
CA ARG A 814 -25.95 16.27 -5.65
C ARG A 814 -27.00 15.44 -4.87
N VAL A 815 -27.33 14.27 -5.37
CA VAL A 815 -28.19 13.37 -4.61
C VAL A 815 -27.31 12.53 -3.68
N ALA A 816 -26.78 11.42 -4.18
CA ALA A 816 -25.81 10.65 -3.40
C ALA A 816 -24.98 9.78 -4.31
N GLY A 817 -23.74 10.20 -4.57
CA GLY A 817 -22.85 9.46 -5.44
C GLY A 817 -23.22 9.71 -6.89
N TYR A 818 -24.10 10.69 -7.09
CA TYR A 818 -24.50 11.13 -8.42
C TYR A 818 -25.24 12.45 -8.35
N SER A 819 -25.28 13.15 -9.47
CA SER A 819 -26.00 14.41 -9.53
C SER A 819 -27.25 14.25 -10.37
N ALA A 820 -28.21 15.14 -10.19
CA ALA A 820 -29.47 15.06 -10.92
C ALA A 820 -30.05 16.46 -11.09
N LEU A 821 -30.92 16.62 -12.08
CA LEU A 821 -31.69 17.85 -12.23
C LEU A 821 -32.73 17.89 -11.10
N PHE A 822 -32.69 18.98 -10.33
CA PHE A 822 -33.55 19.09 -9.16
C PHE A 822 -35.05 18.90 -9.47
N THR A 823 -35.53 19.54 -10.53
CA THR A 823 -36.96 19.52 -10.80
C THR A 823 -37.46 18.23 -11.46
N THR A 824 -36.54 17.30 -11.76
CA THR A 824 -36.94 15.95 -12.21
C THR A 824 -36.98 14.96 -11.07
N LEU A 825 -36.77 15.46 -9.85
CA LEU A 825 -36.86 14.65 -8.64
C LEU A 825 -38.21 14.87 -7.97
N SER A 826 -38.75 13.81 -7.37
CA SER A 826 -40.01 13.90 -6.64
C SER A 826 -39.88 14.81 -5.44
N LYS A 827 -41.02 15.28 -4.94
CA LYS A 827 -41.03 16.21 -3.83
C LYS A 827 -40.40 15.61 -2.58
N SER A 828 -40.60 14.32 -2.35
CA SER A 828 -40.09 13.73 -1.12
C SER A 828 -38.57 13.68 -1.12
N LEU A 829 -37.99 13.40 -2.30
CA LEU A 829 -36.53 13.38 -2.44
C LEU A 829 -35.95 14.79 -2.43
N GLN A 830 -36.65 15.74 -3.05
CA GLN A 830 -36.32 17.15 -2.91
C GLN A 830 -36.27 17.59 -1.44
N ASP A 831 -37.30 17.20 -0.68
CA ASP A 831 -37.39 17.62 0.72
C ASP A 831 -36.22 17.04 1.51
N ASP A 832 -35.85 15.79 1.21
CA ASP A 832 -34.71 15.16 1.88
C ASP A 832 -33.39 15.89 1.60
N ILE A 833 -33.20 16.31 0.35
CA ILE A 833 -32.02 17.04 -0.04
C ILE A 833 -32.00 18.42 0.62
N ILE A 834 -33.18 19.04 0.69
CA ILE A 834 -33.34 20.37 1.26
C ILE A 834 -33.08 20.37 2.77
N LYS A 835 -33.46 19.31 3.48
CA LYS A 835 -33.31 19.31 4.93
C LYS A 835 -31.89 18.90 5.39
N ARG A 836 -31.04 18.45 4.49
CA ARG A 836 -29.65 18.12 4.84
C ARG A 836 -28.92 19.33 5.43
N THR A 837 -28.04 19.05 6.40
CA THR A 837 -27.35 20.11 7.14
C THR A 837 -26.51 20.98 6.23
N GLU A 838 -26.69 22.30 6.35
CA GLU A 838 -25.87 23.25 5.64
C GLU A 838 -24.74 23.76 6.53
N GLN A 839 -23.50 23.64 6.07
CA GLN A 839 -22.34 24.07 6.87
C GLN A 839 -22.07 25.56 6.69
N TYR B 4 2.04 15.38 22.09
CA TYR B 4 3.44 15.28 22.52
C TYR B 4 4.09 16.63 22.85
N ASP B 5 5.20 16.59 23.61
CA ASP B 5 6.00 17.77 23.96
C ASP B 5 7.36 17.72 23.26
N SER B 6 7.67 18.73 22.47
CA SER B 6 8.86 18.68 21.62
C SER B 6 10.10 19.38 22.19
N THR B 7 9.96 20.09 23.31
CA THR B 7 11.10 20.81 23.88
C THR B 7 12.12 19.81 24.43
N PRO B 8 13.41 19.98 24.07
CA PRO B 8 14.45 19.05 24.51
C PRO B 8 14.63 19.03 26.01
N ILE B 9 14.82 17.83 26.57
CA ILE B 9 14.99 17.67 28.00
C ILE B 9 16.47 17.79 28.32
N ALA B 10 16.80 18.28 29.51
CA ALA B 10 18.19 18.52 29.85
C ALA B 10 18.97 17.23 30.10
N LYS B 11 20.29 17.38 30.06
CA LYS B 11 21.24 16.29 30.08
C LYS B 11 21.88 16.12 31.48
N SER B 12 21.82 14.91 32.03
CA SER B 12 22.44 14.66 33.33
C SER B 12 23.95 14.68 33.23
N ASP B 13 24.58 15.14 34.32
N ASP B 13 24.61 15.16 34.28
CA ASP B 13 26.04 15.16 34.42
CA ASP B 13 26.07 15.18 34.28
C ASP B 13 26.61 13.75 34.34
C ASP B 13 26.62 13.75 34.33
N ARG B 14 25.77 12.78 34.65
CA ARG B 14 26.17 11.37 34.65
C ARG B 14 26.64 10.90 33.28
N ILE B 15 25.98 11.38 32.23
CA ILE B 15 26.18 10.87 30.88
C ILE B 15 27.63 10.96 30.40
N LYS B 16 28.26 12.11 30.57
CA LYS B 16 29.66 12.27 30.14
C LYS B 16 30.62 11.39 30.94
N ARG B 17 30.33 11.20 32.21
CA ARG B 17 31.18 10.32 33.01
C ARG B 17 31.04 8.87 32.54
N LEU B 18 29.84 8.48 32.12
CA LEU B 18 29.60 7.13 31.60
C LEU B 18 30.30 6.93 30.25
N VAL B 19 30.18 7.93 29.38
CA VAL B 19 30.84 7.90 28.07
C VAL B 19 32.35 7.83 28.23
N ASP B 20 32.92 8.73 29.03
CA ASP B 20 34.36 8.75 29.27
C ASP B 20 34.92 7.43 29.81
N HIS B 21 34.13 6.74 30.63
CA HIS B 21 34.54 5.44 31.13
C HIS B 21 34.57 4.36 30.03
N LEU B 22 33.66 4.44 29.05
CA LEU B 22 33.67 3.48 27.94
C LEU B 22 34.98 3.53 27.15
N TYR B 23 35.61 4.70 27.15
CA TYR B 23 36.72 4.94 26.22
C TYR B 23 38.05 5.17 26.90
N ALA B 24 38.12 4.95 28.20
CA ALA B 24 39.37 5.11 28.94
C ALA B 24 40.49 4.19 28.40
N LYS B 25 40.14 2.97 27.99
CA LYS B 25 41.13 2.02 27.46
C LYS B 25 40.69 1.38 26.13
N MET B 26 41.66 0.81 25.41
CA MET B 26 41.38 0.07 24.18
C MET B 26 40.29 -0.98 24.36
N PRO B 27 39.57 -1.26 23.27
CA PRO B 27 38.72 -2.45 23.25
C PRO B 27 39.57 -3.71 23.43
N GLU B 28 39.06 -4.65 24.20
CA GLU B 28 39.83 -5.82 24.57
C GLU B 28 39.06 -7.12 24.28
N ILE B 29 39.74 -8.09 23.70
CA ILE B 29 39.17 -9.42 23.47
C ILE B 29 39.24 -10.25 24.74
N GLU B 30 38.11 -10.83 25.15
CA GLU B 30 38.07 -11.69 26.33
C GLU B 30 37.74 -13.14 25.94
N ALA B 31 38.20 -14.10 26.77
CA ALA B 31 38.15 -15.52 26.44
C ALA B 31 37.06 -16.30 27.18
N ALA B 32 36.37 -15.65 28.10
CA ALA B 32 35.44 -16.33 28.98
C ALA B 32 34.32 -17.07 28.22
N ARG B 33 33.80 -16.47 27.15
CA ARG B 33 32.68 -17.09 26.45
C ARG B 33 33.12 -18.36 25.72
N ALA B 34 34.25 -18.28 25.02
CA ALA B 34 34.84 -19.44 24.34
C ALA B 34 35.02 -20.64 25.30
N GLU B 35 35.56 -20.37 26.48
CA GLU B 35 35.79 -21.42 27.48
C GLU B 35 34.49 -22.05 27.90
N LEU B 36 33.48 -21.20 28.11
CA LEU B 36 32.20 -21.67 28.63
C LEU B 36 31.42 -22.44 27.57
N ILE B 37 31.49 -22.00 26.32
CA ILE B 37 30.77 -22.70 25.27
C ILE B 37 31.46 -24.05 24.99
N THR B 38 32.79 -24.08 25.13
CA THR B 38 33.52 -25.33 24.95
C THR B 38 33.19 -26.31 26.09
N GLU B 39 33.31 -25.83 27.33
CA GLU B 39 32.90 -26.59 28.51
C GLU B 39 31.54 -27.24 28.32
N SER B 40 30.57 -26.45 27.86
CA SER B 40 29.21 -26.96 27.76
C SER B 40 29.02 -27.98 26.63
N PHE B 41 29.53 -27.66 25.44
CA PHE B 41 29.39 -28.55 24.29
C PHE B 41 30.12 -29.89 24.51
N LYS B 42 31.28 -29.85 25.17
CA LYS B 42 32.00 -31.07 25.52
C LYS B 42 31.13 -32.00 26.39
N ALA B 43 30.21 -31.42 27.15
CA ALA B 43 29.41 -32.18 28.09
C ALA B 43 28.03 -32.57 27.53
N THR B 44 27.70 -32.13 26.32
CA THR B 44 26.35 -32.38 25.78
C THR B 44 26.41 -33.13 24.45
N GLU B 45 27.56 -33.72 24.14
CA GLU B 45 27.69 -34.51 22.93
C GLU B 45 26.69 -35.66 22.97
N GLY B 46 26.02 -35.90 21.84
CA GLY B 46 25.00 -36.91 21.76
C GLY B 46 23.59 -36.35 21.94
N GLN B 47 23.48 -35.07 22.27
CA GLN B 47 22.17 -34.46 22.38
C GLN B 47 21.89 -33.70 21.10
N PRO B 48 20.60 -33.44 20.81
CA PRO B 48 20.33 -32.68 19.59
C PRO B 48 20.87 -31.25 19.68
N VAL B 49 21.25 -30.72 18.52
CA VAL B 49 21.99 -29.48 18.42
C VAL B 49 21.31 -28.29 19.12
N VAL B 50 19.98 -28.20 18.97
CA VAL B 50 19.26 -27.06 19.52
C VAL B 50 19.23 -27.14 21.06
N MET B 51 19.21 -28.36 21.59
CA MET B 51 19.34 -28.55 23.04
C MET B 51 20.75 -28.17 23.52
N ARG B 52 21.77 -28.55 22.76
CA ARG B 52 23.15 -28.20 23.10
C ARG B 52 23.35 -26.68 23.10
N LYS B 53 22.75 -26.00 22.12
CA LYS B 53 22.80 -24.53 22.08
C LYS B 53 22.11 -23.93 23.30
N ALA B 54 20.97 -24.50 23.69
CA ALA B 54 20.24 -24.02 24.86
C ALA B 54 21.08 -24.18 26.12
N ARG B 55 21.65 -25.37 26.27
CA ARG B 55 22.50 -25.67 27.42
C ARG B 55 23.75 -24.78 27.46
N ALA B 56 24.34 -24.49 26.30
CA ALA B 56 25.54 -23.66 26.27
C ALA B 56 25.19 -22.22 26.63
N PHE B 57 24.15 -21.70 26.01
CA PHE B 57 23.60 -20.39 26.36
C PHE B 57 23.36 -20.32 27.87
N GLU B 58 22.78 -21.38 28.43
CA GLU B 58 22.54 -21.48 29.87
C GLU B 58 23.84 -21.44 30.66
N HIS B 59 24.82 -22.22 30.22
CA HIS B 59 26.08 -22.28 30.93
C HIS B 59 26.84 -20.93 30.87
N ILE B 60 26.75 -20.25 29.74
CA ILE B 60 27.42 -18.96 29.55
C ILE B 60 26.78 -17.92 30.46
N LEU B 61 25.45 -17.82 30.42
CA LEU B 61 24.75 -16.80 31.20
C LEU B 61 24.82 -17.03 32.72
N LYS B 62 25.08 -18.27 33.13
CA LYS B 62 25.20 -18.56 34.55
C LYS B 62 26.59 -18.19 35.05
N ASN B 63 27.59 -18.31 34.20
CA ASN B 63 28.98 -18.17 34.64
C ASN B 63 29.81 -17.03 34.05
N LEU B 64 29.27 -16.31 33.07
CA LEU B 64 29.99 -15.21 32.47
C LEU B 64 30.26 -14.16 33.54
N PRO B 65 31.51 -13.69 33.63
CA PRO B 65 31.74 -12.57 34.57
C PRO B 65 30.81 -11.40 34.26
N ILE B 66 30.21 -10.83 35.30
CA ILE B 66 29.39 -9.67 35.14
C ILE B 66 30.02 -8.51 35.91
N ILE B 67 29.49 -7.32 35.71
CA ILE B 67 30.02 -6.13 36.37
C ILE B 67 29.00 -5.04 36.26
N ILE B 68 28.89 -4.23 37.29
CA ILE B 68 28.13 -3.02 37.20
C ILE B 68 29.12 -1.88 37.08
N ARG B 69 29.07 -1.14 35.98
CA ARG B 69 30.03 -0.05 35.79
C ARG B 69 29.65 1.13 36.67
N PRO B 70 30.64 1.92 37.11
CA PRO B 70 30.39 3.08 38.00
C PRO B 70 29.26 3.97 37.47
N GLU B 71 28.28 4.21 38.33
CA GLU B 71 27.21 5.18 38.08
C GLU B 71 26.16 4.72 37.08
N GLU B 72 26.26 3.49 36.62
CA GLU B 72 25.28 2.94 35.69
C GLU B 72 23.90 2.87 36.30
N LEU B 73 22.90 3.24 35.52
CA LEU B 73 21.50 3.07 35.93
C LEU B 73 20.91 1.82 35.28
N ILE B 74 21.22 1.62 34.00
CA ILE B 74 20.88 0.39 33.30
C ILE B 74 22.12 -0.51 33.30
N VAL B 75 21.97 -1.74 33.77
CA VAL B 75 23.10 -2.65 33.92
C VAL B 75 23.03 -3.82 32.94
N GLY B 76 24.17 -4.44 32.70
CA GLY B 76 24.28 -5.53 31.74
C GLY B 76 25.50 -5.34 30.86
N SER B 77 26.61 -5.97 31.25
CA SER B 77 27.83 -5.92 30.45
C SER B 77 28.27 -7.33 30.04
N THR B 78 28.75 -7.44 28.81
CA THR B 78 29.12 -8.72 28.22
C THR B 78 30.60 -9.01 28.48
N THR B 79 31.39 -7.95 28.57
CA THR B 79 32.81 -8.08 28.85
C THR B 79 33.17 -7.26 30.09
N ILE B 80 34.24 -7.64 30.79
CA ILE B 80 34.67 -6.81 31.91
C ILE B 80 35.21 -5.47 31.38
N ALA B 81 36.08 -5.54 30.37
CA ALA B 81 36.56 -4.33 29.69
C ALA B 81 35.43 -3.64 28.91
N PRO B 82 35.24 -2.34 29.14
CA PRO B 82 34.19 -1.66 28.36
C PRO B 82 34.56 -1.70 26.88
N ARG B 83 33.54 -1.85 26.03
CA ARG B 83 33.72 -1.92 24.57
CA ARG B 83 33.71 -1.94 24.58
C ARG B 83 34.60 -3.10 24.17
N GLY B 84 34.67 -4.11 25.03
CA GLY B 84 35.39 -5.33 24.71
C GLY B 84 34.47 -6.26 23.93
N CYS B 85 34.99 -7.42 23.57
CA CYS B 85 34.16 -8.44 22.95
C CYS B 85 34.52 -9.78 23.50
N GLN B 86 33.55 -10.70 23.46
CA GLN B 86 33.87 -12.10 23.66
C GLN B 86 34.24 -12.66 22.29
N THR B 87 34.46 -13.96 22.20
CA THR B 87 34.70 -14.62 20.91
C THR B 87 33.68 -15.73 20.71
N TYR B 88 33.58 -16.18 19.45
CA TYR B 88 32.51 -17.06 19.04
C TYR B 88 33.09 -18.16 18.16
N PRO B 89 33.81 -19.11 18.80
CA PRO B 89 34.48 -20.20 18.08
C PRO B 89 33.54 -21.13 17.33
N GLU B 90 32.25 -21.11 17.66
CA GLU B 90 31.32 -22.01 17.00
C GLU B 90 31.11 -21.65 15.52
N PHE B 91 31.42 -20.40 15.16
CA PHE B 91 31.37 -19.98 13.76
C PHE B 91 32.74 -20.05 13.09
N SER B 92 33.76 -19.53 13.75
CA SER B 92 35.14 -19.57 13.25
C SER B 92 36.07 -19.09 14.36
N TYR B 93 37.35 -19.41 14.25
CA TYR B 93 38.31 -18.94 15.26
C TYR B 93 39.74 -18.82 14.67
N GLU B 94 40.01 -19.53 13.59
CA GLU B 94 41.36 -19.59 13.02
C GLU B 94 41.87 -18.25 12.53
N TRP B 95 40.97 -17.40 12.04
CA TRP B 95 41.36 -16.07 11.65
C TRP B 95 41.91 -15.31 12.86
N LEU B 96 41.32 -15.55 14.02
CA LEU B 96 41.68 -14.81 15.23
C LEU B 96 43.06 -15.22 15.75
N GLU B 97 43.26 -16.53 15.89
CA GLU B 97 44.55 -17.08 16.25
C GLU B 97 45.66 -16.59 15.30
N ALA B 98 45.31 -16.43 14.03
CA ALA B 98 46.28 -15.94 13.05
C ALA B 98 46.64 -14.47 13.32
N GLU B 99 45.79 -13.76 14.06
CA GLU B 99 45.97 -12.33 14.26
C GLU B 99 46.38 -12.00 15.69
N PHE B 100 46.75 -13.02 16.45
CA PHE B 100 47.10 -12.81 17.86
C PHE B 100 48.18 -11.73 18.03
N GLU B 101 49.18 -11.74 17.14
CA GLU B 101 50.32 -10.84 17.28
C GLU B 101 50.12 -9.46 16.68
N THR B 102 49.08 -9.29 15.87
CA THR B 102 48.94 -8.07 15.07
C THR B 102 47.65 -7.29 15.36
N VAL B 103 46.68 -7.93 16.02
CA VAL B 103 45.37 -7.32 16.19
C VAL B 103 45.40 -6.06 17.07
N GLU B 104 46.43 -5.92 17.90
CA GLU B 104 46.52 -4.75 18.75
C GLU B 104 46.89 -3.49 17.94
N THR B 105 47.59 -3.67 16.83
CA THR B 105 48.10 -2.54 16.04
C THR B 105 47.65 -2.56 14.58
N ARG B 106 46.62 -3.33 14.27
CA ARG B 106 46.15 -3.40 12.89
C ARG B 106 45.40 -2.10 12.55
N SER B 107 45.25 -1.80 11.27
CA SER B 107 44.78 -0.48 10.85
C SER B 107 43.26 -0.27 10.96
N ALA B 108 42.50 -1.36 10.87
CA ALA B 108 41.03 -1.28 11.02
C ALA B 108 40.58 -1.97 12.30
N ASP B 109 40.02 -1.20 13.22
CA ASP B 109 39.41 -1.74 14.44
C ASP B 109 40.33 -2.62 15.30
N PRO B 110 41.43 -2.06 15.82
CA PRO B 110 42.33 -2.86 16.65
C PRO B 110 41.71 -3.26 17.99
N PHE B 111 42.19 -4.35 18.57
CA PHE B 111 41.75 -4.81 19.89
C PHE B 111 42.96 -5.22 20.70
N TYR B 112 42.93 -4.97 22.00
CA TYR B 112 43.96 -5.51 22.87
C TYR B 112 43.65 -6.98 23.19
N ILE B 113 44.68 -7.80 23.29
CA ILE B 113 44.52 -9.18 23.75
C ILE B 113 45.74 -9.56 24.62
N SER B 114 45.47 -9.91 25.88
CA SER B 114 46.54 -10.24 26.81
C SER B 114 47.16 -11.57 26.44
N GLU B 115 48.35 -11.86 26.98
CA GLU B 115 49.01 -13.13 26.73
C GLU B 115 48.21 -14.30 27.33
N GLU B 116 47.66 -14.09 28.52
N GLU B 116 47.67 -14.08 28.53
CA GLU B 116 46.82 -15.09 29.17
CA GLU B 116 46.79 -15.04 29.18
C GLU B 116 45.55 -15.40 28.34
C GLU B 116 45.58 -15.39 28.32
N THR B 117 44.98 -14.38 27.72
CA THR B 117 43.80 -14.57 26.86
C THR B 117 44.14 -15.40 25.62
N LYS B 118 45.29 -15.13 25.01
CA LYS B 118 45.75 -15.95 23.89
C LYS B 118 45.85 -17.44 24.27
N LYS B 119 46.42 -17.70 25.44
CA LYS B 119 46.57 -19.08 25.90
C LYS B 119 45.21 -19.72 26.13
N ARG B 120 44.33 -18.98 26.79
CA ARG B 120 43.00 -19.49 27.09
C ARG B 120 42.21 -19.78 25.81
N LEU B 121 42.32 -18.87 24.83
CA LEU B 121 41.61 -19.04 23.57
C LEU B 121 42.12 -20.25 22.80
N LEU B 122 43.45 -20.42 22.78
CA LEU B 122 44.05 -21.56 22.08
C LEU B 122 43.55 -22.88 22.63
N ALA B 123 43.40 -22.95 23.96
CA ALA B 123 42.96 -24.19 24.60
C ALA B 123 41.48 -24.44 24.28
N ALA B 124 40.66 -23.40 24.42
CA ALA B 124 39.23 -23.51 24.16
C ALA B 124 38.93 -23.81 22.68
N ASP B 125 39.65 -23.13 21.78
CA ASP B 125 39.43 -23.25 20.34
C ASP B 125 39.63 -24.66 19.78
N ALA B 126 40.61 -25.39 20.33
CA ALA B 126 41.05 -26.68 19.76
C ALA B 126 39.89 -27.68 19.58
N TYR B 127 38.93 -27.65 20.49
CA TYR B 127 37.72 -28.44 20.37
C TYR B 127 36.91 -28.15 19.10
N TRP B 128 36.92 -26.89 18.68
CA TRP B 128 36.01 -26.43 17.61
C TRP B 128 36.54 -26.71 16.23
N LYS B 129 37.79 -27.19 16.14
CA LYS B 129 38.33 -27.63 14.88
C LYS B 129 37.41 -28.70 14.29
N GLY B 130 36.89 -28.42 13.10
CA GLY B 130 36.02 -29.37 12.43
C GLY B 130 34.57 -29.33 12.88
N LYS B 131 34.23 -28.45 13.82
CA LYS B 131 32.86 -28.34 14.31
C LYS B 131 32.18 -27.00 13.98
N THR B 132 32.87 -26.12 13.27
CA THR B 132 32.38 -24.77 13.04
C THR B 132 31.39 -24.66 11.87
N THR B 133 30.57 -23.62 11.89
CA THR B 133 29.66 -23.37 10.77
C THR B 133 30.45 -23.04 9.52
N SER B 134 31.55 -22.30 9.68
CA SER B 134 32.35 -21.90 8.53
C SER B 134 32.93 -23.11 7.78
N GLU B 135 33.42 -24.11 8.50
CA GLU B 135 33.95 -25.32 7.85
C GLU B 135 32.86 -26.05 7.05
N LEU B 136 31.68 -26.20 7.65
CA LEU B 136 30.60 -26.89 6.98
C LEU B 136 30.14 -26.10 5.75
N ALA B 137 29.98 -24.79 5.88
CA ALA B 137 29.57 -23.94 4.77
C ALA B 137 30.53 -24.13 3.59
N THR B 138 31.82 -24.03 3.87
CA THR B 138 32.85 -24.29 2.86
C THR B 138 32.61 -25.59 2.11
N SER B 139 32.37 -26.67 2.85
N SER B 139 32.37 -26.67 2.85
CA SER B 139 32.21 -27.99 2.22
CA SER B 139 32.21 -27.98 2.23
C SER B 139 30.95 -28.05 1.37
C SER B 139 30.96 -28.04 1.36
N TYR B 140 30.02 -27.12 1.60
CA TYR B 140 28.78 -27.08 0.83
C TYR B 140 28.82 -26.19 -0.43
N MET B 141 29.90 -25.41 -0.60
CA MET B 141 30.03 -24.51 -1.74
C MET B 141 30.62 -25.20 -2.98
N ALA B 142 30.13 -24.87 -4.16
CA ALA B 142 30.69 -25.42 -5.40
C ALA B 142 32.12 -24.91 -5.63
N PRO B 143 32.95 -25.68 -6.37
CA PRO B 143 34.29 -25.22 -6.76
C PRO B 143 34.24 -23.89 -7.53
N GLU B 144 33.25 -23.71 -8.40
CA GLU B 144 33.10 -22.43 -9.13
C GLU B 144 32.83 -21.28 -8.18
N THR B 145 32.09 -21.57 -7.10
CA THR B 145 31.76 -20.54 -6.13
C THR B 145 33.01 -20.09 -5.39
N LEU B 146 33.86 -21.05 -5.03
CA LEU B 146 35.13 -20.75 -4.37
C LEU B 146 36.07 -19.95 -5.27
N ARG B 147 36.03 -20.23 -6.58
CA ARG B 147 36.85 -19.52 -7.54
C ARG B 147 36.40 -18.08 -7.67
N ALA B 148 35.09 -17.88 -7.81
CA ALA B 148 34.54 -16.53 -7.93
C ALA B 148 34.86 -15.73 -6.67
N MET B 149 34.90 -16.39 -5.52
CA MET B 149 35.26 -15.71 -4.28
C MET B 149 36.75 -15.40 -4.22
N LYS B 150 37.58 -16.31 -4.74
CA LYS B 150 39.02 -16.07 -4.83
C LYS B 150 39.33 -14.84 -5.68
N HIS B 151 38.51 -14.61 -6.71
CA HIS B 151 38.72 -13.49 -7.62
C HIS B 151 37.90 -12.26 -7.24
N ASN B 152 37.36 -12.29 -6.03
CA ASN B 152 36.70 -11.13 -5.44
C ASN B 152 35.52 -10.58 -6.23
N PHE B 153 34.77 -11.45 -6.89
CA PHE B 153 33.49 -11.04 -7.49
C PHE B 153 32.47 -10.65 -6.40
N PHE B 154 32.52 -11.35 -5.27
CA PHE B 154 31.65 -11.07 -4.15
C PHE B 154 32.30 -11.65 -2.89
N THR B 155 31.79 -11.28 -1.73
CA THR B 155 32.22 -11.95 -0.50
C THR B 155 31.06 -12.13 0.47
N PRO B 156 30.85 -13.38 0.90
CA PRO B 156 29.85 -13.74 1.89
C PRO B 156 30.45 -13.88 3.30
N GLY B 157 31.56 -13.19 3.57
CA GLY B 157 32.28 -13.31 4.84
C GLY B 157 31.45 -13.11 6.09
N ASN B 158 30.42 -12.27 6.01
CA ASN B 158 29.68 -11.82 7.19
C ASN B 158 29.06 -12.95 8.01
N TYR B 159 28.21 -13.75 7.39
CA TYR B 159 27.62 -14.88 8.08
C TYR B 159 28.52 -16.12 7.98
N PHE B 160 29.65 -16.00 7.28
CA PHE B 160 30.60 -17.09 7.16
C PHE B 160 31.45 -17.20 8.42
N TYR B 161 32.02 -16.07 8.85
CA TYR B 161 32.90 -16.00 10.02
C TYR B 161 32.18 -15.87 11.37
N ASN B 162 30.94 -15.42 11.35
CA ASN B 162 30.25 -15.10 12.59
C ASN B 162 28.74 -15.26 12.44
N GLY B 163 27.97 -14.89 13.46
CA GLY B 163 26.54 -15.18 13.47
C GLY B 163 25.75 -14.38 12.46
N VAL B 164 24.43 -14.59 12.40
CA VAL B 164 23.60 -13.86 11.44
C VAL B 164 23.02 -12.56 12.02
N GLY B 165 22.12 -12.69 12.98
CA GLY B 165 21.50 -11.53 13.60
C GLY B 165 20.56 -10.86 12.60
N HIS B 166 20.74 -9.56 12.41
CA HIS B 166 19.95 -8.81 11.44
C HIS B 166 18.48 -9.01 11.60
N VAL B 167 17.98 -8.70 12.78
CA VAL B 167 16.60 -8.99 13.14
C VAL B 167 16.11 -7.98 14.16
N THR B 168 14.81 -7.65 14.09
CA THR B 168 14.15 -6.98 15.18
C THR B 168 13.20 -7.97 15.87
N VAL B 169 13.54 -8.40 17.08
CA VAL B 169 12.68 -9.32 17.77
C VAL B 169 11.48 -8.60 18.41
N GLN B 170 10.58 -9.37 19.01
CA GLN B 170 9.43 -8.85 19.73
C GLN B 170 9.76 -8.37 21.14
N TYR B 171 10.59 -7.33 21.22
CA TYR B 171 10.78 -6.57 22.48
C TYR B 171 9.46 -6.27 23.21
N GLU B 172 8.47 -5.78 22.47
CA GLU B 172 7.18 -5.43 23.07
C GLU B 172 6.49 -6.64 23.70
N THR B 173 6.80 -7.85 23.23
CA THR B 173 6.25 -9.06 23.82
C THR B 173 6.94 -9.36 25.15
N VAL B 174 8.26 -9.22 25.19
CA VAL B 174 8.96 -9.37 26.46
C VAL B 174 8.49 -8.34 27.47
N LEU B 175 8.24 -7.10 27.02
CA LEU B 175 7.81 -6.03 27.91
C LEU B 175 6.38 -6.26 28.42
N ALA B 176 5.50 -6.72 27.54
CA ALA B 176 4.10 -6.94 27.86
C ALA B 176 3.79 -8.20 28.71
N ILE B 177 4.44 -9.33 28.43
CA ILE B 177 4.12 -10.56 29.19
C ILE B 177 5.31 -11.18 29.89
N GLY B 178 6.51 -10.67 29.62
CA GLY B 178 7.69 -11.14 30.30
C GLY B 178 8.12 -12.47 29.73
N LEU B 179 9.36 -12.88 30.02
CA LEU B 179 9.82 -14.20 29.63
C LEU B 179 8.98 -15.28 30.31
N ASN B 180 8.44 -14.94 31.47
CA ASN B 180 7.54 -15.87 32.15
C ASN B 180 6.32 -16.16 31.28
N GLY B 181 5.80 -15.12 30.63
CA GLY B 181 4.69 -15.28 29.71
C GLY B 181 5.06 -16.03 28.44
N VAL B 182 6.30 -15.85 27.99
CA VAL B 182 6.82 -16.56 26.83
C VAL B 182 6.88 -18.05 27.12
N LYS B 183 7.39 -18.42 28.29
CA LYS B 183 7.44 -19.82 28.73
C LYS B 183 6.04 -20.41 28.76
N GLU B 184 5.09 -19.61 29.21
CA GLU B 184 3.70 -20.01 29.25
C GLU B 184 3.18 -20.27 27.84
N LYS B 185 3.51 -19.38 26.92
CA LYS B 185 3.18 -19.56 25.51
C LYS B 185 3.78 -20.86 24.97
N VAL B 186 4.99 -21.18 25.40
CA VAL B 186 5.62 -22.42 24.95
C VAL B 186 4.93 -23.66 25.54
N ARG B 187 4.66 -23.62 26.84
N ARG B 187 4.66 -23.63 26.84
CA ARG B 187 4.05 -24.74 27.55
CA ARG B 187 4.06 -24.78 27.52
C ARG B 187 2.67 -25.03 26.99
C ARG B 187 2.63 -25.03 27.04
N LYS B 188 1.98 -23.97 26.57
CA LYS B 188 0.67 -24.10 25.97
C LYS B 188 0.77 -24.82 24.62
N GLU B 189 1.77 -24.43 23.81
CA GLU B 189 2.00 -25.08 22.54
C GLU B 189 2.40 -26.57 22.71
N MET B 190 3.10 -26.88 23.80
CA MET B 190 3.50 -28.25 24.12
C MET B 190 2.29 -29.15 24.29
N GLU B 191 1.18 -28.58 24.76
CA GLU B 191 -0.05 -29.34 24.95
C GLU B 191 -0.74 -29.66 23.63
N ASN B 192 -0.31 -28.99 22.55
CA ASN B 192 -0.73 -29.37 21.22
C ASN B 192 0.04 -30.57 20.67
N CYS B 193 1.14 -30.93 21.33
CA CYS B 193 2.00 -31.99 20.82
C CYS B 193 1.70 -33.31 21.49
N HIS B 194 1.50 -34.33 20.66
CA HIS B 194 1.22 -35.67 21.17
C HIS B 194 2.38 -36.61 20.85
N PHE B 195 2.67 -37.50 21.80
CA PHE B 195 3.77 -38.44 21.73
C PHE B 195 3.98 -39.08 20.36
N GLY B 196 2.88 -39.42 19.67
CA GLY B 196 2.97 -40.08 18.38
C GLY B 196 3.05 -39.19 17.15
N ASP B 197 2.95 -37.87 17.33
CA ASP B 197 3.09 -36.97 16.18
C ASP B 197 4.45 -37.20 15.52
N ALA B 198 4.49 -37.14 14.20
CA ALA B 198 5.73 -37.39 13.47
C ALA B 198 6.83 -36.38 13.81
N ASP B 199 6.43 -35.19 14.25
CA ASP B 199 7.38 -34.13 14.58
C ASP B 199 7.55 -33.89 16.08
N TYR B 200 7.06 -34.82 16.91
CA TYR B 200 7.11 -34.62 18.36
C TYR B 200 8.54 -34.45 18.87
N SER B 201 9.45 -35.35 18.49
CA SER B 201 10.83 -35.31 19.01
C SER B 201 11.50 -33.95 18.74
N THR B 202 11.44 -33.50 17.51
CA THR B 202 12.11 -32.26 17.14
C THR B 202 11.38 -31.04 17.68
N LYS B 203 10.05 -31.03 17.64
CA LYS B 203 9.29 -29.89 18.13
C LYS B 203 9.45 -29.75 19.66
N MET B 204 9.34 -30.86 20.38
CA MET B 204 9.44 -30.79 21.84
C MET B 204 10.84 -30.42 22.29
N CYS B 205 11.85 -31.01 21.66
CA CYS B 205 13.22 -30.63 21.94
C CYS B 205 13.43 -29.13 21.69
N PHE B 206 12.85 -28.61 20.62
CA PHE B 206 12.99 -27.19 20.34
C PHE B 206 12.29 -26.35 21.44
N LEU B 207 11.09 -26.77 21.81
CA LEU B 207 10.33 -26.04 22.82
C LEU B 207 10.94 -26.16 24.22
N GLU B 208 11.49 -27.32 24.58
CA GLU B 208 12.22 -27.45 25.84
C GLU B 208 13.42 -26.52 25.86
N SER B 209 14.03 -26.36 24.69
CA SER B 209 15.23 -25.53 24.58
C SER B 209 14.90 -24.08 24.80
N ILE B 210 13.71 -23.66 24.38
CA ILE B 210 13.27 -22.29 24.61
C ILE B 210 13.13 -22.06 26.11
N LEU B 211 12.61 -23.06 26.80
CA LEU B 211 12.38 -22.97 28.24
C LEU B 211 13.71 -22.77 28.96
N ILE B 212 14.65 -23.64 28.65
CA ILE B 212 16.00 -23.53 29.19
C ILE B 212 16.61 -22.17 28.87
N SER B 213 16.42 -21.69 27.64
CA SER B 213 17.01 -20.41 27.23
C SER B 213 16.40 -19.24 28.01
N CYS B 214 15.08 -19.27 28.19
CA CYS B 214 14.37 -18.21 28.93
C CYS B 214 14.77 -18.16 30.41
N ASP B 215 14.88 -19.34 31.03
CA ASP B 215 15.31 -19.44 32.42
C ASP B 215 16.74 -18.89 32.58
N ALA B 216 17.60 -19.13 31.60
CA ALA B 216 18.98 -18.65 31.66
C ALA B 216 19.02 -17.13 31.71
N VAL B 217 18.19 -16.49 30.90
CA VAL B 217 18.13 -15.05 30.86
C VAL B 217 17.55 -14.49 32.16
N ILE B 218 16.58 -15.20 32.75
CA ILE B 218 16.03 -14.80 34.04
C ILE B 218 17.10 -14.94 35.13
N THR B 219 17.79 -16.09 35.14
CA THR B 219 18.97 -16.28 35.98
C THR B 219 20.00 -15.17 35.81
N TYR B 220 20.25 -14.78 34.57
CA TYR B 220 21.24 -13.75 34.27
C TYR B 220 20.88 -12.42 34.93
N ALA B 221 19.64 -11.98 34.76
CA ALA B 221 19.20 -10.73 35.36
C ALA B 221 19.30 -10.80 36.88
N ASN B 222 19.01 -11.98 37.44
CA ASN B 222 19.03 -12.16 38.88
C ASN B 222 20.45 -12.13 39.45
N ARG B 223 21.45 -12.46 38.64
CA ARG B 223 22.83 -12.34 39.10
C ARG B 223 23.16 -10.87 39.31
N TYR B 224 22.60 -10.03 38.45
CA TYR B 224 22.81 -8.60 38.53
C TYR B 224 22.08 -8.01 39.73
N ALA B 225 20.90 -8.53 40.04
CA ALA B 225 20.15 -8.06 41.21
C ALA B 225 20.94 -8.34 42.49
N LYS B 226 21.56 -9.50 42.54
CA LYS B 226 22.32 -9.92 43.71
C LYS B 226 23.59 -9.09 43.85
N MET B 227 24.26 -8.84 42.74
CA MET B 227 25.46 -8.03 42.77
C MET B 227 25.13 -6.60 43.18
N ALA B 228 24.05 -6.07 42.65
CA ALA B 228 23.62 -4.73 43.01
C ALA B 228 23.42 -4.64 44.53
N GLU B 229 22.74 -5.63 45.11
CA GLU B 229 22.51 -5.65 46.56
C GLU B 229 23.81 -5.68 47.35
N GLU B 230 24.78 -6.44 46.86
CA GLU B 230 26.07 -6.54 47.53
C GLU B 230 26.84 -5.24 47.47
N MET B 231 26.92 -4.66 46.26
CA MET B 231 27.57 -3.37 46.12
C MET B 231 26.88 -2.34 47.02
N ALA B 232 25.55 -2.44 47.15
CA ALA B 232 24.77 -1.46 47.89
C ALA B 232 25.03 -1.53 49.39
N GLU B 233 25.58 -2.65 49.83
CA GLU B 233 25.95 -2.82 51.22
C GLU B 233 27.26 -2.11 51.53
N LYS B 234 28.11 -1.95 50.53
CA LYS B 234 29.43 -1.39 50.76
C LYS B 234 29.59 -0.04 50.07
N GLU B 235 28.47 0.52 49.64
CA GLU B 235 28.45 1.82 48.97
C GLU B 235 28.21 2.96 49.98
N THR B 236 29.19 3.85 50.12
CA THR B 236 29.09 4.92 51.12
C THR B 236 28.36 6.18 50.64
N ASP B 237 28.26 6.38 49.32
CA ASP B 237 27.46 7.49 48.81
C ASP B 237 25.99 7.13 48.91
N ALA B 238 25.25 7.87 49.72
CA ALA B 238 23.88 7.51 49.98
C ALA B 238 23.01 7.49 48.73
N ALA B 239 23.28 8.38 47.77
CA ALA B 239 22.42 8.49 46.61
C ALA B 239 22.66 7.33 45.64
N ARG B 240 23.93 7.00 45.43
CA ARG B 240 24.31 5.85 44.63
C ARG B 240 23.74 4.57 45.25
N ARG B 241 23.88 4.46 46.57
CA ARG B 241 23.37 3.29 47.28
C ARG B 241 21.90 3.08 46.95
N GLN B 242 21.15 4.18 46.88
CA GLN B 242 19.75 4.10 46.50
C GLN B 242 19.56 3.63 45.06
N GLU B 243 20.41 4.10 44.15
CA GLU B 243 20.36 3.67 42.75
C GLU B 243 20.58 2.15 42.65
N LEU B 244 21.52 1.63 43.43
CA LEU B 244 21.85 0.21 43.43
C LEU B 244 20.69 -0.63 43.95
N LEU B 245 20.03 -0.15 45.02
CA LEU B 245 18.88 -0.87 45.57
C LEU B 245 17.76 -0.94 44.54
N THR B 246 17.59 0.16 43.79
CA THR B 246 16.55 0.23 42.78
C THR B 246 16.87 -0.71 41.61
N ILE B 247 18.13 -0.72 41.18
CA ILE B 247 18.59 -1.67 40.18
C ILE B 247 18.31 -3.11 40.63
N ALA B 248 18.59 -3.38 41.90
CA ALA B 248 18.44 -4.70 42.49
C ALA B 248 17.00 -5.17 42.39
N ARG B 249 16.08 -4.25 42.68
CA ARG B 249 14.67 -4.57 42.64
C ARG B 249 14.20 -4.74 41.19
N VAL B 250 14.81 -3.98 40.29
CA VAL B 250 14.39 -3.99 38.90
C VAL B 250 14.76 -5.30 38.22
N CYS B 251 16.01 -5.72 38.41
CA CYS B 251 16.51 -6.95 37.81
C CYS B 251 15.85 -8.20 38.38
N LYS B 252 15.15 -8.08 39.51
CA LYS B 252 14.39 -9.20 40.05
C LYS B 252 13.05 -9.36 39.35
N ASN B 253 12.57 -8.30 38.68
N ASN B 253 12.60 -8.30 38.67
CA ASN B 253 11.26 -8.36 38.03
CA ASN B 253 11.29 -8.32 38.03
C ASN B 253 11.32 -8.52 36.50
C ASN B 253 11.35 -8.55 36.52
N VAL B 254 12.33 -7.93 35.86
CA VAL B 254 12.44 -8.00 34.41
C VAL B 254 13.78 -8.62 34.04
N PRO B 255 13.81 -9.39 32.94
CA PRO B 255 12.72 -9.59 31.97
C PRO B 255 11.79 -10.73 32.30
N GLU B 256 11.88 -11.29 33.52
CA GLU B 256 11.03 -12.44 33.85
C GLU B 256 9.56 -12.06 33.75
N PHE B 257 9.22 -10.89 34.28
CA PHE B 257 7.82 -10.45 34.40
C PHE B 257 7.56 -9.19 33.58
N PRO B 258 6.27 -8.93 33.28
CA PRO B 258 5.94 -7.72 32.54
C PRO B 258 6.50 -6.46 33.22
N ALA B 259 6.98 -5.52 32.41
CA ALA B 259 7.57 -4.30 32.93
C ALA B 259 6.49 -3.46 33.59
N GLU B 260 6.75 -3.00 34.81
CA GLU B 260 5.73 -2.25 35.54
C GLU B 260 6.03 -0.75 35.61
N SER B 261 7.20 -0.34 35.11
CA SER B 261 7.60 1.06 35.09
C SER B 261 8.51 1.31 33.90
N PHE B 262 8.85 2.57 33.67
CA PHE B 262 9.69 2.92 32.54
C PHE B 262 11.11 2.40 32.72
N GLN B 263 11.62 2.44 33.95
CA GLN B 263 12.97 1.94 34.19
C GLN B 263 13.00 0.43 34.01
N GLU B 264 11.93 -0.24 34.44
CA GLU B 264 11.82 -1.69 34.23
C GLU B 264 11.79 -2.02 32.74
N ALA B 265 11.03 -1.23 31.98
CA ALA B 265 10.94 -1.44 30.54
C ALA B 265 12.32 -1.23 29.90
N CYS B 266 13.02 -0.20 30.37
CA CYS B 266 14.36 0.09 29.88
C CYS B 266 15.31 -1.04 30.18
N GLN B 267 15.24 -1.56 31.40
CA GLN B 267 16.20 -2.58 31.82
C GLN B 267 15.86 -3.91 31.13
N SER B 268 14.57 -4.12 30.91
CA SER B 268 14.07 -5.31 30.27
C SER B 268 14.50 -5.34 28.80
N PHE B 269 14.25 -4.24 28.12
CA PHE B 269 14.77 -4.02 26.78
C PHE B 269 16.26 -4.33 26.71
N TRP B 270 17.05 -3.68 27.56
CA TRP B 270 18.48 -3.77 27.42
C TRP B 270 18.99 -5.20 27.59
N PHE B 271 18.45 -5.92 28.58
CA PHE B 271 18.85 -7.32 28.80
C PHE B 271 18.64 -8.16 27.54
N ILE B 272 17.47 -8.02 26.91
CA ILE B 272 17.19 -8.75 25.67
C ILE B 272 18.17 -8.30 24.58
N GLN B 273 18.38 -6.99 24.45
CA GLN B 273 19.33 -6.46 23.47
C GLN B 273 20.71 -7.07 23.68
N GLN B 274 21.06 -7.24 24.95
CA GLN B 274 22.39 -7.72 25.30
C GLN B 274 22.54 -9.23 25.12
N VAL B 275 21.66 -10.03 25.71
CA VAL B 275 21.89 -11.49 25.69
C VAL B 275 21.74 -12.05 24.28
N LEU B 276 20.92 -11.41 23.45
CA LEU B 276 20.83 -11.81 22.05
C LEU B 276 22.22 -11.83 21.43
N GLN B 277 23.05 -10.87 21.82
CA GLN B 277 24.38 -10.79 21.24
C GLN B 277 25.43 -11.56 22.05
N ILE B 278 24.99 -12.19 23.13
CA ILE B 278 25.80 -13.25 23.77
C ILE B 278 25.48 -14.62 23.15
N GLU B 279 24.22 -14.83 22.80
CA GLU B 279 23.80 -16.10 22.19
C GLU B 279 24.49 -16.32 20.85
N SER B 280 24.58 -15.24 20.08
CA SER B 280 25.25 -15.28 18.78
C SER B 280 25.94 -13.96 18.50
N SER B 281 26.96 -14.01 17.64
CA SER B 281 27.72 -12.80 17.28
C SER B 281 27.14 -12.03 16.08
N GLY B 282 26.00 -12.48 15.56
CA GLY B 282 25.35 -11.75 14.50
C GLY B 282 25.11 -10.33 14.97
N HIS B 283 25.35 -9.36 14.12
CA HIS B 283 25.07 -7.99 14.50
C HIS B 283 23.79 -7.53 13.79
N SER B 284 23.62 -6.21 13.67
CA SER B 284 22.36 -5.60 13.22
C SER B 284 21.18 -6.12 14.02
N ILE B 285 21.42 -6.34 15.32
CA ILE B 285 20.34 -6.63 16.25
C ILE B 285 19.67 -5.31 16.49
N SER B 286 18.53 -5.09 15.84
CA SER B 286 18.06 -3.71 15.68
C SER B 286 16.85 -3.44 16.54
N PRO B 287 16.99 -2.49 17.49
CA PRO B 287 15.90 -2.14 18.41
C PRO B 287 14.62 -1.75 17.67
N GLY B 288 14.74 -1.13 16.51
CA GLY B 288 13.57 -0.83 15.70
C GLY B 288 12.71 0.26 16.28
N ARG B 289 11.39 0.04 16.34
CA ARG B 289 10.44 1.11 16.69
C ARG B 289 10.37 1.32 18.21
N PHE B 290 11.52 1.62 18.78
CA PHE B 290 11.69 1.82 20.22
C PHE B 290 10.72 2.87 20.77
N ASP B 291 10.55 3.97 20.05
CA ASP B 291 9.60 5.02 20.49
C ASP B 291 8.14 4.55 20.50
N GLN B 292 7.80 3.51 19.72
CA GLN B 292 6.43 2.98 19.75
C GLN B 292 6.24 2.01 20.91
N TYR B 293 7.04 0.95 20.99
CA TYR B 293 6.76 -0.07 21.99
C TYR B 293 7.22 0.34 23.39
N MET B 294 8.08 1.33 23.48
CA MET B 294 8.48 1.80 24.81
C MET B 294 7.45 2.79 25.35
N TYR B 295 6.66 3.38 24.46
CA TYR B 295 5.79 4.50 24.85
C TYR B 295 4.72 4.18 25.92
N PRO B 296 4.04 3.02 25.84
CA PRO B 296 3.00 2.78 26.85
C PRO B 296 3.55 2.76 28.27
N TYR B 297 4.80 2.36 28.45
CA TYR B 297 5.38 2.23 29.78
C TYR B 297 5.83 3.59 30.28
N TYR B 298 6.24 4.44 29.34
CA TYR B 298 6.61 5.79 29.66
C TYR B 298 5.37 6.55 30.07
N GLU B 299 4.35 6.45 29.24
CA GLU B 299 3.12 7.19 29.42
C GLU B 299 2.45 6.90 30.77
N LYS B 300 2.23 5.63 31.08
CA LYS B 300 1.63 5.26 32.34
C LYS B 300 2.47 5.79 33.51
N ASP B 301 3.79 5.71 33.38
CA ASP B 301 4.68 6.08 34.46
C ASP B 301 4.69 7.59 34.67
N LEU B 302 4.53 8.33 33.57
CA LEU B 302 4.52 9.79 33.61
C LEU B 302 3.22 10.33 34.23
N LYS B 303 2.09 9.81 33.79
CA LYS B 303 0.77 10.27 34.25
C LYS B 303 0.44 9.85 35.69
N GLU B 304 1.05 8.76 36.16
CA GLU B 304 0.91 8.39 37.58
C GLU B 304 1.79 9.29 38.46
N GLY B 305 2.61 10.12 37.81
CA GLY B 305 3.43 11.12 38.48
C GLY B 305 4.78 10.57 38.93
N SER B 306 4.92 9.25 38.83
CA SER B 306 6.05 8.52 39.40
C SER B 306 7.38 8.87 38.73
N LEU B 307 7.29 9.32 37.48
CA LEU B 307 8.47 9.51 36.65
C LEU B 307 8.52 10.94 36.10
N THR B 308 9.70 11.54 36.11
CA THR B 308 9.89 12.86 35.51
C THR B 308 10.44 12.73 34.10
N ARG B 309 10.19 13.75 33.28
CA ARG B 309 10.75 13.80 31.94
C ARG B 309 12.27 13.82 32.00
N GLU B 310 12.81 14.43 33.05
CA GLU B 310 14.24 14.49 33.22
C GLU B 310 14.79 13.10 33.45
N TYR B 311 14.14 12.33 34.33
CA TYR B 311 14.64 11.00 34.64
C TYR B 311 14.40 10.01 33.48
N ALA B 312 13.32 10.20 32.75
CA ALA B 312 13.03 9.38 31.58
C ALA B 312 14.15 9.56 30.54
N GLN B 313 14.39 10.82 30.18
CA GLN B 313 15.51 11.18 29.32
C GLN B 313 16.84 10.60 29.79
N GLU B 314 17.08 10.61 31.10
CA GLU B 314 18.35 10.13 31.64
C GLU B 314 18.51 8.62 31.45
N LEU B 315 17.42 7.89 31.68
CA LEU B 315 17.39 6.47 31.43
C LEU B 315 17.68 6.19 29.96
N ILE B 316 17.03 6.93 29.06
CA ILE B 316 17.23 6.70 27.63
C ILE B 316 18.68 6.95 27.23
N ASP B 317 19.26 8.02 27.78
CA ASP B 317 20.66 8.34 27.54
C ASP B 317 21.59 7.22 28.02
N CYS B 318 21.21 6.59 29.12
CA CYS B 318 21.97 5.45 29.65
C CYS B 318 21.94 4.23 28.73
N ILE B 319 20.90 3.93 28.06
CA ILE B 319 20.74 2.93 27.09
C ILE B 319 21.47 3.21 25.91
N TRP B 320 21.58 4.43 25.51
CA TRP B 320 22.34 4.84 24.48
C TRP B 320 23.76 4.60 24.75
N VAL B 321 24.25 4.85 25.90
CA VAL B 321 25.57 4.58 26.27
C VAL B 321 25.80 3.13 26.23
N LYS B 322 24.89 2.37 26.75
CA LYS B 322 25.05 0.92 26.81
C LYS B 322 25.19 0.31 25.43
N LEU B 323 24.38 0.80 24.49
CA LEU B 323 24.45 0.34 23.11
C LEU B 323 25.87 0.48 22.52
N ASN B 324 26.66 1.42 23.05
CA ASN B 324 28.08 1.55 22.64
C ASN B 324 29.07 0.73 23.46
N ASP B 325 28.58 0.04 24.49
CA ASP B 325 29.41 -0.81 25.35
C ASP B 325 29.69 -2.18 24.68
N LEU B 326 28.78 -2.63 23.83
CA LEU B 326 28.96 -3.91 23.14
C LEU B 326 29.86 -3.70 21.94
N ASN B 327 30.55 -4.76 21.53
CA ASN B 327 31.53 -4.65 20.47
C ASN B 327 31.72 -6.03 19.86
N LYS B 328 32.52 -6.12 18.80
CA LYS B 328 32.70 -7.38 18.10
C LYS B 328 33.98 -7.29 17.29
N CYS B 329 34.82 -8.31 17.39
CA CYS B 329 36.05 -8.35 16.63
C CYS B 329 35.86 -9.18 15.37
N ARG B 330 36.15 -8.57 14.24
CA ARG B 330 36.11 -9.25 12.95
C ARG B 330 37.53 -9.39 12.49
N ASP B 331 37.76 -10.30 11.53
CA ASP B 331 39.09 -10.47 10.97
C ASP B 331 39.49 -9.21 10.20
N ALA B 332 40.80 -8.99 10.05
CA ALA B 332 41.33 -7.73 9.53
C ALA B 332 40.72 -7.35 8.19
N ALA B 333 40.69 -8.29 7.25
CA ALA B 333 40.08 -8.04 5.95
C ALA B 333 38.63 -7.58 6.12
N SER B 334 37.84 -8.39 6.82
CA SER B 334 36.43 -8.08 7.06
C SER B 334 36.25 -6.77 7.84
N ALA B 335 37.18 -6.46 8.73
CA ALA B 335 37.08 -5.28 9.57
C ALA B 335 37.03 -4.03 8.70
N GLU B 336 37.71 -4.08 7.56
CA GLU B 336 37.75 -2.93 6.65
C GLU B 336 36.40 -2.70 5.95
N GLY B 337 35.53 -3.70 6.00
CA GLY B 337 34.21 -3.58 5.42
C GLY B 337 33.14 -3.18 6.42
N PHE B 338 33.47 -3.31 7.71
CA PHE B 338 32.57 -2.96 8.81
C PHE B 338 33.31 -2.04 9.80
N ALA B 339 34.08 -1.09 9.28
CA ALA B 339 35.01 -0.30 10.11
C ALA B 339 34.32 0.66 11.08
N GLY B 340 34.94 0.87 12.24
CA GLY B 340 34.45 1.82 13.23
C GLY B 340 33.77 1.17 14.42
N TYR B 341 34.04 -0.12 14.62
CA TYR B 341 33.52 -0.91 15.73
C TYR B 341 31.99 -0.94 15.82
N SER B 342 31.30 -0.81 14.69
CA SER B 342 29.83 -0.74 14.74
C SER B 342 29.16 -2.11 14.89
N LEU B 343 28.00 -2.11 15.54
CA LEU B 343 27.15 -3.29 15.60
C LEU B 343 25.87 -3.06 14.81
N PHE B 344 25.79 -1.88 14.20
CA PHE B 344 24.69 -1.50 13.30
C PHE B 344 23.33 -1.75 13.98
N GLN B 345 23.20 -1.22 15.18
CA GLN B 345 22.02 -1.43 15.98
C GLN B 345 21.02 -0.33 15.65
N ASN B 346 20.10 -0.64 14.76
CA ASN B 346 19.22 0.38 14.21
C ASN B 346 17.97 0.61 15.04
N LEU B 347 17.71 1.89 15.33
CA LEU B 347 16.59 2.30 16.15
C LEU B 347 15.89 3.46 15.44
N ILE B 348 14.59 3.33 15.23
CA ILE B 348 13.91 4.26 14.34
C ILE B 348 12.77 4.96 15.09
N VAL B 349 12.47 6.19 14.70
CA VAL B 349 11.37 6.91 15.33
C VAL B 349 10.40 7.44 14.29
N GLY B 350 9.18 7.75 14.74
CA GLY B 350 8.16 8.32 13.88
C GLY B 350 7.50 7.31 12.96
N GLY B 351 6.94 7.81 11.87
CA GLY B 351 6.23 6.97 10.92
C GLY B 351 4.75 6.90 11.22
N GLN B 352 4.16 5.74 10.91
CA GLN B 352 2.72 5.56 10.99
C GLN B 352 2.33 4.47 11.97
N THR B 353 1.14 4.62 12.56
CA THR B 353 0.50 3.53 13.28
C THR B 353 -0.02 2.53 12.27
N VAL B 354 -0.45 1.38 12.75
CA VAL B 354 -0.98 0.36 11.84
C VAL B 354 -2.28 0.88 11.20
N GLN B 355 -2.92 1.87 11.83
CA GLN B 355 -4.13 2.47 11.27
C GLN B 355 -3.84 3.68 10.37
N GLY B 356 -2.58 3.97 10.12
CA GLY B 356 -2.21 4.95 9.12
C GLY B 356 -2.22 6.40 9.56
N ARG B 357 -2.08 6.63 10.86
CA ARG B 357 -1.99 7.99 11.37
C ARG B 357 -0.58 8.24 11.88
N ASP B 358 -0.22 9.50 12.10
CA ASP B 358 1.16 9.81 12.47
C ASP B 358 1.47 9.21 13.85
N ALA B 359 2.64 8.61 13.97
CA ALA B 359 2.98 7.83 15.15
C ALA B 359 3.90 8.57 16.10
N THR B 360 4.13 9.85 15.82
CA THR B 360 5.00 10.69 16.64
C THR B 360 4.47 10.75 18.08
N ASN B 361 5.38 10.65 19.05
CA ASN B 361 5.03 10.84 20.47
C ASN B 361 6.20 11.46 21.25
N ASP B 362 6.07 11.58 22.57
CA ASP B 362 7.15 12.18 23.39
C ASP B 362 8.51 11.52 23.18
N LEU B 363 8.52 10.18 23.19
CA LEU B 363 9.76 9.39 23.05
C LEU B 363 10.44 9.59 21.71
N SER B 364 9.65 9.88 20.68
CA SER B 364 10.23 10.17 19.36
C SER B 364 11.26 11.30 19.48
N PHE B 365 10.90 12.36 20.19
CA PHE B 365 11.78 13.51 20.38
C PHE B 365 12.93 13.19 21.33
N MET B 366 12.63 12.38 22.34
CA MET B 366 13.63 12.05 23.36
C MET B 366 14.74 11.12 22.84
N CYS B 367 14.40 10.25 21.87
CA CYS B 367 15.42 9.44 21.21
C CYS B 367 16.41 10.29 20.40
N ILE B 368 15.90 11.28 19.68
CA ILE B 368 16.74 12.20 18.95
C ILE B 368 17.64 12.96 19.94
N THR B 369 17.06 13.42 21.04
CA THR B 369 17.83 14.14 22.07
C THR B 369 18.94 13.26 22.64
N ALA B 370 18.64 11.98 22.89
CA ALA B 370 19.64 11.04 23.41
C ALA B 370 20.89 10.96 22.52
N SER B 371 20.70 10.95 21.20
CA SER B 371 21.84 10.97 20.28
C SER B 371 22.72 12.17 20.51
N GLU B 372 22.06 13.32 20.60
CA GLU B 372 22.68 14.60 20.84
C GLU B 372 23.42 14.59 22.19
N HIS B 373 22.75 14.11 23.25
CA HIS B 373 23.35 14.05 24.60
C HIS B 373 24.60 13.20 24.69
N VAL B 374 24.50 11.99 24.15
CA VAL B 374 25.54 10.98 24.29
C VAL B 374 26.60 11.22 23.22
N PHE B 375 26.13 11.46 21.99
CA PHE B 375 26.98 11.81 20.86
C PHE B 375 28.00 10.75 20.56
N LEU B 376 27.54 9.49 20.60
CA LEU B 376 28.33 8.32 20.21
C LEU B 376 27.79 7.75 18.89
N PRO B 377 28.54 6.85 18.23
CA PRO B 377 28.09 6.27 16.95
C PRO B 377 26.78 5.48 17.04
N MET B 378 26.58 4.76 18.13
CA MET B 378 25.38 3.92 18.26
C MET B 378 24.43 4.52 19.29
N PRO B 379 23.12 4.29 19.13
CA PRO B 379 22.47 3.49 18.09
C PRO B 379 22.45 4.18 16.74
N SER B 380 22.17 3.42 15.69
CA SER B 380 22.01 3.99 14.35
C SER B 380 20.61 4.55 14.29
N LEU B 381 20.47 5.80 14.75
CA LEU B 381 19.16 6.42 14.84
C LEU B 381 18.57 6.67 13.45
N SER B 382 17.31 6.31 13.27
CA SER B 382 16.66 6.50 12.01
C SER B 382 15.33 7.21 12.22
N ILE B 383 14.75 7.77 11.17
CA ILE B 383 13.39 8.28 11.26
C ILE B 383 12.57 7.90 10.02
N ARG B 384 11.34 7.47 10.25
CA ARG B 384 10.43 7.20 9.16
C ARG B 384 9.74 8.50 8.75
N VAL B 385 9.83 8.81 7.46
CA VAL B 385 9.19 9.96 6.84
C VAL B 385 8.04 9.50 5.99
N TRP B 386 6.88 10.14 6.15
CA TRP B 386 5.74 9.91 5.27
C TRP B 386 4.99 11.24 5.08
N HIS B 387 3.95 11.25 4.26
CA HIS B 387 3.31 12.53 3.93
C HIS B 387 2.60 13.15 5.14
N GLY B 388 2.19 12.32 6.10
CA GLY B 388 1.60 12.83 7.33
C GLY B 388 2.58 13.05 8.49
N SER B 389 3.88 13.02 8.19
CA SER B 389 4.90 13.20 9.23
C SER B 389 4.71 14.53 9.97
N SER B 390 4.83 14.48 11.29
CA SER B 390 4.88 15.71 12.10
C SER B 390 6.05 16.61 11.72
N LYS B 391 5.74 17.83 11.28
CA LYS B 391 6.78 18.77 10.84
C LYS B 391 7.74 19.08 11.99
N ALA B 392 7.22 19.12 13.22
CA ALA B 392 8.07 19.40 14.37
C ALA B 392 9.13 18.30 14.55
N LEU B 393 8.72 17.04 14.39
CA LEU B 393 9.66 15.92 14.50
C LEU B 393 10.73 16.00 13.42
N LEU B 394 10.33 16.32 12.20
CA LEU B 394 11.26 16.41 11.08
C LEU B 394 12.30 17.52 11.32
N MET B 395 11.83 18.65 11.85
CA MET B 395 12.71 19.75 12.19
C MET B 395 13.68 19.37 13.30
N ARG B 396 13.19 18.66 14.31
CA ARG B 396 14.05 18.18 15.38
C ARG B 396 15.10 17.20 14.83
N ALA B 397 14.70 16.34 13.89
CA ALA B 397 15.65 15.45 13.21
C ALA B 397 16.68 16.26 12.43
N ALA B 398 16.20 17.26 11.69
CA ALA B 398 17.07 18.17 10.95
C ALA B 398 18.11 18.84 11.85
N GLU B 399 17.70 19.20 13.06
CA GLU B 399 18.62 19.82 14.01
C GLU B 399 19.76 18.88 14.38
N LEU B 400 19.41 17.62 14.63
CA LEU B 400 20.40 16.64 15.02
C LEU B 400 21.41 16.45 13.89
N THR B 401 20.90 16.39 12.66
CA THR B 401 21.76 16.20 11.48
C THR B 401 22.73 17.37 11.32
N ARG B 402 22.24 18.56 11.64
CA ARG B 402 23.06 19.77 11.57
C ARG B 402 24.31 19.70 12.48
N THR B 403 24.24 18.95 13.58
CA THR B 403 25.40 18.82 14.47
C THR B 403 26.58 18.05 13.86
N GLY B 404 26.37 17.45 12.69
CA GLY B 404 27.44 16.74 12.04
C GLY B 404 27.51 15.29 12.49
N ILE B 405 26.60 14.87 13.37
CA ILE B 405 26.66 13.50 13.88
C ILE B 405 26.26 12.44 12.83
N GLY B 406 25.59 12.85 11.75
CA GLY B 406 25.21 11.94 10.68
C GLY B 406 23.87 11.27 10.91
N LEU B 407 23.16 11.71 11.96
CA LEU B 407 21.90 11.10 12.36
C LEU B 407 20.77 12.12 12.31
N PRO B 408 19.54 11.65 12.11
CA PRO B 408 19.21 10.25 11.83
C PRO B 408 19.32 9.95 10.36
N ALA B 409 19.14 8.68 9.99
CA ALA B 409 18.97 8.36 8.59
C ALA B 409 17.49 8.51 8.31
N TYR B 410 17.15 8.99 7.11
CA TYR B 410 15.76 9.26 6.75
C TYR B 410 15.26 8.20 5.79
N TYR B 411 14.10 7.64 6.12
CA TYR B 411 13.54 6.56 5.33
C TYR B 411 12.16 6.93 4.82
N ASN B 412 11.91 6.55 3.57
CA ASN B 412 10.66 6.88 2.89
C ASN B 412 9.58 5.81 3.00
N ASP B 413 8.60 6.03 3.87
CA ASP B 413 7.46 5.13 4.00
C ASP B 413 6.73 4.90 2.67
N GLU B 414 6.68 5.91 1.79
CA GLU B 414 5.83 5.83 0.59
C GLU B 414 6.33 4.80 -0.42
N VAL B 415 7.64 4.56 -0.41
CA VAL B 415 8.26 3.51 -1.22
C VAL B 415 8.37 2.17 -0.48
N ILE B 416 8.76 2.25 0.79
CA ILE B 416 9.09 1.08 1.56
C ILE B 416 7.86 0.21 1.82
N ILE B 417 6.78 0.83 2.30
CA ILE B 417 5.58 0.05 2.61
C ILE B 417 5.07 -0.75 1.39
N PRO B 418 4.90 -0.10 0.21
CA PRO B 418 4.47 -0.92 -0.93
C PRO B 418 5.47 -2.02 -1.33
N ALA B 419 6.76 -1.73 -1.20
CA ALA B 419 7.80 -2.72 -1.49
C ALA B 419 7.68 -3.94 -0.59
N LEU B 420 7.46 -3.72 0.70
CA LEU B 420 7.28 -4.82 1.63
C LEU B 420 6.03 -5.66 1.29
N VAL B 421 4.95 -4.99 0.95
CA VAL B 421 3.71 -5.65 0.55
C VAL B 421 3.92 -6.54 -0.68
N HIS B 422 4.62 -6.01 -1.66
CA HIS B 422 4.89 -6.75 -2.89
C HIS B 422 5.70 -8.01 -2.62
N ARG B 423 6.48 -8.02 -1.53
CA ARG B 423 7.26 -9.19 -1.17
C ARG B 423 6.51 -10.12 -0.21
N GLY B 424 5.24 -9.80 0.10
CA GLY B 424 4.41 -10.74 0.85
C GLY B 424 3.84 -10.24 2.17
N ALA B 425 4.32 -9.09 2.66
CA ALA B 425 3.78 -8.54 3.92
C ALA B 425 2.34 -8.06 3.73
N THR B 426 1.52 -8.16 4.77
CA THR B 426 0.21 -7.54 4.73
C THR B 426 0.37 -6.02 4.90
N MET B 427 -0.64 -5.26 4.48
CA MET B 427 -0.59 -3.81 4.67
C MET B 427 -0.34 -3.47 6.13
N ASP B 428 -1.05 -4.14 7.03
CA ASP B 428 -0.92 -3.88 8.47
C ASP B 428 0.52 -4.09 8.94
N GLU B 429 1.12 -5.20 8.50
CA GLU B 429 2.49 -5.52 8.87
C GLU B 429 3.49 -4.52 8.31
N ALA B 430 3.43 -4.28 6.99
CA ALA B 430 4.36 -3.37 6.33
C ALA B 430 4.32 -1.97 6.96
N ARG B 431 3.16 -1.52 7.40
CA ARG B 431 3.01 -0.19 7.99
C ARG B 431 3.82 -0.07 9.28
N ASN B 432 4.06 -1.22 9.93
CA ASN B 432 4.83 -1.30 11.16
C ASN B 432 6.33 -1.56 10.97
N TYR B 433 6.84 -1.40 9.76
CA TYR B 433 8.24 -1.72 9.49
C TYR B 433 9.23 -0.86 10.30
N ASN B 434 10.39 -1.44 10.57
CA ASN B 434 11.56 -0.63 10.93
C ASN B 434 12.75 -1.01 10.09
N ILE B 435 13.89 -0.37 10.35
CA ILE B 435 15.09 -0.65 9.60
C ILE B 435 16.03 -1.61 10.35
N ILE B 436 16.57 -2.57 9.61
CA ILE B 436 17.60 -3.45 10.14
C ILE B 436 18.95 -2.88 9.74
N GLY B 437 19.88 -2.83 10.69
CA GLY B 437 21.27 -2.50 10.37
C GLY B 437 21.47 -1.14 9.73
N CYS B 438 21.76 -1.17 8.43
CA CYS B 438 22.05 0.05 7.70
C CYS B 438 20.80 0.62 7.05
N VAL B 439 20.17 -0.11 6.13
CA VAL B 439 19.06 0.44 5.36
C VAL B 439 17.99 -0.59 4.98
N GLU B 440 18.00 -1.72 5.65
CA GLU B 440 17.18 -2.84 5.19
C GLU B 440 15.83 -2.88 5.89
N PRO B 441 14.72 -2.71 5.13
CA PRO B 441 13.40 -2.76 5.77
C PRO B 441 12.92 -4.18 6.12
N GLN B 442 12.18 -4.29 7.21
CA GLN B 442 11.70 -5.56 7.78
C GLN B 442 10.36 -5.39 8.49
N VAL B 443 9.52 -6.42 8.43
CA VAL B 443 8.40 -6.49 9.36
C VAL B 443 8.94 -7.08 10.66
N PRO B 444 8.92 -6.29 11.73
CA PRO B 444 9.57 -6.71 12.98
C PRO B 444 8.86 -7.90 13.65
N GLY B 445 9.65 -8.79 14.26
CA GLY B 445 9.15 -9.94 15.01
C GLY B 445 8.53 -11.07 14.19
N LYS B 446 8.72 -11.03 12.88
CA LYS B 446 8.13 -12.05 11.98
C LYS B 446 9.10 -12.48 10.88
N THR B 447 10.29 -11.89 10.86
CA THR B 447 11.20 -12.07 9.73
C THR B 447 12.55 -12.70 10.10
N ASP B 448 13.04 -13.61 9.26
CA ASP B 448 14.46 -14.00 9.24
C ASP B 448 15.00 -13.52 7.90
N GLY B 449 15.54 -12.30 7.88
CA GLY B 449 15.78 -11.59 6.64
C GLY B 449 17.13 -11.72 6.00
N TRP B 450 18.14 -12.16 6.74
CA TRP B 450 19.50 -12.28 6.20
C TRP B 450 19.89 -11.02 5.41
N HIS B 451 19.64 -9.87 6.02
CA HIS B 451 19.66 -8.59 5.30
C HIS B 451 21.04 -8.08 4.86
N ASP B 452 22.11 -8.75 5.27
CA ASP B 452 23.44 -8.40 4.76
C ASP B 452 24.26 -9.66 4.43
N ALA B 453 23.76 -10.43 3.46
CA ALA B 453 24.24 -11.79 3.23
C ALA B 453 25.54 -11.86 2.45
N ALA B 454 25.78 -10.84 1.63
CA ALA B 454 27.01 -10.78 0.84
C ALA B 454 27.20 -9.39 0.27
N PHE B 455 28.44 -9.09 -0.11
CA PHE B 455 28.78 -7.89 -0.86
C PHE B 455 29.12 -8.33 -2.29
N PHE B 456 28.35 -7.89 -3.28
CA PHE B 456 28.59 -8.23 -4.69
C PHE B 456 29.16 -7.02 -5.45
N ASN B 457 30.30 -7.22 -6.09
CA ASN B 457 30.97 -6.14 -6.81
C ASN B 457 30.50 -6.12 -8.27
N MET B 458 29.69 -5.13 -8.65
CA MET B 458 29.11 -5.13 -10.00
C MET B 458 30.14 -4.72 -11.06
N CYS B 459 31.27 -4.19 -10.61
CA CYS B 459 32.35 -3.82 -11.54
C CYS B 459 33.16 -5.03 -12.00
N ARG B 460 33.33 -6.02 -11.12
CA ARG B 460 34.16 -7.16 -11.48
C ARG B 460 33.64 -7.96 -12.69
N PRO B 461 32.30 -8.18 -12.79
CA PRO B 461 31.81 -8.74 -14.06
C PRO B 461 32.02 -7.81 -15.27
N LEU B 462 32.04 -6.50 -15.04
CA LEU B 462 32.29 -5.56 -16.14
C LEU B 462 33.72 -5.72 -16.61
N GLU B 463 34.65 -5.85 -15.68
CA GLU B 463 36.03 -6.15 -16.02
C GLU B 463 36.13 -7.46 -16.82
N MET B 464 35.22 -8.41 -16.57
CA MET B 464 35.29 -9.72 -17.21
C MET B 464 34.83 -9.70 -18.66
N VAL B 465 34.02 -8.72 -19.01
CA VAL B 465 33.68 -8.50 -20.40
C VAL B 465 34.94 -8.11 -21.20
N PHE B 466 35.73 -7.19 -20.66
CA PHE B 466 36.94 -6.73 -21.36
C PHE B 466 37.98 -7.86 -21.47
N SER B 467 38.05 -8.71 -20.45
CA SER B 467 39.11 -9.70 -20.38
C SER B 467 38.61 -11.08 -20.81
N ASN B 468 37.34 -11.15 -21.20
CA ASN B 468 36.72 -12.40 -21.64
C ASN B 468 36.86 -13.49 -20.57
N GLY B 469 36.50 -13.14 -19.33
CA GLY B 469 36.51 -14.08 -18.23
C GLY B 469 37.84 -14.46 -17.64
N TYR B 470 38.91 -13.75 -17.99
CA TYR B 470 40.22 -14.04 -17.41
C TYR B 470 40.60 -13.01 -16.36
N ASP B 471 41.46 -13.43 -15.44
CA ASP B 471 41.93 -12.61 -14.33
C ASP B 471 43.22 -13.23 -13.83
N ASN B 472 44.32 -12.50 -13.95
CA ASN B 472 45.67 -13.00 -13.64
C ASN B 472 46.08 -14.16 -14.55
N GLY B 473 45.69 -14.11 -15.82
CA GLY B 473 45.98 -15.20 -16.72
C GLY B 473 45.16 -16.47 -16.54
N GLU B 474 44.56 -16.67 -15.37
CA GLU B 474 43.70 -17.83 -15.15
C GLU B 474 42.23 -17.51 -15.40
N ILE B 475 41.44 -18.53 -15.70
CA ILE B 475 40.00 -18.38 -15.86
C ILE B 475 39.35 -18.01 -14.53
N ALA B 476 38.54 -16.96 -14.53
CA ALA B 476 37.88 -16.47 -13.32
C ALA B 476 36.36 -16.48 -13.46
N SER B 477 35.88 -16.74 -14.67
CA SER B 477 34.47 -16.61 -15.02
C SER B 477 34.20 -17.22 -16.39
N ILE B 478 32.96 -17.11 -16.86
CA ILE B 478 32.61 -17.52 -18.23
C ILE B 478 33.26 -16.64 -19.30
N GLN B 479 33.42 -17.23 -20.48
CA GLN B 479 33.86 -16.53 -21.68
C GLN B 479 32.69 -15.93 -22.47
N THR B 480 32.48 -14.62 -22.37
CA THR B 480 31.38 -14.00 -23.08
CA THR B 480 31.38 -13.98 -23.09
C THR B 480 31.82 -13.46 -24.46
N GLY B 481 33.08 -13.67 -24.81
CA GLY B 481 33.56 -13.26 -26.11
C GLY B 481 34.62 -12.18 -26.07
N ASN B 482 35.49 -12.22 -27.07
CA ASN B 482 36.50 -11.18 -27.26
C ASN B 482 35.84 -9.81 -27.33
N VAL B 483 36.27 -8.90 -26.46
CA VAL B 483 35.61 -7.60 -26.33
C VAL B 483 35.77 -6.76 -27.61
N GLU B 484 36.81 -7.05 -28.40
CA GLU B 484 37.07 -6.27 -29.60
C GLU B 484 36.21 -6.71 -30.78
N SER B 485 35.41 -7.76 -30.58
CA SER B 485 34.59 -8.27 -31.68
C SER B 485 33.09 -7.96 -31.52
N PHE B 486 32.70 -7.43 -30.36
CA PHE B 486 31.35 -6.90 -30.23
C PHE B 486 31.20 -5.75 -31.21
N GLN B 487 30.21 -5.79 -32.09
CA GLN B 487 30.11 -4.68 -33.03
C GLN B 487 28.89 -3.78 -32.79
N SER B 488 28.19 -3.99 -31.69
CA SER B 488 27.21 -3.02 -31.22
C SER B 488 27.28 -2.89 -29.71
N PHE B 489 26.78 -1.78 -29.18
CA PHE B 489 26.77 -1.57 -27.75
C PHE B 489 25.83 -2.57 -27.07
N ASP B 490 24.78 -2.96 -27.78
CA ASP B 490 23.84 -3.94 -27.25
C ASP B 490 24.49 -5.31 -27.01
N GLU B 491 25.48 -5.66 -27.82
CA GLU B 491 26.23 -6.91 -27.63
C GLU B 491 27.11 -6.84 -26.38
N PHE B 492 27.69 -5.67 -26.14
CA PHE B 492 28.47 -5.46 -24.93
C PHE B 492 27.59 -5.60 -23.70
N MET B 493 26.45 -4.91 -23.70
CA MET B 493 25.50 -4.96 -22.60
C MET B 493 25.07 -6.37 -22.28
N GLU B 494 24.86 -7.14 -23.34
CA GLU B 494 24.42 -8.51 -23.22
C GLU B 494 25.53 -9.34 -22.59
N ALA B 495 26.77 -9.06 -22.99
CA ALA B 495 27.92 -9.73 -22.40
C ALA B 495 28.00 -9.41 -20.91
N TYR B 496 27.83 -8.14 -20.57
CA TYR B 496 27.83 -7.72 -19.17
C TYR B 496 26.72 -8.40 -18.38
N ARG B 497 25.53 -8.47 -18.96
CA ARG B 497 24.40 -9.09 -18.29
C ARG B 497 24.68 -10.56 -17.98
N LYS B 498 25.26 -11.30 -18.92
CA LYS B 498 25.61 -12.72 -18.72
C LYS B 498 26.73 -12.93 -17.68
N GLN B 499 27.73 -12.04 -17.67
CA GLN B 499 28.76 -12.09 -16.63
C GLN B 499 28.10 -11.87 -15.27
N MET B 500 27.14 -10.94 -15.22
CA MET B 500 26.43 -10.66 -13.97
C MET B 500 25.62 -11.87 -13.54
N LEU B 501 24.85 -12.44 -14.47
CA LEU B 501 23.99 -13.58 -14.18
C LEU B 501 24.79 -14.75 -13.63
N TYR B 502 25.86 -15.11 -14.32
CA TYR B 502 26.69 -16.24 -13.88
C TYR B 502 27.20 -16.03 -12.46
N ASN B 503 27.74 -14.86 -12.17
CA ASN B 503 28.32 -14.64 -10.86
C ASN B 503 27.31 -14.39 -9.74
N ILE B 504 26.17 -13.81 -10.07
CA ILE B 504 25.09 -13.70 -9.10
C ILE B 504 24.65 -15.10 -8.62
N GLU B 505 24.50 -16.04 -9.55
CA GLU B 505 24.10 -17.40 -9.18
C GLU B 505 25.11 -18.08 -8.25
N LEU B 506 26.39 -17.78 -8.44
CA LEU B 506 27.41 -18.34 -7.57
C LEU B 506 27.28 -17.75 -6.17
N MET B 507 26.96 -16.47 -6.09
CA MET B 507 26.76 -15.82 -4.81
C MET B 507 25.61 -16.47 -4.06
N VAL B 508 24.57 -16.83 -4.81
CA VAL B 508 23.40 -17.45 -4.21
C VAL B 508 23.82 -18.84 -3.69
N ASN B 509 24.75 -19.47 -4.39
CA ASN B 509 25.30 -20.74 -3.96
C ASN B 509 26.05 -20.57 -2.65
N ALA B 510 26.92 -19.57 -2.60
CA ALA B 510 27.67 -19.27 -1.39
C ALA B 510 26.75 -19.06 -0.20
N ASP B 511 25.77 -18.17 -0.36
CA ASP B 511 24.84 -17.83 0.73
C ASP B 511 23.99 -19.03 1.16
N ASN B 512 23.48 -19.80 0.21
CA ASN B 512 22.71 -21.00 0.52
C ASN B 512 23.51 -22.06 1.28
N ALA B 513 24.78 -22.22 0.92
CA ALA B 513 25.70 -23.11 1.63
C ALA B 513 25.82 -22.69 3.09
N ILE B 514 26.05 -21.39 3.30
CA ILE B 514 26.13 -20.82 4.62
C ILE B 514 24.82 -20.97 5.39
N ASP B 515 23.70 -20.76 4.69
CA ASP B 515 22.37 -20.97 5.26
C ASP B 515 22.20 -22.37 5.84
N TYR B 516 22.64 -23.40 5.10
CA TYR B 516 22.57 -24.78 5.59
C TYR B 516 23.44 -25.00 6.81
N ALA B 517 24.61 -24.37 6.83
CA ALA B 517 25.53 -24.52 7.95
C ALA B 517 24.90 -23.99 9.25
N HIS B 518 24.33 -22.78 9.22
CA HIS B 518 23.64 -22.27 10.41
C HIS B 518 22.43 -23.12 10.81
N ALA B 519 21.62 -23.53 9.84
CA ALA B 519 20.43 -24.35 10.14
C ALA B 519 20.82 -25.66 10.81
N LYS B 520 21.94 -26.24 10.40
CA LYS B 520 22.33 -27.52 10.95
C LYS B 520 23.16 -27.39 12.22
N LEU B 521 24.04 -26.40 12.31
CA LEU B 521 24.98 -26.35 13.44
C LEU B 521 24.63 -25.25 14.44
N ALA B 522 23.85 -24.25 14.04
CA ALA B 522 23.61 -23.14 14.95
C ALA B 522 22.18 -22.61 14.98
N PRO B 523 21.19 -23.51 15.21
CA PRO B 523 19.86 -22.97 15.50
C PRO B 523 19.87 -22.19 16.81
N LEU B 524 18.99 -21.21 16.96
CA LEU B 524 19.06 -20.34 18.14
C LEU B 524 17.72 -20.28 18.87
N PRO B 525 17.62 -21.00 19.97
CA PRO B 525 16.34 -21.12 20.69
C PRO B 525 15.83 -19.78 21.26
N PHE B 526 16.72 -18.95 21.79
CA PHE B 526 16.22 -17.73 22.41
C PHE B 526 15.81 -16.66 21.41
N GLU B 527 16.62 -16.42 20.39
CA GLU B 527 16.25 -15.49 19.34
C GLU B 527 14.94 -15.93 18.71
N SER B 528 14.84 -17.22 18.41
CA SER B 528 13.69 -17.81 17.72
C SER B 528 12.38 -17.63 18.47
N CYS B 529 12.40 -17.72 19.79
CA CYS B 529 11.17 -17.67 20.57
C CYS B 529 10.57 -16.28 20.60
N LEU B 530 11.32 -15.29 20.11
CA LEU B 530 10.80 -13.93 20.05
C LEU B 530 10.48 -13.56 18.59
N VAL B 531 10.37 -14.58 17.75
CA VAL B 531 10.00 -14.38 16.35
C VAL B 531 8.91 -15.38 15.90
N ASP B 532 7.78 -14.87 15.41
CA ASP B 532 6.76 -15.69 14.78
C ASP B 532 7.33 -16.29 13.49
N ASP B 533 7.04 -17.56 13.21
CA ASP B 533 6.16 -18.42 14.01
C ASP B 533 6.89 -19.63 14.57
N CYS B 534 8.10 -19.42 15.08
CA CYS B 534 8.95 -20.52 15.53
C CYS B 534 8.28 -21.47 16.54
N ILE B 535 7.70 -20.92 17.61
CA ILE B 535 7.05 -21.72 18.64
C ILE B 535 5.94 -22.62 18.07
N LYS B 536 5.03 -22.03 17.31
CA LYS B 536 3.94 -22.77 16.71
C LYS B 536 4.47 -23.87 15.78
N ARG B 537 5.44 -23.53 14.95
CA ARG B 537 5.96 -24.47 13.97
C ARG B 537 6.94 -25.47 14.58
N GLY B 538 7.39 -25.20 15.79
CA GLY B 538 8.32 -26.09 16.45
C GLY B 538 9.70 -26.11 15.82
N MET B 539 10.12 -24.99 15.21
CA MET B 539 11.45 -24.92 14.59
C MET B 539 12.09 -23.53 14.68
N SER B 540 13.42 -23.52 14.70
CA SER B 540 14.15 -22.25 14.86
C SER B 540 14.03 -21.38 13.61
N ALA B 541 14.34 -20.09 13.77
CA ALA B 541 14.36 -19.16 12.66
C ALA B 541 15.51 -19.46 11.71
N GLN B 542 16.50 -20.20 12.19
CA GLN B 542 17.59 -20.58 11.31
C GLN B 542 17.13 -21.70 10.39
N GLU B 543 15.98 -22.30 10.69
CA GLU B 543 15.49 -23.45 9.91
C GLU B 543 14.21 -23.19 9.13
N GLY B 544 13.60 -22.03 9.29
CA GLY B 544 12.38 -21.75 8.54
C GLY B 544 11.15 -21.54 9.42
N GLY B 545 11.37 -21.39 10.72
CA GLY B 545 10.29 -21.09 11.63
C GLY B 545 9.65 -19.71 11.44
N ALA B 546 10.40 -18.74 10.90
CA ALA B 546 9.88 -17.38 10.76
C ALA B 546 8.85 -17.25 9.64
N ILE B 547 7.91 -16.35 9.80
CA ILE B 547 6.87 -16.14 8.80
C ILE B 547 7.49 -15.66 7.50
N TYR B 548 8.37 -14.67 7.58
CA TYR B 548 9.02 -14.13 6.40
C TYR B 548 10.50 -14.52 6.33
N ASN B 549 10.89 -15.09 5.21
CA ASN B 549 12.27 -15.49 5.03
C ASN B 549 12.86 -14.89 3.77
N PHE B 550 14.00 -14.24 3.94
CA PHE B 550 14.68 -13.60 2.81
C PHE B 550 16.17 -13.85 2.90
N THR B 551 16.85 -13.57 1.79
CA THR B 551 18.30 -13.41 1.77
C THR B 551 18.57 -12.13 1.00
N GLY B 552 19.38 -11.25 1.56
CA GLY B 552 19.56 -9.91 1.01
C GLY B 552 21.01 -9.56 0.75
N PRO B 553 21.47 -9.82 -0.48
CA PRO B 553 22.86 -9.50 -0.87
C PRO B 553 23.00 -8.12 -1.50
N GLN B 554 24.14 -7.48 -1.28
CA GLN B 554 24.34 -6.08 -1.67
C GLN B 554 25.17 -5.89 -2.93
N GLY B 555 24.60 -5.17 -3.89
CA GLY B 555 25.32 -4.78 -5.10
C GLY B 555 26.09 -3.46 -4.96
N PHE B 556 27.36 -3.49 -5.36
CA PHE B 556 28.25 -2.34 -5.27
C PHE B 556 28.59 -1.76 -6.64
N GLY B 557 28.64 -0.42 -6.71
CA GLY B 557 29.22 0.28 -7.85
C GLY B 557 28.27 0.68 -8.97
N ILE B 558 27.01 0.93 -8.63
CA ILE B 558 26.01 1.34 -9.62
C ILE B 558 26.44 2.57 -10.44
N ALA B 559 26.94 3.60 -9.75
CA ALA B 559 27.41 4.82 -10.42
C ALA B 559 28.60 4.53 -11.34
N ASN B 560 29.56 3.76 -10.85
CA ASN B 560 30.73 3.39 -11.65
C ASN B 560 30.34 2.61 -12.91
N VAL B 561 29.39 1.69 -12.77
CA VAL B 561 28.96 0.86 -13.89
C VAL B 561 28.18 1.70 -14.91
N ALA B 562 27.25 2.52 -14.41
CA ALA B 562 26.46 3.41 -15.26
C ALA B 562 27.34 4.30 -16.14
N ASP B 563 28.23 5.04 -15.49
CA ASP B 563 29.14 5.91 -16.22
C ASP B 563 30.05 5.12 -17.17
N SER B 564 30.47 3.93 -16.73
CA SER B 564 31.35 3.07 -17.55
C SER B 564 30.66 2.70 -18.84
N LEU B 565 29.40 2.33 -18.73
CA LEU B 565 28.63 1.89 -19.88
C LEU B 565 28.34 3.08 -20.80
N TYR B 566 28.15 4.26 -20.20
CA TYR B 566 27.97 5.48 -20.97
C TYR B 566 29.22 5.80 -21.78
N THR B 567 30.38 5.76 -21.12
CA THR B 567 31.67 5.89 -21.80
C THR B 567 31.75 4.99 -23.02
N ILE B 568 31.46 3.71 -22.83
CA ILE B 568 31.60 2.72 -23.89
C ILE B 568 30.61 3.02 -25.01
N LYS B 569 29.38 3.34 -24.64
CA LYS B 569 28.33 3.64 -25.61
C LYS B 569 28.69 4.81 -26.51
N LYS B 570 28.97 5.97 -25.90
CA LYS B 570 29.26 7.20 -26.63
C LYS B 570 30.62 7.19 -27.32
N LEU B 571 31.68 6.84 -26.60
CA LEU B 571 33.04 7.01 -27.10
C LEU B 571 33.52 5.89 -28.02
N VAL B 572 33.04 4.67 -27.81
CA VAL B 572 33.52 3.58 -28.66
C VAL B 572 32.58 3.35 -29.85
N PHE B 573 31.28 3.27 -29.59
CA PHE B 573 30.34 2.88 -30.64
C PHE B 573 29.65 4.04 -31.37
N GLU B 574 29.21 5.06 -30.63
CA GLU B 574 28.46 6.16 -31.25
C GLU B 574 29.34 7.25 -31.88
N GLU B 575 30.24 7.83 -31.09
CA GLU B 575 31.12 8.88 -31.60
C GLU B 575 32.44 8.33 -32.13
N LYS B 576 32.65 7.02 -31.96
CA LYS B 576 33.85 6.31 -32.44
C LYS B 576 35.18 7.00 -32.13
N ARG B 577 35.22 7.79 -31.05
CA ARG B 577 36.42 8.52 -30.68
C ARG B 577 37.55 7.61 -30.16
N ILE B 578 37.19 6.43 -29.66
CA ILE B 578 38.18 5.45 -29.20
C ILE B 578 37.89 4.11 -29.83
N THR B 579 38.93 3.31 -30.04
CA THR B 579 38.71 1.91 -30.38
C THR B 579 38.45 1.14 -29.10
N MET B 580 37.70 0.06 -29.20
CA MET B 580 37.43 -0.81 -28.06
CA MET B 580 37.42 -0.79 -28.05
C MET B 580 38.75 -1.31 -27.49
N GLY B 581 39.65 -1.68 -28.40
CA GLY B 581 40.96 -2.20 -27.99
C GLY B 581 41.82 -1.21 -27.24
N GLU B 582 41.67 0.07 -27.55
CA GLU B 582 42.51 1.08 -26.93
C GLU B 582 41.94 1.48 -25.55
N LEU B 583 40.61 1.50 -25.44
CA LEU B 583 39.98 1.61 -24.13
C LEU B 583 40.43 0.49 -23.20
N LYS B 584 40.55 -0.72 -23.75
CA LYS B 584 40.97 -1.88 -22.97
C LYS B 584 42.39 -1.71 -22.46
N LYS B 585 43.27 -1.23 -23.32
CA LYS B 585 44.66 -0.96 -22.93
C LYS B 585 44.73 0.13 -21.86
N ALA B 586 43.97 1.20 -22.08
CA ALA B 586 43.88 2.30 -21.12
C ALA B 586 43.52 1.79 -19.72
N LEU B 587 42.53 0.91 -19.64
CA LEU B 587 42.13 0.32 -18.35
C LEU B 587 43.26 -0.50 -17.76
N GLU B 588 43.87 -1.36 -18.58
CA GLU B 588 45.01 -2.16 -18.14
C GLU B 588 46.12 -1.31 -17.54
N MET B 589 46.42 -0.18 -18.17
CA MET B 589 47.52 0.66 -17.71
C MET B 589 47.08 1.77 -16.76
N ASN B 590 45.84 1.66 -16.25
CA ASN B 590 45.33 2.60 -15.24
C ASN B 590 45.52 4.04 -15.73
N TYR B 591 45.12 4.27 -16.98
CA TYR B 591 45.15 5.59 -17.60
C TYR B 591 46.54 6.21 -17.54
N GLY B 592 47.56 5.36 -17.41
CA GLY B 592 48.94 5.79 -17.25
C GLY B 592 49.15 6.62 -15.99
N LYS B 593 48.39 6.32 -14.94
CA LYS B 593 48.51 7.05 -13.69
C LYS B 593 49.31 6.25 -12.66
N GLY B 594 49.94 5.17 -13.11
CA GLY B 594 50.79 4.38 -12.23
C GLY B 594 50.66 2.89 -12.47
N LEU B 635 56.23 2.54 -19.25
CA LEU B 635 55.68 3.01 -20.52
C LEU B 635 56.57 4.05 -21.17
N PRO B 636 56.37 4.26 -22.48
CA PRO B 636 56.91 5.46 -23.11
C PRO B 636 55.98 6.66 -22.84
N GLU B 637 56.52 7.88 -22.85
CA GLU B 637 55.74 9.07 -22.52
C GLU B 637 54.62 9.39 -23.51
N ASP B 638 54.80 9.01 -24.79
CA ASP B 638 53.78 9.27 -25.81
C ASP B 638 52.54 8.46 -25.48
N VAL B 639 52.76 7.21 -25.08
CA VAL B 639 51.71 6.31 -24.67
C VAL B 639 51.01 6.84 -23.41
N ARG B 640 51.78 7.18 -22.40
CA ARG B 640 51.23 7.62 -21.12
C ARG B 640 50.24 8.77 -21.28
N LYS B 641 50.62 9.81 -22.00
CA LYS B 641 49.74 10.97 -22.11
C LYS B 641 48.63 10.72 -23.13
N ARG B 642 48.82 9.74 -24.02
CA ARG B 642 47.70 9.24 -24.80
C ARG B 642 46.60 8.72 -23.85
N TYR B 643 46.99 7.85 -22.92
CA TYR B 643 46.04 7.30 -21.95
C TYR B 643 45.46 8.39 -21.06
N GLU B 644 46.30 9.35 -20.68
CA GLU B 644 45.84 10.49 -19.90
C GLU B 644 44.85 11.35 -20.68
N GLU B 645 45.08 11.44 -21.99
CA GLU B 645 44.21 12.19 -22.88
C GLU B 645 42.83 11.53 -22.94
N ILE B 646 42.84 10.20 -23.04
CA ILE B 646 41.62 9.39 -23.01
C ILE B 646 40.89 9.52 -21.67
N HIS B 647 41.66 9.43 -20.60
CA HIS B 647 41.14 9.66 -19.26
C HIS B 647 40.40 11.00 -19.19
N GLU B 648 41.05 12.06 -19.69
CA GLU B 648 40.51 13.42 -19.57
C GLU B 648 39.19 13.57 -20.29
N MET B 649 39.07 12.96 -21.46
CA MET B 649 37.82 13.12 -22.19
C MET B 649 36.72 12.30 -21.54
N ILE B 650 37.08 11.17 -20.92
CA ILE B 650 36.09 10.38 -20.19
C ILE B 650 35.57 11.19 -19.00
N LEU B 651 36.48 11.84 -18.27
CA LEU B 651 36.11 12.72 -17.15
C LEU B 651 35.18 13.88 -17.55
N GLU B 652 35.29 14.31 -18.80
CA GLU B 652 34.50 15.43 -19.31
C GLU B 652 33.10 15.03 -19.77
N LEU B 653 32.89 13.72 -19.89
CA LEU B 653 31.58 13.19 -20.24
C LEU B 653 30.54 13.60 -19.21
N PRO B 654 29.27 13.69 -19.61
CA PRO B 654 28.28 13.91 -18.56
C PRO B 654 28.19 12.67 -17.69
N LYS B 655 27.83 12.85 -16.43
CA LYS B 655 27.89 11.75 -15.49
C LYS B 655 26.54 11.53 -14.79
N TYR B 656 26.38 10.30 -14.30
CA TYR B 656 25.31 9.96 -13.37
C TYR B 656 25.27 10.95 -12.20
N GLY B 657 24.08 11.42 -11.86
CA GLY B 657 23.95 12.36 -10.76
C GLY B 657 23.85 13.82 -11.19
N ASN B 658 23.45 14.03 -12.44
CA ASN B 658 23.28 15.38 -12.98
C ASN B 658 21.97 15.54 -13.76
N ASP B 659 21.02 14.64 -13.49
CA ASP B 659 19.71 14.62 -14.14
C ASP B 659 19.81 14.56 -15.68
N ILE B 660 20.89 13.98 -16.18
CA ILE B 660 21.06 13.72 -17.61
C ILE B 660 20.44 12.36 -17.99
N ASP B 661 19.37 12.39 -18.77
CA ASP B 661 18.58 11.19 -19.03
C ASP B 661 19.34 10.05 -19.71
N GLU B 662 20.25 10.35 -20.65
CA GLU B 662 20.85 9.25 -21.39
C GLU B 662 21.86 8.51 -20.52
N VAL B 663 22.44 9.19 -19.55
CA VAL B 663 23.34 8.51 -18.62
C VAL B 663 22.53 7.71 -17.61
N ASP B 664 21.46 8.31 -17.12
CA ASP B 664 20.69 7.74 -16.02
C ASP B 664 19.93 6.46 -16.39
N GLU B 665 19.46 6.35 -17.64
CA GLU B 665 18.71 5.18 -18.07
C GLU B 665 19.60 3.96 -18.08
N LEU B 666 20.90 4.19 -18.27
CA LEU B 666 21.88 3.12 -18.15
C LEU B 666 22.08 2.71 -16.68
N ALA B 667 22.01 3.66 -15.77
CA ALA B 667 22.09 3.36 -14.34
C ALA B 667 20.90 2.50 -13.94
N ARG B 668 19.73 2.88 -14.43
CA ARG B 668 18.49 2.15 -14.20
C ARG B 668 18.61 0.72 -14.72
N GLU B 669 19.09 0.60 -15.95
CA GLU B 669 19.18 -0.70 -16.60
C GLU B 669 20.27 -1.57 -15.99
N ALA B 670 21.38 -0.96 -15.61
CA ALA B 670 22.46 -1.73 -14.99
C ALA B 670 21.99 -2.30 -13.66
N ALA B 671 21.36 -1.45 -12.85
CA ALA B 671 20.82 -1.89 -11.56
C ALA B 671 19.95 -3.12 -11.75
N TYR B 672 19.12 -3.11 -12.78
CA TYR B 672 18.23 -4.24 -13.09
C TYR B 672 18.97 -5.52 -13.43
N PHE B 673 20.20 -5.43 -13.94
CA PHE B 673 20.97 -6.64 -14.22
C PHE B 673 21.33 -7.35 -12.93
N TYR B 674 21.19 -6.63 -11.82
CA TYR B 674 21.45 -7.18 -10.50
C TYR B 674 20.17 -7.50 -9.76
N THR B 675 19.28 -6.52 -9.68
CA THR B 675 18.09 -6.63 -8.84
C THR B 675 17.03 -7.55 -9.41
N ARG B 676 16.98 -7.69 -10.72
CA ARG B 676 15.95 -8.54 -11.30
C ARG B 676 16.27 -10.03 -11.24
N PRO B 677 17.49 -10.46 -11.64
CA PRO B 677 17.74 -11.91 -11.50
C PRO B 677 17.73 -12.39 -10.05
N LEU B 678 18.13 -11.55 -9.11
CA LEU B 678 18.18 -11.97 -7.71
C LEU B 678 16.81 -12.30 -7.13
N GLU B 679 15.78 -11.56 -7.51
CA GLU B 679 14.46 -11.81 -6.95
C GLU B 679 13.88 -13.17 -7.40
N THR B 680 14.54 -13.85 -8.32
CA THR B 680 14.06 -15.17 -8.77
C THR B 680 14.61 -16.35 -7.96
N PHE B 681 15.58 -16.11 -7.10
CA PHE B 681 16.22 -17.22 -6.38
C PHE B 681 15.60 -17.49 -5.01
N LYS B 682 15.71 -18.74 -4.56
CA LYS B 682 15.17 -19.13 -3.26
C LYS B 682 16.27 -19.57 -2.28
N ASN B 683 15.93 -19.57 -0.99
CA ASN B 683 16.89 -19.95 0.03
C ASN B 683 16.37 -21.18 0.76
N PRO B 684 17.23 -21.84 1.54
CA PRO B 684 16.74 -23.14 2.07
C PRO B 684 15.67 -22.94 3.16
N ARG B 685 15.46 -21.71 3.61
CA ARG B 685 14.42 -21.47 4.61
C ARG B 685 13.04 -21.29 3.96
N GLY B 686 12.97 -21.49 2.65
CA GLY B 686 11.72 -21.37 1.91
C GLY B 686 11.35 -19.94 1.50
N GLY B 687 12.32 -19.04 1.56
CA GLY B 687 12.08 -17.66 1.20
C GLY B 687 12.76 -17.24 -0.10
N MET B 688 12.65 -15.95 -0.45
CA MET B 688 13.21 -15.42 -1.69
C MET B 688 14.42 -14.56 -1.44
N TYR B 689 15.30 -14.51 -2.42
CA TYR B 689 16.34 -13.50 -2.42
C TYR B 689 15.72 -12.14 -2.76
N GLN B 690 16.28 -11.07 -2.19
CA GLN B 690 15.91 -9.71 -2.59
C GLN B 690 17.16 -8.85 -2.57
N ALA B 691 17.42 -8.15 -3.69
CA ALA B 691 18.65 -7.36 -3.82
C ALA B 691 18.64 -6.15 -2.90
N GLY B 692 19.82 -5.80 -2.39
CA GLY B 692 20.02 -4.56 -1.67
C GLY B 692 21.13 -3.78 -2.35
N LEU B 693 21.17 -2.46 -2.11
CA LEU B 693 22.21 -1.62 -2.70
C LEU B 693 22.78 -0.64 -1.66
N TYR B 694 23.70 -1.14 -0.83
CA TYR B 694 24.40 -0.31 0.15
C TYR B 694 25.82 -0.79 0.42
N PRO B 695 26.70 0.14 0.84
CA PRO B 695 28.14 -0.19 0.87
C PRO B 695 28.77 -0.59 2.21
N VAL B 696 28.11 -0.33 3.33
CA VAL B 696 28.78 -0.26 4.63
C VAL B 696 30.08 0.55 4.44
N SER B 697 31.23 0.01 4.87
CA SER B 697 32.51 0.63 4.56
C SER B 697 33.30 -0.24 3.58
N ALA B 698 32.61 -1.07 2.83
CA ALA B 698 33.26 -2.07 1.98
C ALA B 698 33.59 -1.56 0.57
N ASN B 699 33.07 -0.38 0.21
CA ASN B 699 33.36 0.17 -1.10
C ASN B 699 34.85 0.46 -1.23
N VAL B 700 35.52 0.64 -0.10
CA VAL B 700 36.95 0.88 -0.11
C VAL B 700 37.77 -0.41 -0.32
N PRO B 701 37.57 -1.47 0.53
CA PRO B 701 38.31 -2.69 0.17
C PRO B 701 37.87 -3.36 -1.15
N LEU B 702 36.59 -3.28 -1.53
CA LEU B 702 36.17 -3.83 -2.83
C LEU B 702 36.77 -3.04 -3.98
N GLY B 703 36.74 -1.70 -3.84
CA GLY B 703 37.41 -0.82 -4.79
C GLY B 703 38.88 -1.17 -4.93
N ALA B 704 39.50 -1.53 -3.81
CA ALA B 704 40.90 -1.98 -3.78
C ALA B 704 41.17 -3.24 -4.61
N GLN B 705 40.11 -4.02 -4.85
CA GLN B 705 40.20 -5.27 -5.59
C GLN B 705 39.73 -5.14 -7.04
N THR B 706 39.54 -3.89 -7.48
CA THR B 706 39.00 -3.62 -8.81
C THR B 706 39.96 -2.76 -9.60
N GLY B 707 40.26 -3.16 -10.83
CA GLY B 707 41.09 -2.35 -11.71
C GLY B 707 40.39 -1.07 -12.14
N ALA B 708 41.09 -0.23 -12.89
CA ALA B 708 40.48 0.95 -13.49
C ALA B 708 39.22 0.59 -14.30
N THR B 709 38.26 1.52 -14.34
CA THR B 709 36.99 1.30 -15.03
C THR B 709 36.73 2.44 -16.02
N PRO B 710 35.93 2.19 -17.08
CA PRO B 710 35.71 3.18 -18.14
C PRO B 710 35.09 4.51 -17.69
N ASP B 711 34.62 4.58 -16.46
CA ASP B 711 33.98 5.78 -15.92
C ASP B 711 35.04 6.82 -15.55
N GLY B 712 36.30 6.40 -15.52
CA GLY B 712 37.39 7.27 -15.15
C GLY B 712 37.99 6.92 -13.80
N ARG B 713 37.26 6.15 -13.01
CA ARG B 713 37.79 5.65 -11.74
C ARG B 713 39.14 4.93 -11.94
N LEU B 714 40.14 5.30 -11.16
CA LEU B 714 41.45 4.63 -11.24
C LEU B 714 41.47 3.31 -10.45
N ALA B 715 42.44 2.47 -10.80
CA ALA B 715 42.59 1.15 -10.20
C ALA B 715 42.76 1.22 -8.69
N HIS B 716 42.17 0.25 -7.99
CA HIS B 716 42.35 0.06 -6.55
C HIS B 716 41.77 1.20 -5.70
N THR B 717 41.06 2.11 -6.35
CA THR B 717 40.39 3.20 -5.65
C THR B 717 38.97 2.76 -5.33
N PRO B 718 38.35 3.37 -4.31
CA PRO B 718 37.02 2.90 -3.90
C PRO B 718 35.97 2.95 -5.01
N VAL B 719 35.02 2.02 -4.98
CA VAL B 719 33.85 2.12 -5.83
C VAL B 719 32.87 3.02 -5.09
N ALA B 720 31.75 3.33 -5.74
CA ALA B 720 30.78 4.27 -5.18
C ALA B 720 30.11 3.75 -3.90
N ASP B 721 29.73 4.68 -3.04
CA ASP B 721 29.01 4.35 -1.82
C ASP B 721 27.51 4.42 -2.09
N GLY B 722 26.89 3.25 -2.24
CA GLY B 722 25.44 3.19 -2.35
C GLY B 722 24.96 3.39 -3.76
N VAL B 723 23.77 3.98 -3.89
CA VAL B 723 23.18 4.19 -5.20
C VAL B 723 23.46 5.61 -5.70
N GLY B 724 24.23 6.37 -4.94
CA GLY B 724 24.53 7.76 -5.28
C GLY B 724 25.71 7.98 -6.21
N PRO B 725 25.84 9.21 -6.73
CA PRO B 725 26.83 9.51 -7.77
C PRO B 725 28.27 9.36 -7.27
N THR B 726 29.17 9.02 -8.17
CA THR B 726 30.58 8.98 -7.86
C THR B 726 31.04 10.34 -7.34
N SER B 727 31.92 10.32 -6.34
CA SER B 727 32.43 11.53 -5.71
C SER B 727 32.99 12.50 -6.75
N GLY B 728 32.52 13.74 -6.71
CA GLY B 728 33.02 14.76 -7.61
C GLY B 728 32.44 14.72 -9.02
N PHE B 729 31.49 13.81 -9.27
CA PHE B 729 30.89 13.69 -10.59
C PHE B 729 29.57 14.43 -10.66
N ASP B 730 28.90 14.59 -9.53
CA ASP B 730 27.64 15.32 -9.48
C ASP B 730 27.91 16.82 -9.26
N ILE B 731 27.84 17.59 -10.35
CA ILE B 731 28.26 18.98 -10.35
C ILE B 731 27.13 19.93 -10.76
N SER B 732 25.89 19.50 -10.52
CA SER B 732 24.71 20.25 -10.91
C SER B 732 23.81 20.57 -9.73
N GLY B 733 24.31 20.31 -8.52
CA GLY B 733 23.53 20.57 -7.32
C GLY B 733 22.82 19.34 -6.80
N PRO B 734 22.35 19.41 -5.54
CA PRO B 734 21.73 18.27 -4.85
C PRO B 734 20.38 17.86 -5.43
N THR B 735 19.61 18.81 -5.95
CA THR B 735 18.30 18.46 -6.51
C THR B 735 18.46 17.64 -7.80
N ALA B 736 19.46 18.01 -8.62
CA ALA B 736 19.81 17.25 -9.81
C ALA B 736 20.31 15.84 -9.44
N SER B 737 21.10 15.77 -8.37
CA SER B 737 21.63 14.52 -7.86
C SER B 737 20.49 13.58 -7.51
N CYS B 738 19.59 14.05 -6.65
CA CYS B 738 18.41 13.31 -6.26
C CYS B 738 17.58 12.84 -7.45
N ASN B 739 17.45 13.70 -8.46
CA ASN B 739 16.66 13.40 -9.64
C ASN B 739 17.22 12.21 -10.42
N SER B 740 18.54 12.18 -10.59
CA SER B 740 19.24 11.04 -11.19
C SER B 740 18.99 9.74 -10.41
N VAL B 741 19.18 9.79 -9.09
CA VAL B 741 19.13 8.61 -8.24
C VAL B 741 17.71 8.07 -8.11
N ALA B 742 16.70 8.94 -8.18
CA ALA B 742 15.32 8.48 -8.16
C ALA B 742 14.88 7.84 -9.48
N LYS B 743 15.76 7.80 -10.48
CA LYS B 743 15.41 7.14 -11.73
C LYS B 743 15.65 5.61 -11.66
N LEU B 744 16.43 5.16 -10.67
CA LEU B 744 16.57 3.73 -10.42
C LEU B 744 15.25 3.18 -9.88
N ASP B 745 15.02 1.89 -10.07
CA ASP B 745 13.94 1.18 -9.38
C ASP B 745 14.38 0.78 -7.97
N HIS B 746 13.93 1.53 -6.95
CA HIS B 746 14.31 1.26 -5.56
C HIS B 746 13.45 0.16 -4.94
N ALA B 747 12.16 0.14 -5.30
CA ALA B 747 11.23 -0.85 -4.76
C ALA B 747 11.68 -2.30 -5.02
N ILE B 748 12.15 -2.58 -6.24
CA ILE B 748 12.62 -3.93 -6.57
C ILE B 748 13.86 -4.34 -5.73
N ALA B 749 14.62 -3.36 -5.25
CA ALA B 749 15.69 -3.62 -4.31
C ALA B 749 15.14 -3.53 -2.87
N SER B 750 14.27 -4.48 -2.53
CA SER B 750 13.50 -4.42 -1.30
C SER B 750 14.31 -4.78 -0.05
N ASN B 751 15.59 -5.04 -0.22
CA ASN B 751 16.48 -5.21 0.92
C ASN B 751 17.07 -3.86 1.30
N GLY B 752 16.83 -2.85 0.46
CA GLY B 752 17.19 -1.49 0.82
C GLY B 752 18.29 -0.85 -0.01
N THR B 753 18.15 0.45 -0.24
CA THR B 753 19.16 1.25 -0.93
C THR B 753 19.71 2.36 -0.03
N LEU B 754 20.92 2.82 -0.34
CA LEU B 754 21.54 3.89 0.44
C LEU B 754 21.98 5.04 -0.45
N PHE B 755 21.62 6.26 -0.04
CA PHE B 755 22.01 7.48 -0.74
C PHE B 755 22.68 8.42 0.26
N ASN B 756 24.01 8.50 0.17
CA ASN B 756 24.83 9.43 0.96
C ASN B 756 24.91 10.84 0.37
N MET B 757 24.96 11.85 1.22
CA MET B 757 25.18 13.21 0.74
C MET B 757 25.89 14.03 1.82
N LYS B 758 26.73 14.95 1.40
CA LYS B 758 27.48 15.78 2.35
C LYS B 758 27.14 17.25 2.15
N MET B 759 26.64 17.90 3.21
CA MET B 759 26.43 19.35 3.18
C MET B 759 27.59 20.08 3.84
N HIS B 760 27.82 21.32 3.43
CA HIS B 760 28.60 22.20 4.27
C HIS B 760 27.68 22.68 5.41
N PRO B 761 28.24 22.92 6.60
CA PRO B 761 27.43 23.41 7.72
C PRO B 761 26.61 24.68 7.42
N THR B 762 27.12 25.59 6.60
CA THR B 762 26.39 26.83 6.31
C THR B 762 25.15 26.58 5.45
N ALA B 763 25.03 25.39 4.88
CA ALA B 763 23.85 25.06 4.08
C ALA B 763 22.64 24.72 4.97
N MET B 764 22.88 24.47 6.25
CA MET B 764 21.82 24.08 7.17
C MET B 764 21.54 25.19 8.16
N ALA B 765 22.40 26.21 8.10
CA ALA B 765 22.38 27.32 9.06
C ALA B 765 21.05 28.06 9.03
N GLY B 766 20.58 28.44 10.20
CA GLY B 766 19.31 29.14 10.30
C GLY B 766 18.15 28.20 10.06
N GLU B 767 16.96 28.64 10.44
CA GLU B 767 15.77 27.82 10.24
C GLU B 767 15.47 27.70 8.74
N LYS B 768 15.91 28.68 7.97
CA LYS B 768 15.77 28.63 6.52
C LYS B 768 16.52 27.44 5.93
N GLY B 769 17.66 27.11 6.54
CA GLY B 769 18.46 25.98 6.11
C GLY B 769 17.80 24.64 6.42
N LEU B 770 17.21 24.55 7.60
CA LEU B 770 16.56 23.31 8.03
C LEU B 770 15.39 23.00 7.13
N GLU B 771 14.69 24.03 6.67
CA GLU B 771 13.52 23.79 5.83
C GLU B 771 13.87 23.48 4.37
N SER B 772 14.91 24.10 3.83
CA SER B 772 15.36 23.70 2.50
C SER B 772 15.89 22.25 2.58
N PHE B 773 16.59 21.93 3.67
CA PHE B 773 17.04 20.58 3.94
C PHE B 773 15.89 19.57 3.91
N ILE B 774 14.83 19.82 4.68
CA ILE B 774 13.64 18.97 4.66
C ILE B 774 13.04 18.88 3.25
N SER B 775 12.93 20.02 2.57
CA SER B 775 12.39 20.08 1.22
C SER B 775 13.19 19.22 0.24
N LEU B 776 14.50 19.25 0.40
CA LEU B 776 15.40 18.41 -0.38
C LEU B 776 15.04 16.92 -0.24
N ILE B 777 14.86 16.47 0.99
CA ILE B 777 14.51 15.08 1.26
C ILE B 777 13.13 14.75 0.71
N ARG B 778 12.17 15.62 1.00
CA ARG B 778 10.81 15.45 0.49
C ARG B 778 10.81 15.40 -1.03
N GLY B 779 11.57 16.30 -1.67
CA GLY B 779 11.69 16.30 -3.11
C GLY B 779 12.20 14.99 -3.66
N TYR B 780 13.19 14.41 -2.99
CA TYR B 780 13.73 13.11 -3.40
C TYR B 780 12.76 11.99 -3.09
N PHE B 781 12.15 12.04 -1.91
CA PHE B 781 11.20 11.01 -1.52
C PHE B 781 9.97 11.01 -2.42
N ASP B 782 9.52 12.20 -2.83
CA ASP B 782 8.36 12.33 -3.71
C ASP B 782 8.60 11.66 -5.06
N GLN B 783 9.87 11.55 -5.45
CA GLN B 783 10.23 10.80 -6.65
C GLN B 783 10.55 9.33 -6.34
N GLN B 784 10.12 8.89 -5.17
CA GLN B 784 10.21 7.49 -4.73
C GLN B 784 11.62 6.97 -4.45
N GLY B 785 12.51 7.88 -4.04
CA GLY B 785 13.75 7.45 -3.38
C GLY B 785 13.43 6.82 -2.04
N MET B 786 14.26 5.87 -1.61
CA MET B 786 13.98 5.12 -0.38
C MET B 786 14.64 5.73 0.87
N HIS B 787 15.81 6.33 0.70
CA HIS B 787 16.64 6.67 1.86
C HIS B 787 17.60 7.83 1.60
N MET B 788 17.83 8.66 2.61
CA MET B 788 18.92 9.63 2.55
C MET B 788 19.59 9.72 3.92
N GLN B 789 20.85 10.12 3.91
CA GLN B 789 21.58 10.43 5.13
C GLN B 789 22.74 11.39 4.82
N PHE B 790 23.14 12.17 5.83
CA PHE B 790 23.99 13.34 5.60
C PHE B 790 25.22 13.50 6.51
N ASN B 791 26.34 13.85 5.91
CA ASN B 791 27.43 14.49 6.65
C ASN B 791 27.29 16.00 6.59
N VAL B 792 27.56 16.63 7.73
CA VAL B 792 27.51 18.07 7.81
C VAL B 792 28.81 18.49 8.45
N VAL B 793 29.74 18.95 7.62
CA VAL B 793 31.11 19.08 8.09
C VAL B 793 31.94 19.88 7.10
N ASP B 794 32.87 20.67 7.63
CA ASP B 794 33.81 21.42 6.80
C ASP B 794 35.00 20.50 6.52
N ARG B 795 35.50 20.53 5.29
CA ARG B 795 36.66 19.71 4.91
C ARG B 795 37.83 19.87 5.87
N ALA B 796 38.08 21.11 6.31
CA ALA B 796 39.22 21.41 7.19
C ALA B 796 39.14 20.65 8.52
N THR B 797 37.92 20.51 9.05
CA THR B 797 37.71 19.74 10.27
C THR B 797 38.22 18.30 10.16
N LEU B 798 37.79 17.60 9.12
CA LEU B 798 38.24 16.23 8.89
C LEU B 798 39.77 16.17 8.73
N LEU B 799 40.33 17.09 7.96
CA LEU B 799 41.78 17.10 7.76
C LEU B 799 42.52 17.41 9.07
N ASP B 800 41.98 18.31 9.87
CA ASP B 800 42.56 18.60 11.17
C ASP B 800 42.50 17.35 12.05
N ALA B 801 41.43 16.58 11.90
CA ALA B 801 41.25 15.37 12.69
C ALA B 801 42.29 14.32 12.31
N GLN B 802 42.70 14.32 11.05
CA GLN B 802 43.78 13.44 10.60
C GLN B 802 45.15 13.92 11.13
N ALA B 803 45.33 15.23 11.18
CA ALA B 803 46.62 15.80 11.61
C ALA B 803 46.77 15.78 13.12
N HIS B 804 45.65 15.96 13.83
CA HIS B 804 45.66 15.95 15.29
C HIS B 804 44.47 15.17 15.88
N PRO B 805 44.50 13.82 15.74
CA PRO B 805 43.38 12.99 16.23
C PRO B 805 43.18 13.10 17.73
N GLU B 806 44.24 13.40 18.46
CA GLU B 806 44.15 13.63 19.90
C GLU B 806 43.18 14.78 20.21
N LYS B 807 43.02 15.69 19.27
CA LYS B 807 42.08 16.80 19.42
C LYS B 807 40.65 16.42 19.05
N TYR B 808 40.45 15.29 18.37
CA TYR B 808 39.15 15.02 17.77
C TYR B 808 38.56 13.66 18.14
N SER B 809 38.92 13.16 19.33
CA SER B 809 38.43 11.89 19.82
C SER B 809 36.89 11.79 19.86
N GLY B 810 36.22 12.92 19.94
CA GLY B 810 34.77 12.96 19.98
C GLY B 810 34.11 13.11 18.60
N LEU B 811 34.91 13.36 17.57
CA LEU B 811 34.35 13.68 16.26
C LEU B 811 33.71 12.47 15.59
N ILE B 812 32.43 12.60 15.28
CA ILE B 812 31.65 11.59 14.57
C ILE B 812 31.49 11.97 13.10
N VAL B 813 31.60 10.99 12.21
CA VAL B 813 31.18 11.17 10.81
C VAL B 813 30.18 10.08 10.41
N ARG B 814 29.35 10.40 9.43
CA ARG B 814 28.52 9.39 8.79
C ARG B 814 29.36 8.59 7.79
N VAL B 815 29.29 7.27 7.89
CA VAL B 815 29.99 6.40 6.96
C VAL B 815 29.04 5.99 5.83
N ALA B 816 28.20 5.00 6.10
CA ALA B 816 27.19 4.55 5.15
C ALA B 816 26.21 3.63 5.86
N GLY B 817 25.10 4.20 6.32
CA GLY B 817 24.09 3.46 7.05
C GLY B 817 24.42 3.38 8.53
N TYR B 818 25.55 3.98 8.88
CA TYR B 818 25.97 4.14 10.26
C TYR B 818 26.96 5.28 10.44
N SER B 819 27.09 5.75 11.67
CA SER B 819 28.07 6.75 12.01
C SER B 819 29.22 6.10 12.79
N ALA B 820 30.37 6.75 12.83
CA ALA B 820 31.53 6.23 13.57
C ALA B 820 32.40 7.38 14.08
N LEU B 821 33.18 7.12 15.11
CA LEU B 821 34.21 8.06 15.50
C LEU B 821 35.25 8.12 14.38
N PHE B 822 35.49 9.32 13.87
CA PHE B 822 36.35 9.51 12.70
C PHE B 822 37.75 8.98 12.92
N THR B 823 38.30 9.20 14.11
CA THR B 823 39.68 8.84 14.37
C THR B 823 39.85 7.36 14.66
N THR B 824 38.75 6.60 14.69
CA THR B 824 38.86 5.13 14.83
C THR B 824 38.85 4.48 13.46
N LEU B 825 38.77 5.30 12.42
CA LEU B 825 38.74 4.79 11.05
C LEU B 825 40.14 4.83 10.45
N SER B 826 40.44 3.87 9.59
CA SER B 826 41.71 3.85 8.89
C SER B 826 41.85 5.06 7.97
N LYS B 827 43.09 5.36 7.59
CA LYS B 827 43.36 6.49 6.71
C LYS B 827 42.62 6.38 5.38
N SER B 828 42.55 5.18 4.82
CA SER B 828 42.00 5.04 3.47
C SER B 828 40.49 5.30 3.49
N LEU B 829 39.84 4.95 4.59
CA LEU B 829 38.41 5.19 4.71
C LEU B 829 38.13 6.66 5.05
N GLN B 830 39.00 7.25 5.86
CA GLN B 830 38.88 8.67 6.18
C GLN B 830 38.95 9.47 4.88
N ASP B 831 39.87 9.05 4.00
CA ASP B 831 40.11 9.73 2.73
C ASP B 831 38.91 9.62 1.79
N ASP B 832 38.27 8.45 1.78
CA ASP B 832 37.07 8.28 0.97
C ASP B 832 35.97 9.22 1.45
N ILE B 833 35.80 9.31 2.77
CA ILE B 833 34.80 10.22 3.35
C ILE B 833 35.18 11.67 3.06
N ILE B 834 36.48 11.98 3.10
CA ILE B 834 36.93 13.33 2.79
C ILE B 834 36.67 13.69 1.32
N LYS B 835 36.98 12.77 0.39
CA LYS B 835 36.80 13.05 -1.04
C LYS B 835 35.36 13.20 -1.52
N ARG B 836 34.38 12.72 -0.75
CA ARG B 836 32.98 12.85 -1.16
C ARG B 836 32.58 14.29 -1.46
N THR B 837 31.63 14.44 -2.39
CA THR B 837 31.14 15.73 -2.85
C THR B 837 30.50 16.53 -1.72
N GLU B 838 30.87 17.80 -1.62
CA GLU B 838 30.21 18.75 -0.72
C GLU B 838 29.29 19.67 -1.52
N GLN B 839 28.04 19.81 -1.08
CA GLN B 839 27.05 20.58 -1.83
C GLN B 839 27.12 22.08 -1.53
C1 PGO C . -24.30 2.52 -8.11
C2 PGO C . -25.65 2.42 -8.79
C3 PGO C . -26.65 3.31 -8.09
O1 PGO C . -23.38 1.70 -8.77
O2 PGO C . -26.11 1.08 -8.82
C1 PGO D . 24.04 -4.01 7.87
C2 PGO D . 25.29 -4.53 8.54
C3 PGO D . 26.44 -3.66 8.08
O1 PGO D . 22.94 -4.70 8.40
O2 PGO D . 25.51 -5.90 8.21
#